data_5QRQ
# 
_entry.id   5QRQ 
# 
_audit_conform.dict_name       mmcif_pdbx.dic 
_audit_conform.dict_version    5.387 
_audit_conform.dict_location   http://mmcif.pdb.org/dictionaries/ascii/mmcif_pdbx.dic 
# 
loop_
_database_2.database_id 
_database_2.database_code 
_database_2.pdbx_database_accession 
_database_2.pdbx_DOI 
PDB   5QRQ         pdb_00005qrq 10.2210/pdb5qrq/pdb 
WWPDB D_1001402323 ?            ?                   
# 
loop_
_pdbx_audit_revision_history.ordinal 
_pdbx_audit_revision_history.data_content_type 
_pdbx_audit_revision_history.major_revision 
_pdbx_audit_revision_history.minor_revision 
_pdbx_audit_revision_history.revision_date 
1 'Structure model' 1 0 2019-07-10 
2 'Structure model' 1 1 2019-08-07 
3 'Structure model' 1 2 2024-03-06 
# 
_pdbx_audit_revision_details.ordinal             1 
_pdbx_audit_revision_details.revision_ordinal    1 
_pdbx_audit_revision_details.data_content_type   'Structure model' 
_pdbx_audit_revision_details.provider            repository 
_pdbx_audit_revision_details.type                'Initial release' 
_pdbx_audit_revision_details.description         ? 
_pdbx_audit_revision_details.details             ? 
# 
loop_
_pdbx_audit_revision_group.ordinal 
_pdbx_audit_revision_group.revision_ordinal 
_pdbx_audit_revision_group.data_content_type 
_pdbx_audit_revision_group.group 
1 2 'Structure model' 'Author supporting evidence' 
2 2 'Structure model' 'Data collection'            
3 2 'Structure model' 'Structure summary'          
4 3 'Structure model' 'Data collection'            
5 3 'Structure model' 'Database references'        
6 3 'Structure model' 'Derived calculations'       
# 
loop_
_pdbx_audit_revision_category.ordinal 
_pdbx_audit_revision_category.revision_ordinal 
_pdbx_audit_revision_category.data_content_type 
_pdbx_audit_revision_category.category 
1 2 'Structure model' pdbx_entity_instance_feature 
2 2 'Structure model' pdbx_entry_details           
3 3 'Structure model' chem_comp_atom               
4 3 'Structure model' chem_comp_bond               
5 3 'Structure model' database_2                   
6 3 'Structure model' pdbx_struct_conn_angle       
7 3 'Structure model' struct_conn                  
# 
loop_
_pdbx_audit_revision_item.ordinal 
_pdbx_audit_revision_item.revision_ordinal 
_pdbx_audit_revision_item.data_content_type 
_pdbx_audit_revision_item.item 
1  3 'Structure model' '_database_2.pdbx_DOI'                        
2  3 'Structure model' '_database_2.pdbx_database_accession'         
3  3 'Structure model' '_pdbx_struct_conn_angle.ptnr1_auth_comp_id'  
4  3 'Structure model' '_pdbx_struct_conn_angle.ptnr1_auth_seq_id'   
5  3 'Structure model' '_pdbx_struct_conn_angle.ptnr1_label_alt_id'  
6  3 'Structure model' '_pdbx_struct_conn_angle.ptnr1_label_asym_id' 
7  3 'Structure model' '_pdbx_struct_conn_angle.ptnr1_label_atom_id' 
8  3 'Structure model' '_pdbx_struct_conn_angle.ptnr1_label_comp_id' 
9  3 'Structure model' '_pdbx_struct_conn_angle.ptnr1_label_seq_id'  
10 3 'Structure model' '_pdbx_struct_conn_angle.ptnr1_symmetry'      
11 3 'Structure model' '_pdbx_struct_conn_angle.ptnr3_auth_comp_id'  
12 3 'Structure model' '_pdbx_struct_conn_angle.ptnr3_auth_seq_id'   
13 3 'Structure model' '_pdbx_struct_conn_angle.ptnr3_label_alt_id'  
14 3 'Structure model' '_pdbx_struct_conn_angle.ptnr3_label_asym_id' 
15 3 'Structure model' '_pdbx_struct_conn_angle.ptnr3_label_atom_id' 
16 3 'Structure model' '_pdbx_struct_conn_angle.ptnr3_label_comp_id' 
17 3 'Structure model' '_pdbx_struct_conn_angle.ptnr3_label_seq_id'  
18 3 'Structure model' '_pdbx_struct_conn_angle.ptnr3_symmetry'      
19 3 'Structure model' '_pdbx_struct_conn_angle.value'               
20 3 'Structure model' '_struct_conn.pdbx_dist_value'                
21 3 'Structure model' '_struct_conn.pdbx_ptnr1_label_alt_id'        
22 3 'Structure model' '_struct_conn.ptnr1_auth_comp_id'             
23 3 'Structure model' '_struct_conn.ptnr1_auth_seq_id'              
24 3 'Structure model' '_struct_conn.ptnr1_label_asym_id'            
25 3 'Structure model' '_struct_conn.ptnr1_label_atom_id'            
26 3 'Structure model' '_struct_conn.ptnr1_label_comp_id'            
27 3 'Structure model' '_struct_conn.ptnr1_label_seq_id'             
28 3 'Structure model' '_struct_conn.ptnr2_auth_comp_id'             
29 3 'Structure model' '_struct_conn.ptnr2_auth_seq_id'              
30 3 'Structure model' '_struct_conn.ptnr2_label_asym_id'            
31 3 'Structure model' '_struct_conn.ptnr2_label_atom_id'            
32 3 'Structure model' '_struct_conn.ptnr2_label_comp_id'            
33 3 'Structure model' '_struct_conn.ptnr2_symmetry'                 
# 
_pdbx_database_status.entry_id                        5QRQ 
_pdbx_database_status.status_code                     REL 
_pdbx_database_status.status_code_sf                  REL 
_pdbx_database_status.status_code_mr                  ? 
_pdbx_database_status.status_code_cs                  ? 
_pdbx_database_status.recvd_initial_deposition_date   2019-05-25 
_pdbx_database_status.deposit_site                    RCSB 
_pdbx_database_status.process_site                    RCSB 
_pdbx_database_status.SG_entry                        ? 
_pdbx_database_status.pdb_format_compatible           Y 
_pdbx_database_status.methods_development_category    ? 
_pdbx_database_status.status_code_nmr_data            ? 
# 
loop_
_audit_author.name 
_audit_author.pdbx_ordinal 
'Newman, J.A.'        1  
'Gavard, A.E.'        2  
'Fernandez-Cid, A.'   3  
'Sherestha, L.'       4  
'Burgess-Brown, N.A.' 5  
'von Delft, F.'       6  
'Arrowsmith, C.H.'    7  
'Edwards, A.'         8  
'Bountra, C.'         9  
'Gileadi, O.'         10 
# 
_citation.id                        primary 
_citation.title                     'PanDDA analysis group deposition' 
_citation.journal_abbrev            'To Be Published' 
_citation.journal_volume            ? 
_citation.page_first                ? 
_citation.page_last                 ? 
_citation.year                      ? 
_citation.journal_id_ASTM           ? 
_citation.country                   ? 
_citation.journal_id_ISSN           ? 
_citation.journal_id_CSD            0353 
_citation.book_publisher            ? 
_citation.pdbx_database_id_PubMed   ? 
_citation.pdbx_database_id_DOI      ? 
# 
loop_
_citation_author.citation_id 
_citation_author.name 
_citation_author.identifier_ORCID 
_citation_author.ordinal 
primary 'Newman, J.A.'        ? 1  
primary 'Gavard, A.E.'        ? 2  
primary 'Fernandez-Cid, A.'   ? 3  
primary 'Sherestha, L.'       ? 4  
primary 'Burgess-Brown, N.A.' ? 5  
primary 'von Delft, F.'       ? 6  
primary 'Arrowsmith, C.H.'    ? 7  
primary 'Edwards, A.'         ? 8  
primary 'Bountra, C.'         ? 9  
primary 'Gileadi, O.'         ? 10 
# 
loop_
_entity.id 
_entity.type 
_entity.src_method 
_entity.pdbx_description 
_entity.formula_weight 
_entity.pdbx_number_of_molecules 
_entity.pdbx_ec 
_entity.pdbx_mutation 
_entity.pdbx_fragment 
_entity.details 
1 polymer     man 'T-box transcription factor T'               19597.586 1  ? ? ? ? 
2 non-polymer syn 'CADMIUM ION'                                112.411   5  ? ? ? ? 
3 non-polymer syn '[1-(pyrimidin-2-yl)piperidin-4-yl]methanol' 193.246   1  ? ? ? ? 
4 water       nat water                                        18.015    70 ? ? ? ? 
# 
_entity_name_com.entity_id   1 
_entity_name_com.name        'Brachyury protein,Protein T' 
# 
_entity_poly.entity_id                      1 
_entity_poly.type                           'polypeptide(L)' 
_entity_poly.nstd_linkage                   no 
_entity_poly.nstd_monomer                   no 
_entity_poly.pdbx_seq_one_letter_code       
;GELRVGLEESELWLRFKELTNEMIVTKNGRRMFPVLKVNVSGLDPNAMYSFLLDFVAADNHRWKYVNGEWVPGGKPEPQA
PSCVYIHPDSPNFGAHWMKAPVSFSKVKLTNKLNGGGQIMLNSLHKYEPRIHIVRVGGPQRMITSHCFPETQFIAVTAYQ
NEEITALKIKYN
;
_entity_poly.pdbx_seq_one_letter_code_can   
;GELRVGLEESELWLRFKELTNEMIVTKNGRRMFPVLKVNVSGLDPNAMYSFLLDFVAADNHRWKYVNGEWVPGGKPEPQA
PSCVYIHPDSPNFGAHWMKAPVSFSKVKLTNKLNGGGQIMLNSLHKYEPRIHIVRVGGPQRMITSHCFPETQFIAVTAYQ
NEEITALKIKYN
;
_entity_poly.pdbx_strand_id                 A 
_entity_poly.pdbx_target_identifier         ? 
# 
loop_
_pdbx_entity_nonpoly.entity_id 
_pdbx_entity_nonpoly.name 
_pdbx_entity_nonpoly.comp_id 
2 'CADMIUM ION'                                CD  
3 '[1-(pyrimidin-2-yl)piperidin-4-yl]methanol' NXS 
4 water                                        HOH 
# 
loop_
_entity_poly_seq.entity_id 
_entity_poly_seq.num 
_entity_poly_seq.mon_id 
_entity_poly_seq.hetero 
1 1   GLY n 
1 2   GLU n 
1 3   LEU n 
1 4   ARG n 
1 5   VAL n 
1 6   GLY n 
1 7   LEU n 
1 8   GLU n 
1 9   GLU n 
1 10  SER n 
1 11  GLU n 
1 12  LEU n 
1 13  TRP n 
1 14  LEU n 
1 15  ARG n 
1 16  PHE n 
1 17  LYS n 
1 18  GLU n 
1 19  LEU n 
1 20  THR n 
1 21  ASN n 
1 22  GLU n 
1 23  MET n 
1 24  ILE n 
1 25  VAL n 
1 26  THR n 
1 27  LYS n 
1 28  ASN n 
1 29  GLY n 
1 30  ARG n 
1 31  ARG n 
1 32  MET n 
1 33  PHE n 
1 34  PRO n 
1 35  VAL n 
1 36  LEU n 
1 37  LYS n 
1 38  VAL n 
1 39  ASN n 
1 40  VAL n 
1 41  SER n 
1 42  GLY n 
1 43  LEU n 
1 44  ASP n 
1 45  PRO n 
1 46  ASN n 
1 47  ALA n 
1 48  MET n 
1 49  TYR n 
1 50  SER n 
1 51  PHE n 
1 52  LEU n 
1 53  LEU n 
1 54  ASP n 
1 55  PHE n 
1 56  VAL n 
1 57  ALA n 
1 58  ALA n 
1 59  ASP n 
1 60  ASN n 
1 61  HIS n 
1 62  ARG n 
1 63  TRP n 
1 64  LYS n 
1 65  TYR n 
1 66  VAL n 
1 67  ASN n 
1 68  GLY n 
1 69  GLU n 
1 70  TRP n 
1 71  VAL n 
1 72  PRO n 
1 73  GLY n 
1 74  GLY n 
1 75  LYS n 
1 76  PRO n 
1 77  GLU n 
1 78  PRO n 
1 79  GLN n 
1 80  ALA n 
1 81  PRO n 
1 82  SER n 
1 83  CYS n 
1 84  VAL n 
1 85  TYR n 
1 86  ILE n 
1 87  HIS n 
1 88  PRO n 
1 89  ASP n 
1 90  SER n 
1 91  PRO n 
1 92  ASN n 
1 93  PHE n 
1 94  GLY n 
1 95  ALA n 
1 96  HIS n 
1 97  TRP n 
1 98  MET n 
1 99  LYS n 
1 100 ALA n 
1 101 PRO n 
1 102 VAL n 
1 103 SER n 
1 104 PHE n 
1 105 SER n 
1 106 LYS n 
1 107 VAL n 
1 108 LYS n 
1 109 LEU n 
1 110 THR n 
1 111 ASN n 
1 112 LYS n 
1 113 LEU n 
1 114 ASN n 
1 115 GLY n 
1 116 GLY n 
1 117 GLY n 
1 118 GLN n 
1 119 ILE n 
1 120 MET n 
1 121 LEU n 
1 122 ASN n 
1 123 SER n 
1 124 LEU n 
1 125 HIS n 
1 126 LYS n 
1 127 TYR n 
1 128 GLU n 
1 129 PRO n 
1 130 ARG n 
1 131 ILE n 
1 132 HIS n 
1 133 ILE n 
1 134 VAL n 
1 135 ARG n 
1 136 VAL n 
1 137 GLY n 
1 138 GLY n 
1 139 PRO n 
1 140 GLN n 
1 141 ARG n 
1 142 MET n 
1 143 ILE n 
1 144 THR n 
1 145 SER n 
1 146 HIS n 
1 147 CYS n 
1 148 PHE n 
1 149 PRO n 
1 150 GLU n 
1 151 THR n 
1 152 GLN n 
1 153 PHE n 
1 154 ILE n 
1 155 ALA n 
1 156 VAL n 
1 157 THR n 
1 158 ALA n 
1 159 TYR n 
1 160 GLN n 
1 161 ASN n 
1 162 GLU n 
1 163 GLU n 
1 164 ILE n 
1 165 THR n 
1 166 ALA n 
1 167 LEU n 
1 168 LYS n 
1 169 ILE n 
1 170 LYS n 
1 171 TYR n 
1 172 ASN n 
# 
_entity_src_gen.entity_id                          1 
_entity_src_gen.pdbx_src_id                        1 
_entity_src_gen.pdbx_alt_source_flag               sample 
_entity_src_gen.pdbx_seq_type                      'Biological sequence' 
_entity_src_gen.pdbx_beg_seq_num                   1 
_entity_src_gen.pdbx_end_seq_num                   172 
_entity_src_gen.gene_src_common_name               Human 
_entity_src_gen.gene_src_genus                     ? 
_entity_src_gen.pdbx_gene_src_gene                 'TBXT, T' 
_entity_src_gen.gene_src_species                   ? 
_entity_src_gen.gene_src_strain                    ? 
_entity_src_gen.gene_src_tissue                    ? 
_entity_src_gen.gene_src_tissue_fraction           ? 
_entity_src_gen.gene_src_details                   ? 
_entity_src_gen.pdbx_gene_src_fragment             ? 
_entity_src_gen.pdbx_gene_src_scientific_name      'Homo sapiens' 
_entity_src_gen.pdbx_gene_src_ncbi_taxonomy_id     9606 
_entity_src_gen.pdbx_gene_src_variant              ? 
_entity_src_gen.pdbx_gene_src_cell_line            ? 
_entity_src_gen.pdbx_gene_src_atcc                 ? 
_entity_src_gen.pdbx_gene_src_organ                ? 
_entity_src_gen.pdbx_gene_src_organelle            ? 
_entity_src_gen.pdbx_gene_src_cell                 ? 
_entity_src_gen.pdbx_gene_src_cellular_location    ? 
_entity_src_gen.host_org_common_name               ? 
_entity_src_gen.pdbx_host_org_scientific_name      'Escherichia coli' 
_entity_src_gen.pdbx_host_org_ncbi_taxonomy_id     562 
_entity_src_gen.host_org_genus                     ? 
_entity_src_gen.pdbx_host_org_gene                 ? 
_entity_src_gen.pdbx_host_org_organ                ? 
_entity_src_gen.host_org_species                   ? 
_entity_src_gen.pdbx_host_org_tissue               ? 
_entity_src_gen.pdbx_host_org_tissue_fraction      ? 
_entity_src_gen.pdbx_host_org_strain               ? 
_entity_src_gen.pdbx_host_org_variant              ? 
_entity_src_gen.pdbx_host_org_cell_line            ? 
_entity_src_gen.pdbx_host_org_atcc                 ? 
_entity_src_gen.pdbx_host_org_culture_collection   ? 
_entity_src_gen.pdbx_host_org_cell                 ? 
_entity_src_gen.pdbx_host_org_organelle            ? 
_entity_src_gen.pdbx_host_org_cellular_location    ? 
_entity_src_gen.pdbx_host_org_vector_type          ? 
_entity_src_gen.pdbx_host_org_vector               ? 
_entity_src_gen.host_org_details                   ? 
_entity_src_gen.expression_system_id               ? 
_entity_src_gen.plasmid_name                       ? 
_entity_src_gen.plasmid_details                    ? 
_entity_src_gen.pdbx_description                   ? 
# 
loop_
_chem_comp.id 
_chem_comp.type 
_chem_comp.mon_nstd_flag 
_chem_comp.name 
_chem_comp.pdbx_synonyms 
_chem_comp.formula 
_chem_comp.formula_weight 
ALA 'L-peptide linking' y ALANINE                                      ? 'C3 H7 N O2'     89.093  
ARG 'L-peptide linking' y ARGININE                                     ? 'C6 H15 N4 O2 1' 175.209 
ASN 'L-peptide linking' y ASPARAGINE                                   ? 'C4 H8 N2 O3'    132.118 
ASP 'L-peptide linking' y 'ASPARTIC ACID'                              ? 'C4 H7 N O4'     133.103 
CD  non-polymer         . 'CADMIUM ION'                                ? 'Cd 2'           112.411 
CYS 'L-peptide linking' y CYSTEINE                                     ? 'C3 H7 N O2 S'   121.158 
GLN 'L-peptide linking' y GLUTAMINE                                    ? 'C5 H10 N2 O3'   146.144 
GLU 'L-peptide linking' y 'GLUTAMIC ACID'                              ? 'C5 H9 N O4'     147.129 
GLY 'peptide linking'   y GLYCINE                                      ? 'C2 H5 N O2'     75.067  
HIS 'L-peptide linking' y HISTIDINE                                    ? 'C6 H10 N3 O2 1' 156.162 
HOH non-polymer         . WATER                                        ? 'H2 O'           18.015  
ILE 'L-peptide linking' y ISOLEUCINE                                   ? 'C6 H13 N O2'    131.173 
LEU 'L-peptide linking' y LEUCINE                                      ? 'C6 H13 N O2'    131.173 
LYS 'L-peptide linking' y LYSINE                                       ? 'C6 H15 N2 O2 1' 147.195 
MET 'L-peptide linking' y METHIONINE                                   ? 'C5 H11 N O2 S'  149.211 
NXS non-polymer         . '[1-(pyrimidin-2-yl)piperidin-4-yl]methanol' ? 'C10 H15 N3 O'   193.246 
PHE 'L-peptide linking' y PHENYLALANINE                                ? 'C9 H11 N O2'    165.189 
PRO 'L-peptide linking' y PROLINE                                      ? 'C5 H9 N O2'     115.130 
SER 'L-peptide linking' y SERINE                                       ? 'C3 H7 N O3'     105.093 
THR 'L-peptide linking' y THREONINE                                    ? 'C4 H9 N O3'     119.119 
TRP 'L-peptide linking' y TRYPTOPHAN                                   ? 'C11 H12 N2 O2'  204.225 
TYR 'L-peptide linking' y TYROSINE                                     ? 'C9 H11 N O3'    181.189 
VAL 'L-peptide linking' y VALINE                                       ? 'C5 H11 N O2'    117.146 
# 
loop_
_pdbx_poly_seq_scheme.asym_id 
_pdbx_poly_seq_scheme.entity_id 
_pdbx_poly_seq_scheme.seq_id 
_pdbx_poly_seq_scheme.mon_id 
_pdbx_poly_seq_scheme.ndb_seq_num 
_pdbx_poly_seq_scheme.pdb_seq_num 
_pdbx_poly_seq_scheme.auth_seq_num 
_pdbx_poly_seq_scheme.pdb_mon_id 
_pdbx_poly_seq_scheme.auth_mon_id 
_pdbx_poly_seq_scheme.pdb_strand_id 
_pdbx_poly_seq_scheme.pdb_ins_code 
_pdbx_poly_seq_scheme.hetero 
A 1 1   GLY 1   40  ?   ?   ?   A . n 
A 1 2   GLU 2   41  41  GLU GLU A . n 
A 1 3   LEU 3   42  42  LEU LEU A . n 
A 1 4   ARG 4   43  43  ARG ARG A . n 
A 1 5   VAL 5   44  44  VAL VAL A . n 
A 1 6   GLY 6   45  45  GLY GLY A . n 
A 1 7   LEU 7   46  46  LEU LEU A . n 
A 1 8   GLU 8   47  47  GLU GLU A . n 
A 1 9   GLU 9   48  48  GLU GLU A . n 
A 1 10  SER 10  49  49  SER SER A . n 
A 1 11  GLU 11  50  50  GLU GLU A . n 
A 1 12  LEU 12  51  51  LEU LEU A . n 
A 1 13  TRP 13  52  52  TRP TRP A . n 
A 1 14  LEU 14  53  53  LEU LEU A . n 
A 1 15  ARG 15  54  54  ARG ARG A . n 
A 1 16  PHE 16  55  55  PHE PHE A . n 
A 1 17  LYS 17  56  56  LYS LYS A . n 
A 1 18  GLU 18  57  57  GLU GLU A . n 
A 1 19  LEU 19  58  58  LEU LEU A . n 
A 1 20  THR 20  59  59  THR THR A . n 
A 1 21  ASN 21  60  60  ASN ASN A . n 
A 1 22  GLU 22  61  61  GLU GLU A . n 
A 1 23  MET 23  62  62  MET MET A . n 
A 1 24  ILE 24  63  63  ILE ILE A . n 
A 1 25  VAL 25  64  64  VAL VAL A . n 
A 1 26  THR 26  65  65  THR THR A . n 
A 1 27  LYS 27  66  66  LYS LYS A . n 
A 1 28  ASN 28  67  67  ASN ASN A . n 
A 1 29  GLY 29  68  68  GLY GLY A . n 
A 1 30  ARG 30  69  69  ARG ARG A . n 
A 1 31  ARG 31  70  70  ARG ARG A . n 
A 1 32  MET 32  71  71  MET MET A . n 
A 1 33  PHE 33  72  72  PHE PHE A . n 
A 1 34  PRO 34  73  73  PRO PRO A . n 
A 1 35  VAL 35  74  74  VAL VAL A . n 
A 1 36  LEU 36  75  75  LEU LEU A . n 
A 1 37  LYS 37  76  76  LYS LYS A . n 
A 1 38  VAL 38  77  77  VAL VAL A . n 
A 1 39  ASN 39  78  78  ASN ASN A . n 
A 1 40  VAL 40  79  79  VAL VAL A . n 
A 1 41  SER 41  80  80  SER SER A . n 
A 1 42  GLY 42  81  81  GLY GLY A . n 
A 1 43  LEU 43  82  82  LEU LEU A . n 
A 1 44  ASP 44  83  83  ASP ASP A . n 
A 1 45  PRO 45  84  84  PRO PRO A . n 
A 1 46  ASN 46  85  85  ASN ASN A . n 
A 1 47  ALA 47  86  86  ALA ALA A . n 
A 1 48  MET 48  87  87  MET MET A . n 
A 1 49  TYR 49  88  88  TYR TYR A . n 
A 1 50  SER 50  89  89  SER SER A . n 
A 1 51  PHE 51  90  90  PHE PHE A . n 
A 1 52  LEU 52  91  91  LEU LEU A . n 
A 1 53  LEU 53  92  92  LEU LEU A . n 
A 1 54  ASP 54  93  93  ASP ASP A . n 
A 1 55  PHE 55  94  94  PHE PHE A . n 
A 1 56  VAL 56  95  95  VAL VAL A . n 
A 1 57  ALA 57  96  96  ALA ALA A . n 
A 1 58  ALA 58  97  97  ALA ALA A . n 
A 1 59  ASP 59  98  98  ASP ASP A . n 
A 1 60  ASN 60  99  99  ASN ASN A . n 
A 1 61  HIS 61  100 100 HIS HIS A . n 
A 1 62  ARG 62  101 101 ARG ARG A . n 
A 1 63  TRP 63  102 102 TRP TRP A . n 
A 1 64  LYS 64  103 103 LYS LYS A . n 
A 1 65  TYR 65  104 104 TYR TYR A . n 
A 1 66  VAL 66  105 105 VAL VAL A . n 
A 1 67  ASN 67  106 106 ASN ASN A . n 
A 1 68  GLY 68  107 107 GLY GLY A . n 
A 1 69  GLU 69  108 108 GLU GLU A . n 
A 1 70  TRP 70  109 109 TRP TRP A . n 
A 1 71  VAL 71  110 110 VAL VAL A . n 
A 1 72  PRO 72  111 111 PRO PRO A . n 
A 1 73  GLY 73  112 112 GLY GLY A . n 
A 1 74  GLY 74  113 113 GLY GLY A . n 
A 1 75  LYS 75  114 114 LYS LYS A . n 
A 1 76  PRO 76  115 115 PRO PRO A . n 
A 1 77  GLU 77  116 116 GLU GLU A . n 
A 1 78  PRO 78  117 117 PRO PRO A . n 
A 1 79  GLN 79  118 118 GLN GLN A . n 
A 1 80  ALA 80  119 119 ALA ALA A . n 
A 1 81  PRO 81  120 120 PRO PRO A . n 
A 1 82  SER 82  121 121 SER SER A . n 
A 1 83  CYS 83  122 122 CYS CYS A . n 
A 1 84  VAL 84  123 123 VAL VAL A . n 
A 1 85  TYR 85  124 124 TYR TYR A . n 
A 1 86  ILE 86  125 125 ILE ILE A . n 
A 1 87  HIS 87  126 126 HIS HIS A . n 
A 1 88  PRO 88  127 127 PRO PRO A . n 
A 1 89  ASP 89  128 128 ASP ASP A . n 
A 1 90  SER 90  129 129 SER SER A . n 
A 1 91  PRO 91  130 130 PRO PRO A . n 
A 1 92  ASN 92  131 131 ASN ASN A . n 
A 1 93  PHE 93  132 132 PHE PHE A . n 
A 1 94  GLY 94  133 133 GLY GLY A . n 
A 1 95  ALA 95  134 134 ALA ALA A . n 
A 1 96  HIS 96  135 135 HIS HIS A . n 
A 1 97  TRP 97  136 136 TRP TRP A . n 
A 1 98  MET 98  137 137 MET MET A . n 
A 1 99  LYS 99  138 138 LYS LYS A . n 
A 1 100 ALA 100 139 139 ALA ALA A . n 
A 1 101 PRO 101 140 140 PRO PRO A . n 
A 1 102 VAL 102 141 141 VAL VAL A . n 
A 1 103 SER 103 142 142 SER SER A . n 
A 1 104 PHE 104 143 143 PHE PHE A . n 
A 1 105 SER 105 144 144 SER SER A . n 
A 1 106 LYS 106 145 145 LYS LYS A . n 
A 1 107 VAL 107 146 146 VAL VAL A . n 
A 1 108 LYS 108 147 147 LYS LYS A . n 
A 1 109 LEU 109 148 148 LEU LEU A . n 
A 1 110 THR 110 149 149 THR THR A . n 
A 1 111 ASN 111 150 150 ASN ASN A . n 
A 1 112 LYS 112 151 151 LYS LYS A . n 
A 1 113 LEU 113 152 152 LEU LEU A . n 
A 1 114 ASN 114 153 153 ASN ASN A . n 
A 1 115 GLY 115 154 154 GLY GLY A . n 
A 1 116 GLY 116 155 155 GLY GLY A . n 
A 1 117 GLY 117 156 156 GLY GLY A . n 
A 1 118 GLN 118 157 157 GLN GLN A . n 
A 1 119 ILE 119 158 158 ILE ILE A . n 
A 1 120 MET 120 159 159 MET MET A . n 
A 1 121 LEU 121 160 160 LEU LEU A . n 
A 1 122 ASN 122 161 161 ASN ASN A . n 
A 1 123 SER 123 162 162 SER SER A . n 
A 1 124 LEU 124 163 163 LEU LEU A . n 
A 1 125 HIS 125 164 164 HIS HIS A . n 
A 1 126 LYS 126 165 165 LYS LYS A . n 
A 1 127 TYR 127 166 166 TYR TYR A . n 
A 1 128 GLU 128 167 167 GLU GLU A . n 
A 1 129 PRO 129 168 168 PRO PRO A . n 
A 1 130 ARG 130 169 169 ARG ARG A . n 
A 1 131 ILE 131 170 170 ILE ILE A . n 
A 1 132 HIS 132 171 171 HIS HIS A . n 
A 1 133 ILE 133 172 172 ILE ILE A . n 
A 1 134 VAL 134 173 173 VAL VAL A . n 
A 1 135 ARG 135 174 174 ARG ARG A . n 
A 1 136 VAL 136 175 175 VAL VAL A . n 
A 1 137 GLY 137 176 176 GLY GLY A . n 
A 1 138 GLY 138 177 177 GLY GLY A . n 
A 1 139 PRO 139 178 178 PRO PRO A . n 
A 1 140 GLN 140 179 179 GLN GLN A . n 
A 1 141 ARG 141 180 180 ARG ARG A . n 
A 1 142 MET 142 181 181 MET MET A . n 
A 1 143 ILE 143 182 182 ILE ILE A . n 
A 1 144 THR 144 183 183 THR THR A . n 
A 1 145 SER 145 184 184 SER SER A . n 
A 1 146 HIS 146 185 185 HIS HIS A . n 
A 1 147 CYS 147 186 186 CYS CYS A . n 
A 1 148 PHE 148 187 187 PHE PHE A . n 
A 1 149 PRO 149 188 188 PRO PRO A . n 
A 1 150 GLU 150 189 189 GLU GLU A . n 
A 1 151 THR 151 190 190 THR THR A . n 
A 1 152 GLN 152 191 191 GLN GLN A . n 
A 1 153 PHE 153 192 192 PHE PHE A . n 
A 1 154 ILE 154 193 193 ILE ILE A . n 
A 1 155 ALA 155 194 194 ALA ALA A . n 
A 1 156 VAL 156 195 195 VAL VAL A . n 
A 1 157 THR 157 196 196 THR THR A . n 
A 1 158 ALA 158 197 197 ALA ALA A . n 
A 1 159 TYR 159 198 198 TYR TYR A . n 
A 1 160 GLN 160 199 199 GLN GLN A . n 
A 1 161 ASN 161 200 200 ASN ASN A . n 
A 1 162 GLU 162 201 201 GLU GLU A . n 
A 1 163 GLU 163 202 202 GLU GLU A . n 
A 1 164 ILE 164 203 203 ILE ILE A . n 
A 1 165 THR 165 204 204 THR THR A . n 
A 1 166 ALA 166 205 205 ALA ALA A . n 
A 1 167 LEU 167 206 206 LEU LEU A . n 
A 1 168 LYS 168 207 207 LYS LYS A . n 
A 1 169 ILE 169 208 208 ILE ILE A . n 
A 1 170 LYS 170 209 209 LYS LYS A . n 
A 1 171 TYR 171 210 210 TYR TYR A . n 
A 1 172 ASN 172 211 211 ASN ASN A . n 
# 
loop_
_pdbx_nonpoly_scheme.asym_id 
_pdbx_nonpoly_scheme.entity_id 
_pdbx_nonpoly_scheme.mon_id 
_pdbx_nonpoly_scheme.ndb_seq_num 
_pdbx_nonpoly_scheme.pdb_seq_num 
_pdbx_nonpoly_scheme.auth_seq_num 
_pdbx_nonpoly_scheme.pdb_mon_id 
_pdbx_nonpoly_scheme.auth_mon_id 
_pdbx_nonpoly_scheme.pdb_strand_id 
_pdbx_nonpoly_scheme.pdb_ins_code 
B 2 CD  1  301 1  CD  CD  A . 
C 2 CD  1  302 2  CD  CD  A . 
D 2 CD  1  303 3  CD  CD  A . 
E 2 CD  1  304 4  CD  CD  A . 
F 2 CD  1  305 5  CD  CD  A . 
G 3 NXS 1  306 1  NXS LIG A . 
H 4 HOH 1  401 79 HOH HOH A . 
H 4 HOH 2  402 55 HOH HOH A . 
H 4 HOH 3  403 68 HOH HOH A . 
H 4 HOH 4  404 31 HOH HOH A . 
H 4 HOH 5  405 48 HOH HOH A . 
H 4 HOH 6  406 53 HOH HOH A . 
H 4 HOH 7  407 54 HOH HOH A . 
H 4 HOH 8  408 71 HOH HOH A . 
H 4 HOH 9  409 58 HOH HOH A . 
H 4 HOH 10 410 41 HOH HOH A . 
H 4 HOH 11 411 24 HOH HOH A . 
H 4 HOH 12 412 70 HOH HOH A . 
H 4 HOH 13 413 61 HOH HOH A . 
H 4 HOH 14 414 44 HOH HOH A . 
H 4 HOH 15 415 45 HOH HOH A . 
H 4 HOH 16 416 14 HOH HOH A . 
H 4 HOH 17 417 16 HOH HOH A . 
H 4 HOH 18 418 21 HOH HOH A . 
H 4 HOH 19 419 10 HOH HOH A . 
H 4 HOH 20 420 50 HOH HOH A . 
H 4 HOH 21 421 60 HOH HOH A . 
H 4 HOH 22 422 52 HOH HOH A . 
H 4 HOH 23 423 6  HOH HOH A . 
H 4 HOH 24 424 75 HOH HOH A . 
H 4 HOH 25 425 52 HOH HOH A . 
H 4 HOH 26 426 4  HOH HOH A . 
H 4 HOH 27 427 33 HOH HOH A . 
H 4 HOH 28 428 67 HOH HOH A . 
H 4 HOH 29 429 1  HOH HOH A . 
H 4 HOH 30 430 51 HOH HOH A . 
H 4 HOH 31 431 32 HOH HOH A . 
H 4 HOH 32 432 23 HOH HOH A . 
H 4 HOH 33 433 49 HOH HOH A . 
H 4 HOH 34 434 45 HOH HOH A . 
H 4 HOH 35 435 69 HOH HOH A . 
H 4 HOH 36 436 8  HOH HOH A . 
H 4 HOH 37 437 8  HOH HOH A . 
H 4 HOH 38 438 56 HOH HOH A . 
H 4 HOH 39 439 73 HOH HOH A . 
H 4 HOH 40 440 47 HOH HOH A . 
H 4 HOH 41 441 18 HOH HOH A . 
H 4 HOH 42 442 17 HOH HOH A . 
H 4 HOH 43 443 12 HOH HOH A . 
H 4 HOH 44 444 2  HOH HOH A . 
H 4 HOH 45 445 28 HOH HOH A . 
H 4 HOH 46 446 14 HOH HOH A . 
H 4 HOH 47 447 57 HOH HOH A . 
H 4 HOH 48 448 77 HOH HOH A . 
H 4 HOH 49 449 64 HOH HOH A . 
H 4 HOH 50 450 4  HOH HOH A . 
H 4 HOH 51 451 46 HOH HOH A . 
H 4 HOH 52 452 65 HOH HOH A . 
H 4 HOH 53 453 66 HOH HOH A . 
H 4 HOH 54 454 6  HOH HOH A . 
H 4 HOH 55 455 5  HOH HOH A . 
H 4 HOH 56 456 1  HOH HOH A . 
H 4 HOH 57 457 63 HOH HOH A . 
H 4 HOH 58 458 3  HOH HOH A . 
H 4 HOH 59 459 11 HOH HOH A . 
H 4 HOH 60 460 30 HOH HOH A . 
H 4 HOH 61 461 15 HOH HOH A . 
H 4 HOH 62 462 7  HOH HOH A . 
H 4 HOH 63 463 62 HOH HOH A . 
H 4 HOH 64 464 10 HOH HOH A . 
H 4 HOH 65 465 72 HOH HOH A . 
H 4 HOH 66 466 78 HOH HOH A . 
H 4 HOH 67 467 43 HOH HOH A . 
H 4 HOH 68 468 16 HOH HOH A . 
H 4 HOH 69 469 18 HOH HOH A . 
H 4 HOH 70 470 17 HOH HOH A . 
# 
loop_
_pdbx_unobs_or_zero_occ_atoms.id 
_pdbx_unobs_or_zero_occ_atoms.PDB_model_num 
_pdbx_unobs_or_zero_occ_atoms.polymer_flag 
_pdbx_unobs_or_zero_occ_atoms.occupancy_flag 
_pdbx_unobs_or_zero_occ_atoms.auth_asym_id 
_pdbx_unobs_or_zero_occ_atoms.auth_comp_id 
_pdbx_unobs_or_zero_occ_atoms.auth_seq_id 
_pdbx_unobs_or_zero_occ_atoms.PDB_ins_code 
_pdbx_unobs_or_zero_occ_atoms.auth_atom_id 
_pdbx_unobs_or_zero_occ_atoms.label_alt_id 
_pdbx_unobs_or_zero_occ_atoms.label_asym_id 
_pdbx_unobs_or_zero_occ_atoms.label_comp_id 
_pdbx_unobs_or_zero_occ_atoms.label_seq_id 
_pdbx_unobs_or_zero_occ_atoms.label_atom_id 
1 1 Y 1 A ARG 43 ? CG  ? A ARG 4 CG  
2 1 Y 1 A ARG 43 ? CD  ? A ARG 4 CD  
3 1 Y 1 A ARG 43 ? NE  ? A ARG 4 NE  
4 1 Y 1 A ARG 43 ? CZ  ? A ARG 4 CZ  
5 1 Y 1 A ARG 43 ? NH1 ? A ARG 4 NH1 
6 1 Y 1 A ARG 43 ? NH2 ? A ARG 4 NH2 
# 
loop_
_software.pdbx_ordinal 
_software.name 
_software.version 
_software.date 
_software.type 
_software.contact_author 
_software.contact_author_email 
_software.classification 
_software.location 
_software.language 
_software.citation_id 
1 REFMAC      5.8.0238 ?               program 'Garib N. Murshudov' garib@ysbl.york.ac.uk    refinement        
http://www.ccp4.ac.uk/dist/html/refmac5.html        Fortran_77 ? 
2 Aimless     0.7.1    27/03/18        program 'Phil Evans'         ?                        'data scaling'    
http://www.mrc-lmb.cam.ac.uk/harry/pre/aimless.html ?          ? 
3 PDB_EXTRACT 3.23     'SEP. 23, 2016' package PDB                  deposit@deposit.rcsb.org 'data extraction' 
http://sw-tools.pdb.org/apps/PDB_EXTRACT/           C++        ? 
4 XDS         .        ?               program ?                    ?                        'data reduction'  ? ?          ? 
5 REFMAC      .        ?               program ?                    ?                        phasing           ? ?          ? 
# 
_cell.entry_id           5QRQ 
_cell.length_a           59.891 
_cell.length_b           59.891 
_cell.length_c           109.911 
_cell.angle_alpha        90.000 
_cell.angle_beta         90.000 
_cell.angle_gamma        90.000 
_cell.Z_PDB              8 
_cell.pdbx_unique_axis   ? 
# 
_symmetry.entry_id                         5QRQ 
_symmetry.Int_Tables_number                91 
_symmetry.space_group_name_H-M             'P 41 2 2' 
_symmetry.pdbx_full_space_group_name_H-M   ? 
_symmetry.cell_setting                     ? 
# 
_exptl.crystals_number   1 
_exptl.entry_id          5QRQ 
_exptl.method            'X-RAY DIFFRACTION' 
# 
_exptl_crystal.id                    1 
_exptl_crystal.pdbx_mosaicity        0.000 
_exptl_crystal.pdbx_mosaicity_esd    ? 
_exptl_crystal.density_Matthews      2.51 
_exptl_crystal.density_diffrn        ? 
_exptl_crystal.density_meas          ? 
_exptl_crystal.density_meas_temp     ? 
_exptl_crystal.density_percent_sol   51.09 
_exptl_crystal.size_max              ? 
_exptl_crystal.size_mid              ? 
_exptl_crystal.size_min              ? 
_exptl_crystal.size_rad              ? 
_exptl_crystal.description           ? 
# 
_exptl_crystal_grow.crystal_id      1 
_exptl_crystal_grow.method          'VAPOR DIFFUSION, SITTING DROP' 
_exptl_crystal_grow.pH              4.5 
_exptl_crystal_grow.temp            298 
_exptl_crystal_grow.pdbx_details    '0.1 M CdCl, 0.1 M Acetate pH 4.5, 32% PEG 400' 
_exptl_crystal_grow.temp_details    ? 
_exptl_crystal_grow.pdbx_pH_range   ? 
# 
_diffrn.id                     1 
_diffrn.ambient_temp           100 
_diffrn.crystal_id             1 
_diffrn.ambient_temp_details   ? 
# 
_diffrn_detector.detector               PIXEL 
_diffrn_detector.type                   'DECTRIS PILATUS 6M' 
_diffrn_detector.pdbx_collection_date   2018-07-21 
_diffrn_detector.diffrn_id              1 
_diffrn_detector.details                ? 
# 
_diffrn_radiation.diffrn_id                        1 
_diffrn_radiation.wavelength_id                    1 
_diffrn_radiation.pdbx_diffrn_protocol             'SINGLE WAVELENGTH' 
_diffrn_radiation.pdbx_monochromatic_or_laue_m_l   M 
_diffrn_radiation.monochromator                    ? 
_diffrn_radiation.pdbx_scattering_type             x-ray 
# 
_diffrn_radiation_wavelength.id           1 
_diffrn_radiation_wavelength.wavelength   0.91587 
_diffrn_radiation_wavelength.wt           1.0 
# 
_diffrn_source.diffrn_id                   1 
_diffrn_source.source                      SYNCHROTRON 
_diffrn_source.type                        'DIAMOND BEAMLINE I04-1' 
_diffrn_source.pdbx_wavelength_list        0.91587 
_diffrn_source.pdbx_synchrotron_site       Diamond 
_diffrn_source.pdbx_synchrotron_beamline   I04-1 
_diffrn_source.pdbx_wavelength             ? 
# 
_reflns.entry_id                     5QRQ 
_reflns.pdbx_diffrn_id               1 
_reflns.pdbx_ordinal                 1 
_reflns.observed_criterion_sigma_I   ? 
_reflns.observed_criterion_sigma_F   ? 
_reflns.d_resolution_low             109.880 
_reflns.d_resolution_high            2.100 
_reflns.number_obs                   12358 
_reflns.number_all                   ? 
_reflns.percent_possible_obs         100.000 
_reflns.pdbx_Rmerge_I_obs            0.388 
_reflns.pdbx_Rsym_value              ? 
_reflns.pdbx_netI_over_sigmaI        5.800 
_reflns.B_iso_Wilson_estimate        ? 
_reflns.pdbx_redundancy              12.500 
_reflns.pdbx_Rrim_I_all              0.405 
_reflns.pdbx_Rpim_I_all              0.114 
_reflns.pdbx_CC_half                 0.993 
_reflns.pdbx_netI_over_av_sigmaI     ? 
_reflns.pdbx_number_measured_all     154083 
_reflns.pdbx_scaling_rejects         369 
_reflns.pdbx_chi_squared             ? 
_reflns.Rmerge_F_all                 ? 
_reflns.Rmerge_F_obs                 ? 
_reflns.observed_criterion_F_max     ? 
_reflns.observed_criterion_F_min     ? 
_reflns.observed_criterion_I_max     ? 
_reflns.observed_criterion_I_min     ? 
_reflns.pdbx_d_res_high_opt          ? 
_reflns.pdbx_d_res_low_opt           ? 
_reflns.details                      ? 
# 
loop_
_reflns_shell.pdbx_diffrn_id 
_reflns_shell.pdbx_ordinal 
_reflns_shell.d_res_high 
_reflns_shell.d_res_low 
_reflns_shell.number_measured_obs 
_reflns_shell.number_measured_all 
_reflns_shell.number_unique_obs 
_reflns_shell.pdbx_rejects 
_reflns_shell.Rmerge_I_obs 
_reflns_shell.meanI_over_sigI_obs 
_reflns_shell.pdbx_Rsym_value 
_reflns_shell.pdbx_chi_squared 
_reflns_shell.pdbx_redundancy 
_reflns_shell.percent_possible_obs 
_reflns_shell.pdbx_netI_over_sigmaI_obs 
_reflns_shell.number_possible 
_reflns_shell.number_unique_all 
_reflns_shell.Rmerge_F_all 
_reflns_shell.Rmerge_F_obs 
_reflns_shell.Rmerge_I_all 
_reflns_shell.meanI_over_sigI_all 
_reflns_shell.percent_possible_all 
_reflns_shell.pdbx_Rrim_I_all 
_reflns_shell.pdbx_Rpim_I_all 
_reflns_shell.pdbx_CC_half 
1 1 2.100 2.150   ? 11584 ? ? 4.547 ? ? ? 13.000 ? 1.000  ? 893 ? ? ? ? 100.000 4.733 1.305 0.639 
1 2 9.390 109.880 ? 1942  ? ? 0.073 ? ? ? 10.200 ? 16.100 ? 190 ? ? ? ? 99.900  0.078 0.025 0.997 
# 
_refine.entry_id                                 5QRQ 
_refine.pdbx_refine_id                           'X-RAY DIFFRACTION' 
_refine.ls_d_res_high                            2.1000 
_refine.ls_d_res_low                             59.8900 
_refine.pdbx_ls_sigma_F                          0.000 
_refine.pdbx_data_cutoff_high_absF               ? 
_refine.pdbx_data_cutoff_low_absF                ? 
_refine.ls_percent_reflns_obs                    99.8000 
_refine.ls_number_reflns_obs                     11711 
_refine.ls_number_reflns_all                     ? 
_refine.pdbx_ls_cross_valid_method               THROUGHOUT 
_refine.ls_matrix_type                           ? 
_refine.pdbx_R_Free_selection_details            RANDOM 
_refine.details                                  
'HYDROGENS HAVE BEEN ADDED IN THE RIDING POSITIONS U VALUES      : REFINED INDIVIDUALLY' 
_refine.ls_R_factor_all                          ? 
_refine.ls_R_factor_obs                          0.2201 
_refine.ls_R_factor_R_work                       0.2175 
_refine.ls_wR_factor_R_work                      ? 
_refine.ls_R_factor_R_free                       0.2767 
_refine.ls_wR_factor_R_free                      ? 
_refine.ls_percent_reflns_R_free                 4.8000 
_refine.ls_number_reflns_R_free                  592 
_refine.ls_number_reflns_R_work                  ? 
_refine.ls_R_factor_R_free_error                 ? 
_refine.B_iso_mean                               43.2250 
_refine.solvent_model_param_bsol                 ? 
_refine.solvent_model_param_ksol                 ? 
_refine.pdbx_isotropic_thermal_model             ? 
_refine.aniso_B[1][1]                            1.9500 
_refine.aniso_B[2][2]                            1.9500 
_refine.aniso_B[3][3]                            -3.9000 
_refine.aniso_B[1][2]                            -0.0000 
_refine.aniso_B[1][3]                            -0.0000 
_refine.aniso_B[2][3]                            -0.0000 
_refine.correlation_coeff_Fo_to_Fc               0.9510 
_refine.correlation_coeff_Fo_to_Fc_free          0.9120 
_refine.overall_SU_R_Cruickshank_DPI             ? 
_refine.pdbx_overall_SU_R_free_Cruickshank_DPI   ? 
_refine.pdbx_overall_SU_R_Blow_DPI               ? 
_refine.pdbx_overall_SU_R_free_Blow_DPI          ? 
_refine.overall_SU_R_free                        ? 
_refine.pdbx_overall_ESU_R                       0.2380 
_refine.pdbx_overall_ESU_R_Free                  0.2120 
_refine.overall_SU_ML                            0.1940 
_refine.overall_SU_B                             7.9390 
_refine.solvent_model_details                    MASK 
_refine.pdbx_solvent_vdw_probe_radii             1.2000 
_refine.pdbx_solvent_ion_probe_radii             0.8000 
_refine.pdbx_solvent_shrinkage_radii             0.8000 
_refine.ls_number_parameters                     ? 
_refine.ls_number_restraints                     ? 
_refine.pdbx_starting_model                      6f58 
_refine.pdbx_method_to_determine_struct          'FOURIER SYNTHESIS' 
_refine.pdbx_stereochemistry_target_values       'MAXIMUM LIKELIHOOD' 
_refine.pdbx_stereochem_target_val_spec_case     ? 
_refine.overall_FOM_work_R_set                   ? 
_refine.B_iso_max                                117.230 
_refine.B_iso_min                                11.680 
_refine.pdbx_overall_phase_error                 ? 
_refine.occupancy_max                            ? 
_refine.occupancy_min                            ? 
_refine.pdbx_diffrn_id                           1 
_refine.pdbx_TLS_residual_ADP_flag               ? 
_refine.pdbx_ls_sigma_I                          ? 
_refine.pdbx_data_cutoff_high_rms_absF           ? 
_refine.ls_R_factor_R_free_error_details         ? 
# 
_refine_hist.cycle_id                         final 
_refine_hist.pdbx_refine_id                   'X-RAY DIFFRACTION' 
_refine_hist.d_res_high                       2.1000 
_refine_hist.d_res_low                        59.8900 
_refine_hist.pdbx_number_atoms_ligand         18 
_refine_hist.number_atoms_solvent             70 
_refine_hist.number_atoms_total               1457 
_refine_hist.pdbx_number_residues_total       172 
_refine_hist.pdbx_B_iso_mean_ligand           88.88 
_refine_hist.pdbx_B_iso_mean_solvent          39.43 
_refine_hist.pdbx_number_atoms_protein        1369 
_refine_hist.pdbx_number_atoms_nucleic_acid   0 
# 
loop_
_refine_ls_restr.pdbx_refine_id 
_refine_ls_restr.type 
_refine_ls_restr.number 
_refine_ls_restr.dev_ideal 
_refine_ls_restr.dev_ideal_target 
_refine_ls_restr.weight 
_refine_ls_restr.pdbx_restraint_function 
'X-RAY DIFFRACTION' r_bond_refined_d       1490 0.007  0.013  ? ? 
'X-RAY DIFFRACTION' r_bond_other_d         1346 0.001  0.017  ? ? 
'X-RAY DIFFRACTION' r_angle_refined_deg    1987 1.459  1.640  ? ? 
'X-RAY DIFFRACTION' r_angle_other_deg      3136 1.215  1.570  ? ? 
'X-RAY DIFFRACTION' r_dihedral_angle_1_deg 177  7.754  5.000  ? ? 
'X-RAY DIFFRACTION' r_dihedral_angle_2_deg 71   30.021 22.676 ? ? 
'X-RAY DIFFRACTION' r_dihedral_angle_3_deg 241  17.794 15.000 ? ? 
'X-RAY DIFFRACTION' r_dihedral_angle_4_deg 7    16.721 15.000 ? ? 
'X-RAY DIFFRACTION' r_chiral_restr         179  0.066  0.200  ? ? 
'X-RAY DIFFRACTION' r_gen_planes_refined   1627 0.007  0.020  ? ? 
'X-RAY DIFFRACTION' r_gen_planes_other     306  0.001  0.020  ? ? 
'X-RAY DIFFRACTION' r_mcbond_it            711  3.349  4.393  ? ? 
'X-RAY DIFFRACTION' r_mcbond_other         709  3.343  4.387  ? ? 
'X-RAY DIFFRACTION' r_mcangle_it           881  5.412  6.586  ? ? 
# 
_refine_ls_shell.d_res_high                       2.0990 
_refine_ls_shell.d_res_low                        2.1530 
_refine_ls_shell.pdbx_total_number_of_bins_used   20 
_refine_ls_shell.percent_reflns_obs               98.7700 
_refine_ls_shell.number_reflns_R_work             835 
_refine_ls_shell.R_factor_all                     ? 
_refine_ls_shell.R_factor_R_work                  0.3570 
_refine_ls_shell.R_factor_R_free                  0.3780 
_refine_ls_shell.percent_reflns_R_free            ? 
_refine_ls_shell.number_reflns_R_free             45 
_refine_ls_shell.R_factor_R_free_error            ? 
_refine_ls_shell.number_reflns_all                880 
_refine_ls_shell.number_reflns_obs                ? 
_refine_ls_shell.pdbx_refine_id                   'X-RAY DIFFRACTION' 
# 
_struct.entry_id                  5QRQ 
_struct.title                     
'PanDDA analysis group deposition -- Crystal Structure of human Brachyury in complex with Z645232558' 
_struct.pdbx_model_details        ? 
_struct.pdbx_CASP_flag            ? 
_struct.pdbx_model_type_details   ? 
# 
_struct_keywords.entry_id        5QRQ 
_struct_keywords.text            'SGC - Diamond I04-1 fragment screening, PanDDA, XChemExplorer, TRANSCRIPTION' 
_struct_keywords.pdbx_keywords   TRANSCRIPTION 
# 
loop_
_struct_asym.id 
_struct_asym.pdbx_blank_PDB_chainid_flag 
_struct_asym.pdbx_modified 
_struct_asym.entity_id 
_struct_asym.details 
A N N 1 ? 
B N N 2 ? 
C N N 2 ? 
D N N 2 ? 
E N N 2 ? 
F N N 2 ? 
G N N 3 ? 
H N N 4 ? 
# 
_struct_ref.id                         1 
_struct_ref.db_name                    UNP 
_struct_ref.db_code                    TBXT_HUMAN 
_struct_ref.pdbx_db_accession          O15178 
_struct_ref.pdbx_db_isoform            ? 
_struct_ref.entity_id                  1 
_struct_ref.pdbx_seq_one_letter_code   
;ELRVGLEESELWLRFKELTNEMIVTKNGRRMFPVLKVNVSGLDPNAMYSFLLDFVAADNHRWKYVNGEWVPGGKPEPQAP
SCVYIHPDSPNFGAHWMKAPVSFSKVKLTNKLNGGGQIMLNSLHKYEPRIHIVRVGGPQRMITSHCFPETQFIAVTAYQN
EEITALKIKYN
;
_struct_ref.pdbx_align_begin           41 
# 
_struct_ref_seq.align_id                      1 
_struct_ref_seq.ref_id                        1 
_struct_ref_seq.pdbx_PDB_id_code              5QRQ 
_struct_ref_seq.pdbx_strand_id                A 
_struct_ref_seq.seq_align_beg                 2 
_struct_ref_seq.pdbx_seq_align_beg_ins_code   ? 
_struct_ref_seq.seq_align_end                 172 
_struct_ref_seq.pdbx_seq_align_end_ins_code   ? 
_struct_ref_seq.pdbx_db_accession             O15178 
_struct_ref_seq.db_align_beg                  41 
_struct_ref_seq.pdbx_db_align_beg_ins_code    ? 
_struct_ref_seq.db_align_end                  211 
_struct_ref_seq.pdbx_db_align_end_ins_code    ? 
_struct_ref_seq.pdbx_auth_seq_align_beg       41 
_struct_ref_seq.pdbx_auth_seq_align_end       211 
# 
_struct_ref_seq_dif.align_id                     1 
_struct_ref_seq_dif.pdbx_pdb_id_code             5QRQ 
_struct_ref_seq_dif.mon_id                       GLY 
_struct_ref_seq_dif.pdbx_pdb_strand_id           A 
_struct_ref_seq_dif.seq_num                      1 
_struct_ref_seq_dif.pdbx_pdb_ins_code            ? 
_struct_ref_seq_dif.pdbx_seq_db_name             UNP 
_struct_ref_seq_dif.pdbx_seq_db_accession_code   O15178 
_struct_ref_seq_dif.db_mon_id                    ? 
_struct_ref_seq_dif.pdbx_seq_db_seq_num          ? 
_struct_ref_seq_dif.details                      'expression tag' 
_struct_ref_seq_dif.pdbx_auth_seq_num            40 
_struct_ref_seq_dif.pdbx_ordinal                 1 
# 
_pdbx_struct_assembly.id                   1 
_pdbx_struct_assembly.details              author_defined_assembly 
_pdbx_struct_assembly.method_details       ? 
_pdbx_struct_assembly.oligomeric_details   monomeric 
_pdbx_struct_assembly.oligomeric_count     1 
# 
_pdbx_struct_assembly_gen.assembly_id       1 
_pdbx_struct_assembly_gen.oper_expression   1 
_pdbx_struct_assembly_gen.asym_id_list      A,B,C,D,E,F,G,H 
# 
_pdbx_struct_oper_list.id                   1 
_pdbx_struct_oper_list.type                 'identity operation' 
_pdbx_struct_oper_list.name                 1_555 
_pdbx_struct_oper_list.symmetry_operation   x,y,z 
_pdbx_struct_oper_list.matrix[1][1]         1.0000000000 
_pdbx_struct_oper_list.matrix[1][2]         0.0000000000 
_pdbx_struct_oper_list.matrix[1][3]         0.0000000000 
_pdbx_struct_oper_list.vector[1]            0.0000000000 
_pdbx_struct_oper_list.matrix[2][1]         0.0000000000 
_pdbx_struct_oper_list.matrix[2][2]         1.0000000000 
_pdbx_struct_oper_list.matrix[2][3]         0.0000000000 
_pdbx_struct_oper_list.vector[2]            0.0000000000 
_pdbx_struct_oper_list.matrix[3][1]         0.0000000000 
_pdbx_struct_oper_list.matrix[3][2]         0.0000000000 
_pdbx_struct_oper_list.matrix[3][3]         1.0000000000 
_pdbx_struct_oper_list.vector[3]            0.0000000000 
# 
loop_
_struct_conf.conf_type_id 
_struct_conf.id 
_struct_conf.pdbx_PDB_helix_id 
_struct_conf.beg_label_comp_id 
_struct_conf.beg_label_asym_id 
_struct_conf.beg_label_seq_id 
_struct_conf.pdbx_beg_PDB_ins_code 
_struct_conf.end_label_comp_id 
_struct_conf.end_label_asym_id 
_struct_conf.end_label_seq_id 
_struct_conf.pdbx_end_PDB_ins_code 
_struct_conf.beg_auth_comp_id 
_struct_conf.beg_auth_asym_id 
_struct_conf.beg_auth_seq_id 
_struct_conf.end_auth_comp_id 
_struct_conf.end_auth_asym_id 
_struct_conf.end_auth_seq_id 
_struct_conf.pdbx_PDB_helix_class 
_struct_conf.details 
_struct_conf.pdbx_PDB_helix_length 
HELX_P HELX_P1 AA1 GLU A 9   ? LEU A 19  ? GLU A 48  LEU A 58  1 ? 11 
HELX_P HELX_P2 AA2 GLY A 94  ? LYS A 99  ? GLY A 133 LYS A 138 1 ? 6  
HELX_P HELX_P3 AA3 PRO A 149 ? THR A 151 ? PRO A 188 THR A 190 5 ? 3  
HELX_P HELX_P4 AA4 ASN A 161 ? ASN A 172 ? ASN A 200 ASN A 211 1 ? 12 
# 
_struct_conf_type.id          HELX_P 
_struct_conf_type.criteria    ? 
_struct_conf_type.reference   ? 
# 
loop_
_struct_conn.id 
_struct_conn.conn_type_id 
_struct_conn.pdbx_leaving_atom_flag 
_struct_conn.pdbx_PDB_id 
_struct_conn.ptnr1_label_asym_id 
_struct_conn.ptnr1_label_comp_id 
_struct_conn.ptnr1_label_seq_id 
_struct_conn.ptnr1_label_atom_id 
_struct_conn.pdbx_ptnr1_label_alt_id 
_struct_conn.pdbx_ptnr1_PDB_ins_code 
_struct_conn.pdbx_ptnr1_standard_comp_id 
_struct_conn.ptnr1_symmetry 
_struct_conn.ptnr2_label_asym_id 
_struct_conn.ptnr2_label_comp_id 
_struct_conn.ptnr2_label_seq_id 
_struct_conn.ptnr2_label_atom_id 
_struct_conn.pdbx_ptnr2_label_alt_id 
_struct_conn.pdbx_ptnr2_PDB_ins_code 
_struct_conn.ptnr1_auth_asym_id 
_struct_conn.ptnr1_auth_comp_id 
_struct_conn.ptnr1_auth_seq_id 
_struct_conn.ptnr2_auth_asym_id 
_struct_conn.ptnr2_auth_comp_id 
_struct_conn.ptnr2_auth_seq_id 
_struct_conn.ptnr2_symmetry 
_struct_conn.pdbx_ptnr3_label_atom_id 
_struct_conn.pdbx_ptnr3_label_seq_id 
_struct_conn.pdbx_ptnr3_label_comp_id 
_struct_conn.pdbx_ptnr3_label_asym_id 
_struct_conn.pdbx_ptnr3_label_alt_id 
_struct_conn.pdbx_ptnr3_PDB_ins_code 
_struct_conn.details 
_struct_conn.pdbx_dist_value 
_struct_conn.pdbx_value_order 
_struct_conn.pdbx_role 
metalc1  metalc ? ? A HIS 61  NE2 ? ? ? 1_555 E CD  . CD ? ? A HIS 100 A CD  304 1_555 ? ? ? ? ? ? ? 2.247 ? ? 
metalc2  metalc ? ? A CYS 83  SG  ? ? ? 1_555 D CD  . CD ? ? A CYS 122 A CD  303 1_555 ? ? ? ? ? ? ? 2.628 ? ? 
metalc3  metalc ? ? A CYS 83  SG  ? ? ? 1_555 F CD  . CD ? ? A CYS 122 A CD  305 1_555 ? ? ? ? ? ? ? 2.615 ? ? 
metalc4  metalc ? ? A GLU 128 OE1 ? ? ? 1_555 B CD  . CD ? ? A GLU 167 A CD  301 1_555 ? ? ? ? ? ? ? 2.472 ? ? 
metalc5  metalc ? ? A GLU 128 OE1 ? ? ? 1_555 B CD  . CD ? ? A GLU 167 A CD  301 5_655 ? ? ? ? ? ? ? 2.473 ? ? 
metalc6  metalc ? ? A GLU 128 OE2 ? ? ? 1_555 C CD  . CD ? ? A GLU 167 A CD  302 1_555 ? ? ? ? ? ? ? 2.300 ? ? 
metalc7  metalc ? ? A CYS 147 SG  A ? ? 1_555 B CD  . CD ? ? A CYS 186 A CD  301 1_555 ? ? ? ? ? ? ? 2.594 ? ? 
metalc8  metalc ? ? A CYS 147 SG  B ? ? 1_555 B CD  . CD ? ? A CYS 186 A CD  301 1_555 ? ? ? ? ? ? ? 2.465 ? ? 
metalc9  metalc ? ? A CYS 147 SG  A ? ? 1_555 B CD  . CD ? ? A CYS 186 A CD  301 5_655 ? ? ? ? ? ? ? 2.594 ? ? 
metalc10 metalc ? ? A CYS 147 SG  B ? ? 1_555 B CD  . CD ? ? A CYS 186 A CD  301 5_655 ? ? ? ? ? ? ? 2.466 ? ? 
metalc11 metalc ? ? A CYS 147 SG  A ? ? 1_555 C CD  . CD ? ? A CYS 186 A CD  302 5_655 ? ? ? ? ? ? ? 2.694 ? ? 
metalc12 metalc ? ? A CYS 147 SG  B ? ? 1_555 C CD  . CD ? ? A CYS 186 A CD  302 5_655 ? ? ? ? ? ? ? 2.563 ? ? 
metalc13 metalc ? ? B CD  .   CD  ? ? ? 1_555 H HOH . O  ? ? A CD  301 A HOH 456 1_555 ? ? ? ? ? ? ? 2.415 ? ? 
metalc14 metalc ? ? B CD  .   CD  ? ? ? 1_555 H HOH . O  ? ? A CD  301 A HOH 456 5_655 ? ? ? ? ? ? ? 2.415 ? ? 
metalc15 metalc ? ? C CD  .   CD  ? ? ? 1_555 H HOH . O  ? ? A CD  302 A HOH 450 5_655 ? ? ? ? ? ? ? 2.163 ? ? 
metalc16 metalc ? ? C CD  .   CD  ? ? ? 1_555 H HOH . O  ? ? A CD  302 A HOH 458 1_555 ? ? ? ? ? ? ? 2.351 ? ? 
metalc17 metalc ? ? D CD  .   CD  ? ? ? 1_555 H HOH . O  ? ? A CD  303 A HOH 448 1_555 ? ? ? ? ? ? ? 2.422 ? ? 
metalc18 metalc ? ? E CD  .   CD  ? ? ? 1_555 H HOH . O  ? ? A CD  304 A HOH 454 1_555 ? ? ? ? ? ? ? 2.110 ? ? 
metalc19 metalc ? ? E CD  .   CD  ? ? ? 1_555 H HOH . O  ? ? A CD  304 A HOH 455 1_555 ? ? ? ? ? ? ? 2.032 ? ? 
metalc20 metalc ? ? E CD  .   CD  ? ? ? 1_555 H HOH . O  ? ? A CD  304 A HOH 462 1_555 ? ? ? ? ? ? ? 2.513 ? ? 
# 
_struct_conn_type.id          metalc 
_struct_conn_type.criteria    ? 
_struct_conn_type.reference   ? 
# 
loop_
_pdbx_struct_conn_angle.id 
_pdbx_struct_conn_angle.ptnr1_label_atom_id 
_pdbx_struct_conn_angle.ptnr1_label_alt_id 
_pdbx_struct_conn_angle.ptnr1_label_asym_id 
_pdbx_struct_conn_angle.ptnr1_label_comp_id 
_pdbx_struct_conn_angle.ptnr1_label_seq_id 
_pdbx_struct_conn_angle.ptnr1_auth_atom_id 
_pdbx_struct_conn_angle.ptnr1_auth_asym_id 
_pdbx_struct_conn_angle.ptnr1_auth_comp_id 
_pdbx_struct_conn_angle.ptnr1_auth_seq_id 
_pdbx_struct_conn_angle.ptnr1_PDB_ins_code 
_pdbx_struct_conn_angle.ptnr1_symmetry 
_pdbx_struct_conn_angle.ptnr2_label_atom_id 
_pdbx_struct_conn_angle.ptnr2_label_alt_id 
_pdbx_struct_conn_angle.ptnr2_label_asym_id 
_pdbx_struct_conn_angle.ptnr2_label_comp_id 
_pdbx_struct_conn_angle.ptnr2_label_seq_id 
_pdbx_struct_conn_angle.ptnr2_auth_atom_id 
_pdbx_struct_conn_angle.ptnr2_auth_asym_id 
_pdbx_struct_conn_angle.ptnr2_auth_comp_id 
_pdbx_struct_conn_angle.ptnr2_auth_seq_id 
_pdbx_struct_conn_angle.ptnr2_PDB_ins_code 
_pdbx_struct_conn_angle.ptnr2_symmetry 
_pdbx_struct_conn_angle.ptnr3_label_atom_id 
_pdbx_struct_conn_angle.ptnr3_label_alt_id 
_pdbx_struct_conn_angle.ptnr3_label_asym_id 
_pdbx_struct_conn_angle.ptnr3_label_comp_id 
_pdbx_struct_conn_angle.ptnr3_label_seq_id 
_pdbx_struct_conn_angle.ptnr3_auth_atom_id 
_pdbx_struct_conn_angle.ptnr3_auth_asym_id 
_pdbx_struct_conn_angle.ptnr3_auth_comp_id 
_pdbx_struct_conn_angle.ptnr3_auth_seq_id 
_pdbx_struct_conn_angle.ptnr3_PDB_ins_code 
_pdbx_struct_conn_angle.ptnr3_symmetry 
_pdbx_struct_conn_angle.value 
_pdbx_struct_conn_angle.value_esd 
1  NE2 ? A HIS 61  ? A HIS 100 ? 1_555 CD ? E CD . ? A CD 304 ? 1_555 O   ? H HOH .   ? A HOH 454 ? 1_555 101.4 ? 
2  NE2 ? A HIS 61  ? A HIS 100 ? 1_555 CD ? E CD . ? A CD 304 ? 1_555 O   ? H HOH .   ? A HOH 455 ? 1_555 105.8 ? 
3  O   ? H HOH .   ? A HOH 454 ? 1_555 CD ? E CD . ? A CD 304 ? 1_555 O   ? H HOH .   ? A HOH 455 ? 1_555 115.9 ? 
4  NE2 ? A HIS 61  ? A HIS 100 ? 1_555 CD ? E CD . ? A CD 304 ? 1_555 O   ? H HOH .   ? A HOH 462 ? 1_555 100.5 ? 
5  O   ? H HOH .   ? A HOH 454 ? 1_555 CD ? E CD . ? A CD 304 ? 1_555 O   ? H HOH .   ? A HOH 462 ? 1_555 117.2 ? 
6  O   ? H HOH .   ? A HOH 455 ? 1_555 CD ? E CD . ? A CD 304 ? 1_555 O   ? H HOH .   ? A HOH 462 ? 1_555 113.1 ? 
7  SG  ? A CYS 83  ? A CYS 122 ? 1_555 CD ? D CD . ? A CD 303 ? 1_555 O   ? H HOH .   ? A HOH 448 ? 1_555 83.1  ? 
8  OE1 ? A GLU 128 ? A GLU 167 ? 1_555 CD ? B CD . ? A CD 301 ? 1_555 OE1 ? A GLU 128 ? A GLU 167 ? 1_555 0.0   ? 
9  OE1 ? A GLU 128 ? A GLU 167 ? 1_555 CD ? B CD . ? A CD 301 ? 1_555 SG  A A CYS 147 ? A CYS 186 ? 1_555 91.7  ? 
10 OE1 ? A GLU 128 ? A GLU 167 ? 1_555 CD ? B CD . ? A CD 301 ? 1_555 SG  A A CYS 147 ? A CYS 186 ? 1_555 91.7  ? 
11 OE1 ? A GLU 128 ? A GLU 167 ? 1_555 CD ? B CD . ? A CD 301 ? 1_555 SG  B A CYS 147 ? A CYS 186 ? 1_555 87.2  ? 
12 OE1 ? A GLU 128 ? A GLU 167 ? 1_555 CD ? B CD . ? A CD 301 ? 1_555 SG  B A CYS 147 ? A CYS 186 ? 1_555 87.2  ? 
13 SG  A A CYS 147 ? A CYS 186 ? 1_555 CD ? B CD . ? A CD 301 ? 1_555 SG  B A CYS 147 ? A CYS 186 ? 1_555 46.6  ? 
14 OE1 ? A GLU 128 ? A GLU 167 ? 1_555 CD ? B CD . ? A CD 301 ? 1_555 SG  A A CYS 147 ? A CYS 186 ? 1_555 91.7  ? 
15 OE1 ? A GLU 128 ? A GLU 167 ? 1_555 CD ? B CD . ? A CD 301 ? 1_555 SG  A A CYS 147 ? A CYS 186 ? 1_555 91.7  ? 
16 SG  A A CYS 147 ? A CYS 186 ? 1_555 CD ? B CD . ? A CD 301 ? 1_555 SG  A A CYS 147 ? A CYS 186 ? 1_555 0.0   ? 
17 SG  B A CYS 147 ? A CYS 186 ? 1_555 CD ? B CD . ? A CD 301 ? 1_555 SG  A A CYS 147 ? A CYS 186 ? 1_555 46.6  ? 
18 OE1 ? A GLU 128 ? A GLU 167 ? 1_555 CD ? B CD . ? A CD 301 ? 1_555 SG  B A CYS 147 ? A CYS 186 ? 1_555 87.2  ? 
19 OE1 ? A GLU 128 ? A GLU 167 ? 1_555 CD ? B CD . ? A CD 301 ? 1_555 SG  B A CYS 147 ? A CYS 186 ? 1_555 87.2  ? 
20 SG  A A CYS 147 ? A CYS 186 ? 1_555 CD ? B CD . ? A CD 301 ? 1_555 SG  B A CYS 147 ? A CYS 186 ? 1_555 46.6  ? 
21 SG  B A CYS 147 ? A CYS 186 ? 1_555 CD ? B CD . ? A CD 301 ? 1_555 SG  B A CYS 147 ? A CYS 186 ? 1_555 0.0   ? 
22 SG  A A CYS 147 ? A CYS 186 ? 1_555 CD ? B CD . ? A CD 301 ? 1_555 SG  B A CYS 147 ? A CYS 186 ? 1_555 46.6  ? 
23 OE1 ? A GLU 128 ? A GLU 167 ? 1_555 CD ? B CD . ? A CD 301 ? 1_555 O   ? H HOH .   ? A HOH 456 ? 1_555 90.2  ? 
24 OE1 ? A GLU 128 ? A GLU 167 ? 1_555 CD ? B CD . ? A CD 301 ? 1_555 O   ? H HOH .   ? A HOH 456 ? 1_555 90.2  ? 
25 SG  A A CYS 147 ? A CYS 186 ? 1_555 CD ? B CD . ? A CD 301 ? 1_555 O   ? H HOH .   ? A HOH 456 ? 1_555 72.3  ? 
26 SG  B A CYS 147 ? A CYS 186 ? 1_555 CD ? B CD . ? A CD 301 ? 1_555 O   ? H HOH .   ? A HOH 456 ? 1_555 118.8 ? 
27 SG  A A CYS 147 ? A CYS 186 ? 1_555 CD ? B CD . ? A CD 301 ? 1_555 O   ? H HOH .   ? A HOH 456 ? 1_555 72.3  ? 
28 SG  B A CYS 147 ? A CYS 186 ? 1_555 CD ? B CD . ? A CD 301 ? 1_555 O   ? H HOH .   ? A HOH 456 ? 1_555 118.8 ? 
29 OE1 ? A GLU 128 ? A GLU 167 ? 1_555 CD ? B CD . ? A CD 301 ? 1_555 O   ? H HOH .   ? A HOH 456 ? 5_655 94.3  ? 
30 OE1 ? A GLU 128 ? A GLU 167 ? 1_555 CD ? B CD . ? A CD 301 ? 1_555 O   ? H HOH .   ? A HOH 456 ? 5_655 94.3  ? 
31 SG  A A CYS 147 ? A CYS 186 ? 1_555 CD ? B CD . ? A CD 301 ? 1_555 O   ? H HOH .   ? A HOH 456 ? 5_655 108.1 ? 
32 SG  B A CYS 147 ? A CYS 186 ? 1_555 CD ? B CD . ? A CD 301 ? 1_555 O   ? H HOH .   ? A HOH 456 ? 5_655 154.7 ? 
33 SG  A A CYS 147 ? A CYS 186 ? 1_555 CD ? B CD . ? A CD 301 ? 1_555 O   ? H HOH .   ? A HOH 456 ? 5_655 108.1 ? 
34 SG  B A CYS 147 ? A CYS 186 ? 1_555 CD ? B CD . ? A CD 301 ? 1_555 O   ? H HOH .   ? A HOH 456 ? 5_655 154.7 ? 
35 O   ? H HOH .   ? A HOH 456 ? 1_555 CD ? B CD . ? A CD 301 ? 1_555 O   ? H HOH .   ? A HOH 456 ? 5_655 36.1  ? 
36 OE2 ? A GLU 128 ? A GLU 167 ? 1_555 CD ? C CD . ? A CD 302 ? 1_555 SG  A A CYS 147 ? A CYS 186 ? 1_555 73.8  ? 
37 OE2 ? A GLU 128 ? A GLU 167 ? 1_555 CD ? C CD . ? A CD 302 ? 1_555 SG  B A CYS 147 ? A CYS 186 ? 1_555 77.7  ? 
38 SG  A A CYS 147 ? A CYS 186 ? 1_555 CD ? C CD . ? A CD 302 ? 1_555 SG  B A CYS 147 ? A CYS 186 ? 1_555 19.3  ? 
39 OE2 ? A GLU 128 ? A GLU 167 ? 1_555 CD ? C CD . ? A CD 302 ? 1_555 O   ? H HOH .   ? A HOH 450 ? 5_655 102.5 ? 
40 SG  A A CYS 147 ? A CYS 186 ? 1_555 CD ? C CD . ? A CD 302 ? 1_555 O   ? H HOH .   ? A HOH 450 ? 5_655 124.5 ? 
41 SG  B A CYS 147 ? A CYS 186 ? 1_555 CD ? C CD . ? A CD 302 ? 1_555 O   ? H HOH .   ? A HOH 450 ? 5_655 105.3 ? 
42 OE2 ? A GLU 128 ? A GLU 167 ? 1_555 CD ? C CD . ? A CD 302 ? 1_555 O   ? H HOH .   ? A HOH 458 ? 1_555 104.3 ? 
43 SG  A A CYS 147 ? A CYS 186 ? 1_555 CD ? C CD . ? A CD 302 ? 1_555 O   ? H HOH .   ? A HOH 458 ? 1_555 123.4 ? 
44 SG  B A CYS 147 ? A CYS 186 ? 1_555 CD ? C CD . ? A CD 302 ? 1_555 O   ? H HOH .   ? A HOH 458 ? 1_555 141.7 ? 
45 O   ? H HOH .   ? A HOH 450 ? 5_655 CD ? C CD . ? A CD 302 ? 1_555 O   ? H HOH .   ? A HOH 458 ? 1_555 111.3 ? 
# 
loop_
_struct_mon_prot_cis.pdbx_id 
_struct_mon_prot_cis.label_comp_id 
_struct_mon_prot_cis.label_seq_id 
_struct_mon_prot_cis.label_asym_id 
_struct_mon_prot_cis.label_alt_id 
_struct_mon_prot_cis.pdbx_PDB_ins_code 
_struct_mon_prot_cis.auth_comp_id 
_struct_mon_prot_cis.auth_seq_id 
_struct_mon_prot_cis.auth_asym_id 
_struct_mon_prot_cis.pdbx_label_comp_id_2 
_struct_mon_prot_cis.pdbx_label_seq_id_2 
_struct_mon_prot_cis.pdbx_label_asym_id_2 
_struct_mon_prot_cis.pdbx_PDB_ins_code_2 
_struct_mon_prot_cis.pdbx_auth_comp_id_2 
_struct_mon_prot_cis.pdbx_auth_seq_id_2 
_struct_mon_prot_cis.pdbx_auth_asym_id_2 
_struct_mon_prot_cis.pdbx_PDB_model_num 
_struct_mon_prot_cis.pdbx_omega_angle 
1 PHE 33 A . ? PHE 72  A PRO 34 A ? PRO 73  A 1 -4.84  
2 SER 90 A . ? SER 129 A PRO 91 A ? PRO 130 A 1 -12.25 
# 
loop_
_struct_sheet.id 
_struct_sheet.type 
_struct_sheet.number_strands 
_struct_sheet.details 
AA1 ? 3 ? 
AA2 ? 5 ? 
AA3 ? 4 ? 
AA4 ? 3 ? 
AA5 ? 2 ? 
# 
loop_
_struct_sheet_order.sheet_id 
_struct_sheet_order.range_id_1 
_struct_sheet_order.range_id_2 
_struct_sheet_order.offset 
_struct_sheet_order.sense 
AA1 1 2 ? anti-parallel 
AA1 2 3 ? anti-parallel 
AA2 1 2 ? parallel      
AA2 2 3 ? anti-parallel 
AA2 3 4 ? anti-parallel 
AA2 4 5 ? anti-parallel 
AA3 1 2 ? anti-parallel 
AA3 2 3 ? anti-parallel 
AA3 3 4 ? anti-parallel 
AA4 1 2 ? anti-parallel 
AA4 2 3 ? parallel      
AA5 1 2 ? anti-parallel 
# 
loop_
_struct_sheet_range.sheet_id 
_struct_sheet_range.id 
_struct_sheet_range.beg_label_comp_id 
_struct_sheet_range.beg_label_asym_id 
_struct_sheet_range.beg_label_seq_id 
_struct_sheet_range.pdbx_beg_PDB_ins_code 
_struct_sheet_range.end_label_comp_id 
_struct_sheet_range.end_label_asym_id 
_struct_sheet_range.end_label_seq_id 
_struct_sheet_range.pdbx_end_PDB_ins_code 
_struct_sheet_range.beg_auth_comp_id 
_struct_sheet_range.beg_auth_asym_id 
_struct_sheet_range.beg_auth_seq_id 
_struct_sheet_range.end_auth_comp_id 
_struct_sheet_range.end_auth_asym_id 
_struct_sheet_range.end_auth_seq_id 
AA1 1 ARG A 4   ? LEU A 7   ? ARG A 43  LEU A 46  
AA1 2 LYS A 37  ? SER A 41  ? LYS A 76  SER A 80  
AA1 3 VAL A 102 ? SER A 103 ? VAL A 141 SER A 142 
AA2 1 ASN A 21  ? ILE A 24  ? ASN A 60  ILE A 63  
AA2 2 PHE A 153 ? VAL A 156 ? PHE A 192 VAL A 195 
AA2 3 LYS A 126 ? VAL A 136 ? LYS A 165 VAL A 175 
AA2 4 MET A 48  ? ALA A 57  ? MET A 87  ALA A 96  
AA2 5 ASN A 92  ? PHE A 93  ? ASN A 131 PHE A 132 
AA3 1 TYR A 85  ? ILE A 86  ? TYR A 124 ILE A 125 
AA3 2 MET A 48  ? ALA A 57  ? MET A 87  ALA A 96  
AA3 3 LYS A 126 ? VAL A 136 ? LYS A 165 VAL A 175 
AA3 4 MET A 142 ? CYS A 147 ? MET A 181 CYS A 186 
AA4 1 ARG A 30  ? ARG A 31  ? ARG A 69  ARG A 70  
AA4 2 LYS A 108 ? THR A 110 ? LYS A 147 THR A 149 
AA4 3 ILE A 119 ? MET A 120 ? ILE A 158 MET A 159 
AA5 1 TRP A 63  ? VAL A 66  ? TRP A 102 VAL A 105 
AA5 2 GLU A 69  ? PRO A 72  ? GLU A 108 PRO A 111 
# 
loop_
_pdbx_struct_sheet_hbond.sheet_id 
_pdbx_struct_sheet_hbond.range_id_1 
_pdbx_struct_sheet_hbond.range_id_2 
_pdbx_struct_sheet_hbond.range_1_label_atom_id 
_pdbx_struct_sheet_hbond.range_1_label_comp_id 
_pdbx_struct_sheet_hbond.range_1_label_asym_id 
_pdbx_struct_sheet_hbond.range_1_label_seq_id 
_pdbx_struct_sheet_hbond.range_1_PDB_ins_code 
_pdbx_struct_sheet_hbond.range_1_auth_atom_id 
_pdbx_struct_sheet_hbond.range_1_auth_comp_id 
_pdbx_struct_sheet_hbond.range_1_auth_asym_id 
_pdbx_struct_sheet_hbond.range_1_auth_seq_id 
_pdbx_struct_sheet_hbond.range_2_label_atom_id 
_pdbx_struct_sheet_hbond.range_2_label_comp_id 
_pdbx_struct_sheet_hbond.range_2_label_asym_id 
_pdbx_struct_sheet_hbond.range_2_label_seq_id 
_pdbx_struct_sheet_hbond.range_2_PDB_ins_code 
_pdbx_struct_sheet_hbond.range_2_auth_atom_id 
_pdbx_struct_sheet_hbond.range_2_auth_comp_id 
_pdbx_struct_sheet_hbond.range_2_auth_asym_id 
_pdbx_struct_sheet_hbond.range_2_auth_seq_id 
AA1 1 2 N GLY A 6   ? N GLY A 45  O ASN A 39  ? O ASN A 78  
AA1 2 3 N VAL A 38  ? N VAL A 77  O VAL A 102 ? O VAL A 141 
AA2 1 2 N MET A 23  ? N MET A 62  O VAL A 156 ? O VAL A 195 
AA2 2 3 O PHE A 153 ? O PHE A 192 N TYR A 127 ? N TYR A 166 
AA2 3 4 O HIS A 132 ? O HIS A 171 N LEU A 52  ? N LEU A 91  
AA2 4 5 N TYR A 49  ? N TYR A 88  O ASN A 92  ? O ASN A 131 
AA3 1 2 O TYR A 85  ? O TYR A 124 N LEU A 53  ? N LEU A 92  
AA3 2 3 N LEU A 52  ? N LEU A 91  O HIS A 132 ? O HIS A 171 
AA3 3 4 N ILE A 133 ? N ILE A 172 O THR A 144 ? O THR A 183 
AA4 1 2 N ARG A 30  ? N ARG A 69  O LEU A 109 ? O LEU A 148 
AA4 2 3 N THR A 110 ? N THR A 149 O ILE A 119 ? O ILE A 158 
AA5 1 2 N VAL A 66  ? N VAL A 105 O GLU A 69  ? O GLU A 108 
# 
loop_
_struct_site.id 
_struct_site.pdbx_evidence_code 
_struct_site.pdbx_auth_asym_id 
_struct_site.pdbx_auth_comp_id 
_struct_site.pdbx_auth_seq_id 
_struct_site.pdbx_auth_ins_code 
_struct_site.pdbx_num_residues 
_struct_site.details 
AC1 Software A CD  301 ? 8 'binding site for residue CD A 301'  
AC2 Software A CD  302 ? 6 'binding site for residue CD A 302'  
AC3 Software A CD  303 ? 4 'binding site for residue CD A 303'  
AC4 Software A CD  304 ? 5 'binding site for residue CD A 304'  
AC5 Software A CD  305 ? 4 'binding site for residue CD A 305'  
AC6 Software A NXS 306 ? 7 'binding site for residue NXS A 306' 
# 
loop_
_struct_site_gen.id 
_struct_site_gen.site_id 
_struct_site_gen.pdbx_num_res 
_struct_site_gen.label_comp_id 
_struct_site_gen.label_asym_id 
_struct_site_gen.label_seq_id 
_struct_site_gen.pdbx_auth_ins_code 
_struct_site_gen.auth_comp_id 
_struct_site_gen.auth_asym_id 
_struct_site_gen.auth_seq_id 
_struct_site_gen.label_atom_id 
_struct_site_gen.label_alt_id 
_struct_site_gen.symmetry 
_struct_site_gen.details 
1  AC1 8 GLU A 128 ? GLU A 167 . ? 1_555 ? 
2  AC1 8 GLU A 128 ? GLU A 167 . ? 5_655 ? 
3  AC1 8 CYS A 147 ? CYS A 186 . ? 5_655 ? 
4  AC1 8 CYS A 147 ? CYS A 186 . ? 1_555 ? 
5  AC1 8 CD  C .   ? CD  A 302 . ? 5_655 ? 
6  AC1 8 CD  C .   ? CD  A 302 . ? 1_555 ? 
7  AC1 8 HOH H .   ? HOH A 456 . ? 5_655 ? 
8  AC1 8 HOH H .   ? HOH A 456 . ? 1_555 ? 
9  AC2 6 GLU A 128 ? GLU A 167 . ? 1_555 ? 
10 AC2 6 CYS A 147 ? CYS A 186 . ? 5_655 ? 
11 AC2 6 CD  B .   ? CD  A 301 . ? 5_655 ? 
12 AC2 6 CD  B .   ? CD  A 301 . ? 1_555 ? 
13 AC2 6 HOH H .   ? HOH A 450 . ? 5_655 ? 
14 AC2 6 HOH H .   ? HOH A 458 . ? 1_555 ? 
15 AC3 4 CYS A 83  ? CYS A 122 . ? 1_555 ? 
16 AC3 4 HOH H .   ? HOH A 432 . ? 1_555 ? 
17 AC3 4 HOH H .   ? HOH A 448 . ? 1_555 ? 
18 AC3 4 HOH H .   ? HOH A 470 . ? 1_555 ? 
19 AC4 5 LEU A 52  ? LEU A 91  . ? 5_655 ? 
20 AC4 5 HIS A 61  ? HIS A 100 . ? 1_555 ? 
21 AC4 5 HOH H .   ? HOH A 454 . ? 1_555 ? 
22 AC4 5 HOH H .   ? HOH A 455 . ? 1_555 ? 
23 AC4 5 HOH H .   ? HOH A 462 . ? 1_555 ? 
24 AC5 4 CYS A 83  ? CYS A 122 . ? 1_555 ? 
25 AC5 4 HOH H .   ? HOH A 443 . ? 1_555 ? 
26 AC5 4 HOH H .   ? HOH A 469 . ? 1_555 ? 
27 AC5 4 HOH H .   ? HOH A 470 . ? 1_555 ? 
28 AC6 7 SER A 50  ? SER A 89  . ? 1_555 ? 
29 AC6 7 SER A 90  ? SER A 129 . ? 1_555 ? 
30 AC6 7 PRO A 91  ? PRO A 130 . ? 1_555 ? 
31 AC6 7 PHE A 93  ? PHE A 132 . ? 6_555 ? 
32 AC6 7 VAL A 136 ? VAL A 175 . ? 1_555 ? 
33 AC6 7 ARG A 141 ? ARG A 180 . ? 1_555 ? 
34 AC6 7 HOH H .   ? HOH A 462 . ? 5_655 ? 
# 
loop_
_pdbx_validate_torsion.id 
_pdbx_validate_torsion.PDB_model_num 
_pdbx_validate_torsion.auth_comp_id 
_pdbx_validate_torsion.auth_asym_id 
_pdbx_validate_torsion.auth_seq_id 
_pdbx_validate_torsion.PDB_ins_code 
_pdbx_validate_torsion.label_alt_id 
_pdbx_validate_torsion.phi 
_pdbx_validate_torsion.psi 
1 1 THR A 59  ? ? 71.59  103.76 
2 1 PHE A 143 ? ? -99.09 55.45  
# 
loop_
_pdbx_struct_special_symmetry.id 
_pdbx_struct_special_symmetry.PDB_model_num 
_pdbx_struct_special_symmetry.auth_asym_id 
_pdbx_struct_special_symmetry.auth_comp_id 
_pdbx_struct_special_symmetry.auth_seq_id 
_pdbx_struct_special_symmetry.PDB_ins_code 
_pdbx_struct_special_symmetry.label_asym_id 
_pdbx_struct_special_symmetry.label_comp_id 
_pdbx_struct_special_symmetry.label_seq_id 
1 1 A CD  301 ? B CD  . 
2 1 A HOH 415 ? H HOH . 
# 
_phasing.method   MR 
# 
_pdbx_entry_details.entry_id                 5QRQ 
_pdbx_entry_details.has_ligand_of_interest   Y 
_pdbx_entry_details.compound_details         ? 
_pdbx_entry_details.source_details           ? 
_pdbx_entry_details.nonpolymer_details       ? 
_pdbx_entry_details.sequence_details         ? 
# 
loop_
_pdbx_distant_solvent_atoms.id 
_pdbx_distant_solvent_atoms.PDB_model_num 
_pdbx_distant_solvent_atoms.auth_atom_id 
_pdbx_distant_solvent_atoms.label_alt_id 
_pdbx_distant_solvent_atoms.auth_asym_id 
_pdbx_distant_solvent_atoms.auth_comp_id 
_pdbx_distant_solvent_atoms.auth_seq_id 
_pdbx_distant_solvent_atoms.PDB_ins_code 
_pdbx_distant_solvent_atoms.neighbor_macromolecule_distance 
_pdbx_distant_solvent_atoms.neighbor_ligand_distance 
1 1 O ? A HOH 469 ? 6.28 . 
2 1 O ? A HOH 470 ? 6.44 . 
# 
_pdbx_unobs_or_zero_occ_residues.id               1 
_pdbx_unobs_or_zero_occ_residues.PDB_model_num    1 
_pdbx_unobs_or_zero_occ_residues.polymer_flag     Y 
_pdbx_unobs_or_zero_occ_residues.occupancy_flag   1 
_pdbx_unobs_or_zero_occ_residues.auth_asym_id     A 
_pdbx_unobs_or_zero_occ_residues.auth_comp_id     GLY 
_pdbx_unobs_or_zero_occ_residues.auth_seq_id      40 
_pdbx_unobs_or_zero_occ_residues.PDB_ins_code     ? 
_pdbx_unobs_or_zero_occ_residues.label_asym_id    A 
_pdbx_unobs_or_zero_occ_residues.label_comp_id    GLY 
_pdbx_unobs_or_zero_occ_residues.label_seq_id     1 
# 
loop_
_chem_comp_atom.comp_id 
_chem_comp_atom.atom_id 
_chem_comp_atom.type_symbol 
_chem_comp_atom.pdbx_aromatic_flag 
_chem_comp_atom.pdbx_stereo_config 
_chem_comp_atom.pdbx_ordinal 
ALA N    N  N N 1   
ALA CA   C  N S 2   
ALA C    C  N N 3   
ALA O    O  N N 4   
ALA CB   C  N N 5   
ALA OXT  O  N N 6   
ALA H    H  N N 7   
ALA H2   H  N N 8   
ALA HA   H  N N 9   
ALA HB1  H  N N 10  
ALA HB2  H  N N 11  
ALA HB3  H  N N 12  
ALA HXT  H  N N 13  
ARG N    N  N N 14  
ARG CA   C  N S 15  
ARG C    C  N N 16  
ARG O    O  N N 17  
ARG CB   C  N N 18  
ARG CG   C  N N 19  
ARG CD   C  N N 20  
ARG NE   N  N N 21  
ARG CZ   C  N N 22  
ARG NH1  N  N N 23  
ARG NH2  N  N N 24  
ARG OXT  O  N N 25  
ARG H    H  N N 26  
ARG H2   H  N N 27  
ARG HA   H  N N 28  
ARG HB2  H  N N 29  
ARG HB3  H  N N 30  
ARG HG2  H  N N 31  
ARG HG3  H  N N 32  
ARG HD2  H  N N 33  
ARG HD3  H  N N 34  
ARG HE   H  N N 35  
ARG HH11 H  N N 36  
ARG HH12 H  N N 37  
ARG HH21 H  N N 38  
ARG HH22 H  N N 39  
ARG HXT  H  N N 40  
ASN N    N  N N 41  
ASN CA   C  N S 42  
ASN C    C  N N 43  
ASN O    O  N N 44  
ASN CB   C  N N 45  
ASN CG   C  N N 46  
ASN OD1  O  N N 47  
ASN ND2  N  N N 48  
ASN OXT  O  N N 49  
ASN H    H  N N 50  
ASN H2   H  N N 51  
ASN HA   H  N N 52  
ASN HB2  H  N N 53  
ASN HB3  H  N N 54  
ASN HD21 H  N N 55  
ASN HD22 H  N N 56  
ASN HXT  H  N N 57  
ASP N    N  N N 58  
ASP CA   C  N S 59  
ASP C    C  N N 60  
ASP O    O  N N 61  
ASP CB   C  N N 62  
ASP CG   C  N N 63  
ASP OD1  O  N N 64  
ASP OD2  O  N N 65  
ASP OXT  O  N N 66  
ASP H    H  N N 67  
ASP H2   H  N N 68  
ASP HA   H  N N 69  
ASP HB2  H  N N 70  
ASP HB3  H  N N 71  
ASP HD2  H  N N 72  
ASP HXT  H  N N 73  
CD  CD   CD N N 74  
CYS N    N  N N 75  
CYS CA   C  N R 76  
CYS C    C  N N 77  
CYS O    O  N N 78  
CYS CB   C  N N 79  
CYS SG   S  N N 80  
CYS OXT  O  N N 81  
CYS H    H  N N 82  
CYS H2   H  N N 83  
CYS HA   H  N N 84  
CYS HB2  H  N N 85  
CYS HB3  H  N N 86  
CYS HG   H  N N 87  
CYS HXT  H  N N 88  
GLN N    N  N N 89  
GLN CA   C  N S 90  
GLN C    C  N N 91  
GLN O    O  N N 92  
GLN CB   C  N N 93  
GLN CG   C  N N 94  
GLN CD   C  N N 95  
GLN OE1  O  N N 96  
GLN NE2  N  N N 97  
GLN OXT  O  N N 98  
GLN H    H  N N 99  
GLN H2   H  N N 100 
GLN HA   H  N N 101 
GLN HB2  H  N N 102 
GLN HB3  H  N N 103 
GLN HG2  H  N N 104 
GLN HG3  H  N N 105 
GLN HE21 H  N N 106 
GLN HE22 H  N N 107 
GLN HXT  H  N N 108 
GLU N    N  N N 109 
GLU CA   C  N S 110 
GLU C    C  N N 111 
GLU O    O  N N 112 
GLU CB   C  N N 113 
GLU CG   C  N N 114 
GLU CD   C  N N 115 
GLU OE1  O  N N 116 
GLU OE2  O  N N 117 
GLU OXT  O  N N 118 
GLU H    H  N N 119 
GLU H2   H  N N 120 
GLU HA   H  N N 121 
GLU HB2  H  N N 122 
GLU HB3  H  N N 123 
GLU HG2  H  N N 124 
GLU HG3  H  N N 125 
GLU HE2  H  N N 126 
GLU HXT  H  N N 127 
GLY N    N  N N 128 
GLY CA   C  N N 129 
GLY C    C  N N 130 
GLY O    O  N N 131 
GLY OXT  O  N N 132 
GLY H    H  N N 133 
GLY H2   H  N N 134 
GLY HA2  H  N N 135 
GLY HA3  H  N N 136 
GLY HXT  H  N N 137 
HIS N    N  N N 138 
HIS CA   C  N S 139 
HIS C    C  N N 140 
HIS O    O  N N 141 
HIS CB   C  N N 142 
HIS CG   C  Y N 143 
HIS ND1  N  Y N 144 
HIS CD2  C  Y N 145 
HIS CE1  C  Y N 146 
HIS NE2  N  Y N 147 
HIS OXT  O  N N 148 
HIS H    H  N N 149 
HIS H2   H  N N 150 
HIS HA   H  N N 151 
HIS HB2  H  N N 152 
HIS HB3  H  N N 153 
HIS HD1  H  N N 154 
HIS HD2  H  N N 155 
HIS HE1  H  N N 156 
HIS HE2  H  N N 157 
HIS HXT  H  N N 158 
HOH O    O  N N 159 
HOH H1   H  N N 160 
HOH H2   H  N N 161 
ILE N    N  N N 162 
ILE CA   C  N S 163 
ILE C    C  N N 164 
ILE O    O  N N 165 
ILE CB   C  N S 166 
ILE CG1  C  N N 167 
ILE CG2  C  N N 168 
ILE CD1  C  N N 169 
ILE OXT  O  N N 170 
ILE H    H  N N 171 
ILE H2   H  N N 172 
ILE HA   H  N N 173 
ILE HB   H  N N 174 
ILE HG12 H  N N 175 
ILE HG13 H  N N 176 
ILE HG21 H  N N 177 
ILE HG22 H  N N 178 
ILE HG23 H  N N 179 
ILE HD11 H  N N 180 
ILE HD12 H  N N 181 
ILE HD13 H  N N 182 
ILE HXT  H  N N 183 
LEU N    N  N N 184 
LEU CA   C  N S 185 
LEU C    C  N N 186 
LEU O    O  N N 187 
LEU CB   C  N N 188 
LEU CG   C  N N 189 
LEU CD1  C  N N 190 
LEU CD2  C  N N 191 
LEU OXT  O  N N 192 
LEU H    H  N N 193 
LEU H2   H  N N 194 
LEU HA   H  N N 195 
LEU HB2  H  N N 196 
LEU HB3  H  N N 197 
LEU HG   H  N N 198 
LEU HD11 H  N N 199 
LEU HD12 H  N N 200 
LEU HD13 H  N N 201 
LEU HD21 H  N N 202 
LEU HD22 H  N N 203 
LEU HD23 H  N N 204 
LEU HXT  H  N N 205 
LYS N    N  N N 206 
LYS CA   C  N S 207 
LYS C    C  N N 208 
LYS O    O  N N 209 
LYS CB   C  N N 210 
LYS CG   C  N N 211 
LYS CD   C  N N 212 
LYS CE   C  N N 213 
LYS NZ   N  N N 214 
LYS OXT  O  N N 215 
LYS H    H  N N 216 
LYS H2   H  N N 217 
LYS HA   H  N N 218 
LYS HB2  H  N N 219 
LYS HB3  H  N N 220 
LYS HG2  H  N N 221 
LYS HG3  H  N N 222 
LYS HD2  H  N N 223 
LYS HD3  H  N N 224 
LYS HE2  H  N N 225 
LYS HE3  H  N N 226 
LYS HZ1  H  N N 227 
LYS HZ2  H  N N 228 
LYS HZ3  H  N N 229 
LYS HXT  H  N N 230 
MET N    N  N N 231 
MET CA   C  N S 232 
MET C    C  N N 233 
MET O    O  N N 234 
MET CB   C  N N 235 
MET CG   C  N N 236 
MET SD   S  N N 237 
MET CE   C  N N 238 
MET OXT  O  N N 239 
MET H    H  N N 240 
MET H2   H  N N 241 
MET HA   H  N N 242 
MET HB2  H  N N 243 
MET HB3  H  N N 244 
MET HG2  H  N N 245 
MET HG3  H  N N 246 
MET HE1  H  N N 247 
MET HE2  H  N N 248 
MET HE3  H  N N 249 
MET HXT  H  N N 250 
NXS N1   N  N N 251 
NXS N3   N  Y N 252 
NXS C4   C  N N 253 
NXS C5   C  N N 254 
NXS C6   C  N N 255 
NXS C7   C  Y N 256 
NXS C8   C  Y N 257 
NXS C10  C  Y N 258 
NXS C1   C  N N 259 
NXS C2   C  N N 260 
NXS C3   C  N N 261 
NXS C9   C  Y N 262 
NXS N2   N  Y N 263 
NXS O1   O  N N 264 
NXS H1   H  N N 265 
NXS H2   H  N N 266 
NXS H3   H  N N 267 
NXS H4   H  N N 268 
NXS H5   H  N N 269 
NXS H6   H  N N 270 
NXS H7   H  N N 271 
NXS H8   H  N N 272 
NXS H9   H  N N 273 
NXS H10  H  N N 274 
NXS H11  H  N N 275 
NXS H12  H  N N 276 
NXS H13  H  N N 277 
NXS H14  H  N N 278 
NXS H15  H  N N 279 
PHE N    N  N N 280 
PHE CA   C  N S 281 
PHE C    C  N N 282 
PHE O    O  N N 283 
PHE CB   C  N N 284 
PHE CG   C  Y N 285 
PHE CD1  C  Y N 286 
PHE CD2  C  Y N 287 
PHE CE1  C  Y N 288 
PHE CE2  C  Y N 289 
PHE CZ   C  Y N 290 
PHE OXT  O  N N 291 
PHE H    H  N N 292 
PHE H2   H  N N 293 
PHE HA   H  N N 294 
PHE HB2  H  N N 295 
PHE HB3  H  N N 296 
PHE HD1  H  N N 297 
PHE HD2  H  N N 298 
PHE HE1  H  N N 299 
PHE HE2  H  N N 300 
PHE HZ   H  N N 301 
PHE HXT  H  N N 302 
PRO N    N  N N 303 
PRO CA   C  N S 304 
PRO C    C  N N 305 
PRO O    O  N N 306 
PRO CB   C  N N 307 
PRO CG   C  N N 308 
PRO CD   C  N N 309 
PRO OXT  O  N N 310 
PRO H    H  N N 311 
PRO HA   H  N N 312 
PRO HB2  H  N N 313 
PRO HB3  H  N N 314 
PRO HG2  H  N N 315 
PRO HG3  H  N N 316 
PRO HD2  H  N N 317 
PRO HD3  H  N N 318 
PRO HXT  H  N N 319 
SER N    N  N N 320 
SER CA   C  N S 321 
SER C    C  N N 322 
SER O    O  N N 323 
SER CB   C  N N 324 
SER OG   O  N N 325 
SER OXT  O  N N 326 
SER H    H  N N 327 
SER H2   H  N N 328 
SER HA   H  N N 329 
SER HB2  H  N N 330 
SER HB3  H  N N 331 
SER HG   H  N N 332 
SER HXT  H  N N 333 
THR N    N  N N 334 
THR CA   C  N S 335 
THR C    C  N N 336 
THR O    O  N N 337 
THR CB   C  N R 338 
THR OG1  O  N N 339 
THR CG2  C  N N 340 
THR OXT  O  N N 341 
THR H    H  N N 342 
THR H2   H  N N 343 
THR HA   H  N N 344 
THR HB   H  N N 345 
THR HG1  H  N N 346 
THR HG21 H  N N 347 
THR HG22 H  N N 348 
THR HG23 H  N N 349 
THR HXT  H  N N 350 
TRP N    N  N N 351 
TRP CA   C  N S 352 
TRP C    C  N N 353 
TRP O    O  N N 354 
TRP CB   C  N N 355 
TRP CG   C  Y N 356 
TRP CD1  C  Y N 357 
TRP CD2  C  Y N 358 
TRP NE1  N  Y N 359 
TRP CE2  C  Y N 360 
TRP CE3  C  Y N 361 
TRP CZ2  C  Y N 362 
TRP CZ3  C  Y N 363 
TRP CH2  C  Y N 364 
TRP OXT  O  N N 365 
TRP H    H  N N 366 
TRP H2   H  N N 367 
TRP HA   H  N N 368 
TRP HB2  H  N N 369 
TRP HB3  H  N N 370 
TRP HD1  H  N N 371 
TRP HE1  H  N N 372 
TRP HE3  H  N N 373 
TRP HZ2  H  N N 374 
TRP HZ3  H  N N 375 
TRP HH2  H  N N 376 
TRP HXT  H  N N 377 
TYR N    N  N N 378 
TYR CA   C  N S 379 
TYR C    C  N N 380 
TYR O    O  N N 381 
TYR CB   C  N N 382 
TYR CG   C  Y N 383 
TYR CD1  C  Y N 384 
TYR CD2  C  Y N 385 
TYR CE1  C  Y N 386 
TYR CE2  C  Y N 387 
TYR CZ   C  Y N 388 
TYR OH   O  N N 389 
TYR OXT  O  N N 390 
TYR H    H  N N 391 
TYR H2   H  N N 392 
TYR HA   H  N N 393 
TYR HB2  H  N N 394 
TYR HB3  H  N N 395 
TYR HD1  H  N N 396 
TYR HD2  H  N N 397 
TYR HE1  H  N N 398 
TYR HE2  H  N N 399 
TYR HH   H  N N 400 
TYR HXT  H  N N 401 
VAL N    N  N N 402 
VAL CA   C  N S 403 
VAL C    C  N N 404 
VAL O    O  N N 405 
VAL CB   C  N N 406 
VAL CG1  C  N N 407 
VAL CG2  C  N N 408 
VAL OXT  O  N N 409 
VAL H    H  N N 410 
VAL H2   H  N N 411 
VAL HA   H  N N 412 
VAL HB   H  N N 413 
VAL HG11 H  N N 414 
VAL HG12 H  N N 415 
VAL HG13 H  N N 416 
VAL HG21 H  N N 417 
VAL HG22 H  N N 418 
VAL HG23 H  N N 419 
VAL HXT  H  N N 420 
# 
loop_
_chem_comp_bond.comp_id 
_chem_comp_bond.atom_id_1 
_chem_comp_bond.atom_id_2 
_chem_comp_bond.value_order 
_chem_comp_bond.pdbx_aromatic_flag 
_chem_comp_bond.pdbx_stereo_config 
_chem_comp_bond.pdbx_ordinal 
ALA N   CA   sing N N 1   
ALA N   H    sing N N 2   
ALA N   H2   sing N N 3   
ALA CA  C    sing N N 4   
ALA CA  CB   sing N N 5   
ALA CA  HA   sing N N 6   
ALA C   O    doub N N 7   
ALA C   OXT  sing N N 8   
ALA CB  HB1  sing N N 9   
ALA CB  HB2  sing N N 10  
ALA CB  HB3  sing N N 11  
ALA OXT HXT  sing N N 12  
ARG N   CA   sing N N 13  
ARG N   H    sing N N 14  
ARG N   H2   sing N N 15  
ARG CA  C    sing N N 16  
ARG CA  CB   sing N N 17  
ARG CA  HA   sing N N 18  
ARG C   O    doub N N 19  
ARG C   OXT  sing N N 20  
ARG CB  CG   sing N N 21  
ARG CB  HB2  sing N N 22  
ARG CB  HB3  sing N N 23  
ARG CG  CD   sing N N 24  
ARG CG  HG2  sing N N 25  
ARG CG  HG3  sing N N 26  
ARG CD  NE   sing N N 27  
ARG CD  HD2  sing N N 28  
ARG CD  HD3  sing N N 29  
ARG NE  CZ   sing N N 30  
ARG NE  HE   sing N N 31  
ARG CZ  NH1  sing N N 32  
ARG CZ  NH2  doub N N 33  
ARG NH1 HH11 sing N N 34  
ARG NH1 HH12 sing N N 35  
ARG NH2 HH21 sing N N 36  
ARG NH2 HH22 sing N N 37  
ARG OXT HXT  sing N N 38  
ASN N   CA   sing N N 39  
ASN N   H    sing N N 40  
ASN N   H2   sing N N 41  
ASN CA  C    sing N N 42  
ASN CA  CB   sing N N 43  
ASN CA  HA   sing N N 44  
ASN C   O    doub N N 45  
ASN C   OXT  sing N N 46  
ASN CB  CG   sing N N 47  
ASN CB  HB2  sing N N 48  
ASN CB  HB3  sing N N 49  
ASN CG  OD1  doub N N 50  
ASN CG  ND2  sing N N 51  
ASN ND2 HD21 sing N N 52  
ASN ND2 HD22 sing N N 53  
ASN OXT HXT  sing N N 54  
ASP N   CA   sing N N 55  
ASP N   H    sing N N 56  
ASP N   H2   sing N N 57  
ASP CA  C    sing N N 58  
ASP CA  CB   sing N N 59  
ASP CA  HA   sing N N 60  
ASP C   O    doub N N 61  
ASP C   OXT  sing N N 62  
ASP CB  CG   sing N N 63  
ASP CB  HB2  sing N N 64  
ASP CB  HB3  sing N N 65  
ASP CG  OD1  doub N N 66  
ASP CG  OD2  sing N N 67  
ASP OD2 HD2  sing N N 68  
ASP OXT HXT  sing N N 69  
CYS N   CA   sing N N 70  
CYS N   H    sing N N 71  
CYS N   H2   sing N N 72  
CYS CA  C    sing N N 73  
CYS CA  CB   sing N N 74  
CYS CA  HA   sing N N 75  
CYS C   O    doub N N 76  
CYS C   OXT  sing N N 77  
CYS CB  SG   sing N N 78  
CYS CB  HB2  sing N N 79  
CYS CB  HB3  sing N N 80  
CYS SG  HG   sing N N 81  
CYS OXT HXT  sing N N 82  
GLN N   CA   sing N N 83  
GLN N   H    sing N N 84  
GLN N   H2   sing N N 85  
GLN CA  C    sing N N 86  
GLN CA  CB   sing N N 87  
GLN CA  HA   sing N N 88  
GLN C   O    doub N N 89  
GLN C   OXT  sing N N 90  
GLN CB  CG   sing N N 91  
GLN CB  HB2  sing N N 92  
GLN CB  HB3  sing N N 93  
GLN CG  CD   sing N N 94  
GLN CG  HG2  sing N N 95  
GLN CG  HG3  sing N N 96  
GLN CD  OE1  doub N N 97  
GLN CD  NE2  sing N N 98  
GLN NE2 HE21 sing N N 99  
GLN NE2 HE22 sing N N 100 
GLN OXT HXT  sing N N 101 
GLU N   CA   sing N N 102 
GLU N   H    sing N N 103 
GLU N   H2   sing N N 104 
GLU CA  C    sing N N 105 
GLU CA  CB   sing N N 106 
GLU CA  HA   sing N N 107 
GLU C   O    doub N N 108 
GLU C   OXT  sing N N 109 
GLU CB  CG   sing N N 110 
GLU CB  HB2  sing N N 111 
GLU CB  HB3  sing N N 112 
GLU CG  CD   sing N N 113 
GLU CG  HG2  sing N N 114 
GLU CG  HG3  sing N N 115 
GLU CD  OE1  doub N N 116 
GLU CD  OE2  sing N N 117 
GLU OE2 HE2  sing N N 118 
GLU OXT HXT  sing N N 119 
GLY N   CA   sing N N 120 
GLY N   H    sing N N 121 
GLY N   H2   sing N N 122 
GLY CA  C    sing N N 123 
GLY CA  HA2  sing N N 124 
GLY CA  HA3  sing N N 125 
GLY C   O    doub N N 126 
GLY C   OXT  sing N N 127 
GLY OXT HXT  sing N N 128 
HIS N   CA   sing N N 129 
HIS N   H    sing N N 130 
HIS N   H2   sing N N 131 
HIS CA  C    sing N N 132 
HIS CA  CB   sing N N 133 
HIS CA  HA   sing N N 134 
HIS C   O    doub N N 135 
HIS C   OXT  sing N N 136 
HIS CB  CG   sing N N 137 
HIS CB  HB2  sing N N 138 
HIS CB  HB3  sing N N 139 
HIS CG  ND1  sing Y N 140 
HIS CG  CD2  doub Y N 141 
HIS ND1 CE1  doub Y N 142 
HIS ND1 HD1  sing N N 143 
HIS CD2 NE2  sing Y N 144 
HIS CD2 HD2  sing N N 145 
HIS CE1 NE2  sing Y N 146 
HIS CE1 HE1  sing N N 147 
HIS NE2 HE2  sing N N 148 
HIS OXT HXT  sing N N 149 
HOH O   H1   sing N N 150 
HOH O   H2   sing N N 151 
ILE N   CA   sing N N 152 
ILE N   H    sing N N 153 
ILE N   H2   sing N N 154 
ILE CA  C    sing N N 155 
ILE CA  CB   sing N N 156 
ILE CA  HA   sing N N 157 
ILE C   O    doub N N 158 
ILE C   OXT  sing N N 159 
ILE CB  CG1  sing N N 160 
ILE CB  CG2  sing N N 161 
ILE CB  HB   sing N N 162 
ILE CG1 CD1  sing N N 163 
ILE CG1 HG12 sing N N 164 
ILE CG1 HG13 sing N N 165 
ILE CG2 HG21 sing N N 166 
ILE CG2 HG22 sing N N 167 
ILE CG2 HG23 sing N N 168 
ILE CD1 HD11 sing N N 169 
ILE CD1 HD12 sing N N 170 
ILE CD1 HD13 sing N N 171 
ILE OXT HXT  sing N N 172 
LEU N   CA   sing N N 173 
LEU N   H    sing N N 174 
LEU N   H2   sing N N 175 
LEU CA  C    sing N N 176 
LEU CA  CB   sing N N 177 
LEU CA  HA   sing N N 178 
LEU C   O    doub N N 179 
LEU C   OXT  sing N N 180 
LEU CB  CG   sing N N 181 
LEU CB  HB2  sing N N 182 
LEU CB  HB3  sing N N 183 
LEU CG  CD1  sing N N 184 
LEU CG  CD2  sing N N 185 
LEU CG  HG   sing N N 186 
LEU CD1 HD11 sing N N 187 
LEU CD1 HD12 sing N N 188 
LEU CD1 HD13 sing N N 189 
LEU CD2 HD21 sing N N 190 
LEU CD2 HD22 sing N N 191 
LEU CD2 HD23 sing N N 192 
LEU OXT HXT  sing N N 193 
LYS N   CA   sing N N 194 
LYS N   H    sing N N 195 
LYS N   H2   sing N N 196 
LYS CA  C    sing N N 197 
LYS CA  CB   sing N N 198 
LYS CA  HA   sing N N 199 
LYS C   O    doub N N 200 
LYS C   OXT  sing N N 201 
LYS CB  CG   sing N N 202 
LYS CB  HB2  sing N N 203 
LYS CB  HB3  sing N N 204 
LYS CG  CD   sing N N 205 
LYS CG  HG2  sing N N 206 
LYS CG  HG3  sing N N 207 
LYS CD  CE   sing N N 208 
LYS CD  HD2  sing N N 209 
LYS CD  HD3  sing N N 210 
LYS CE  NZ   sing N N 211 
LYS CE  HE2  sing N N 212 
LYS CE  HE3  sing N N 213 
LYS NZ  HZ1  sing N N 214 
LYS NZ  HZ2  sing N N 215 
LYS NZ  HZ3  sing N N 216 
LYS OXT HXT  sing N N 217 
MET N   CA   sing N N 218 
MET N   H    sing N N 219 
MET N   H2   sing N N 220 
MET CA  C    sing N N 221 
MET CA  CB   sing N N 222 
MET CA  HA   sing N N 223 
MET C   O    doub N N 224 
MET C   OXT  sing N N 225 
MET CB  CG   sing N N 226 
MET CB  HB2  sing N N 227 
MET CB  HB3  sing N N 228 
MET CG  SD   sing N N 229 
MET CG  HG2  sing N N 230 
MET CG  HG3  sing N N 231 
MET SD  CE   sing N N 232 
MET CE  HE1  sing N N 233 
MET CE  HE2  sing N N 234 
MET CE  HE3  sing N N 235 
MET OXT HXT  sing N N 236 
NXS C3  C2   sing N N 237 
NXS C3  C4   sing N N 238 
NXS C2  C6   sing N N 239 
NXS C2  C1   sing N N 240 
NXS C4  N1   sing N N 241 
NXS C5  C6   sing N N 242 
NXS C5  N1   sing N N 243 
NXS C1  O1   sing N N 244 
NXS N1  C7   sing N N 245 
NXS C7  N3   doub Y N 246 
NXS C7  N2   sing Y N 247 
NXS N3  C10  sing Y N 248 
NXS N2  C8   doub Y N 249 
NXS C10 C9   doub Y N 250 
NXS C8  C9   sing Y N 251 
NXS C4  H1   sing N N 252 
NXS C4  H2   sing N N 253 
NXS C5  H3   sing N N 254 
NXS C5  H4   sing N N 255 
NXS C6  H5   sing N N 256 
NXS C6  H6   sing N N 257 
NXS C8  H7   sing N N 258 
NXS C10 H8   sing N N 259 
NXS C1  H9   sing N N 260 
NXS C1  H10  sing N N 261 
NXS C2  H11  sing N N 262 
NXS C3  H12  sing N N 263 
NXS C3  H13  sing N N 264 
NXS C9  H14  sing N N 265 
NXS O1  H15  sing N N 266 
PHE N   CA   sing N N 267 
PHE N   H    sing N N 268 
PHE N   H2   sing N N 269 
PHE CA  C    sing N N 270 
PHE CA  CB   sing N N 271 
PHE CA  HA   sing N N 272 
PHE C   O    doub N N 273 
PHE C   OXT  sing N N 274 
PHE CB  CG   sing N N 275 
PHE CB  HB2  sing N N 276 
PHE CB  HB3  sing N N 277 
PHE CG  CD1  doub Y N 278 
PHE CG  CD2  sing Y N 279 
PHE CD1 CE1  sing Y N 280 
PHE CD1 HD1  sing N N 281 
PHE CD2 CE2  doub Y N 282 
PHE CD2 HD2  sing N N 283 
PHE CE1 CZ   doub Y N 284 
PHE CE1 HE1  sing N N 285 
PHE CE2 CZ   sing Y N 286 
PHE CE2 HE2  sing N N 287 
PHE CZ  HZ   sing N N 288 
PHE OXT HXT  sing N N 289 
PRO N   CA   sing N N 290 
PRO N   CD   sing N N 291 
PRO N   H    sing N N 292 
PRO CA  C    sing N N 293 
PRO CA  CB   sing N N 294 
PRO CA  HA   sing N N 295 
PRO C   O    doub N N 296 
PRO C   OXT  sing N N 297 
PRO CB  CG   sing N N 298 
PRO CB  HB2  sing N N 299 
PRO CB  HB3  sing N N 300 
PRO CG  CD   sing N N 301 
PRO CG  HG2  sing N N 302 
PRO CG  HG3  sing N N 303 
PRO CD  HD2  sing N N 304 
PRO CD  HD3  sing N N 305 
PRO OXT HXT  sing N N 306 
SER N   CA   sing N N 307 
SER N   H    sing N N 308 
SER N   H2   sing N N 309 
SER CA  C    sing N N 310 
SER CA  CB   sing N N 311 
SER CA  HA   sing N N 312 
SER C   O    doub N N 313 
SER C   OXT  sing N N 314 
SER CB  OG   sing N N 315 
SER CB  HB2  sing N N 316 
SER CB  HB3  sing N N 317 
SER OG  HG   sing N N 318 
SER OXT HXT  sing N N 319 
THR N   CA   sing N N 320 
THR N   H    sing N N 321 
THR N   H2   sing N N 322 
THR CA  C    sing N N 323 
THR CA  CB   sing N N 324 
THR CA  HA   sing N N 325 
THR C   O    doub N N 326 
THR C   OXT  sing N N 327 
THR CB  OG1  sing N N 328 
THR CB  CG2  sing N N 329 
THR CB  HB   sing N N 330 
THR OG1 HG1  sing N N 331 
THR CG2 HG21 sing N N 332 
THR CG2 HG22 sing N N 333 
THR CG2 HG23 sing N N 334 
THR OXT HXT  sing N N 335 
TRP N   CA   sing N N 336 
TRP N   H    sing N N 337 
TRP N   H2   sing N N 338 
TRP CA  C    sing N N 339 
TRP CA  CB   sing N N 340 
TRP CA  HA   sing N N 341 
TRP C   O    doub N N 342 
TRP C   OXT  sing N N 343 
TRP CB  CG   sing N N 344 
TRP CB  HB2  sing N N 345 
TRP CB  HB3  sing N N 346 
TRP CG  CD1  doub Y N 347 
TRP CG  CD2  sing Y N 348 
TRP CD1 NE1  sing Y N 349 
TRP CD1 HD1  sing N N 350 
TRP CD2 CE2  doub Y N 351 
TRP CD2 CE3  sing Y N 352 
TRP NE1 CE2  sing Y N 353 
TRP NE1 HE1  sing N N 354 
TRP CE2 CZ2  sing Y N 355 
TRP CE3 CZ3  doub Y N 356 
TRP CE3 HE3  sing N N 357 
TRP CZ2 CH2  doub Y N 358 
TRP CZ2 HZ2  sing N N 359 
TRP CZ3 CH2  sing Y N 360 
TRP CZ3 HZ3  sing N N 361 
TRP CH2 HH2  sing N N 362 
TRP OXT HXT  sing N N 363 
TYR N   CA   sing N N 364 
TYR N   H    sing N N 365 
TYR N   H2   sing N N 366 
TYR CA  C    sing N N 367 
TYR CA  CB   sing N N 368 
TYR CA  HA   sing N N 369 
TYR C   O    doub N N 370 
TYR C   OXT  sing N N 371 
TYR CB  CG   sing N N 372 
TYR CB  HB2  sing N N 373 
TYR CB  HB3  sing N N 374 
TYR CG  CD1  doub Y N 375 
TYR CG  CD2  sing Y N 376 
TYR CD1 CE1  sing Y N 377 
TYR CD1 HD1  sing N N 378 
TYR CD2 CE2  doub Y N 379 
TYR CD2 HD2  sing N N 380 
TYR CE1 CZ   doub Y N 381 
TYR CE1 HE1  sing N N 382 
TYR CE2 CZ   sing Y N 383 
TYR CE2 HE2  sing N N 384 
TYR CZ  OH   sing N N 385 
TYR OH  HH   sing N N 386 
TYR OXT HXT  sing N N 387 
VAL N   CA   sing N N 388 
VAL N   H    sing N N 389 
VAL N   H2   sing N N 390 
VAL CA  C    sing N N 391 
VAL CA  CB   sing N N 392 
VAL CA  HA   sing N N 393 
VAL C   O    doub N N 394 
VAL C   OXT  sing N N 395 
VAL CB  CG1  sing N N 396 
VAL CB  CG2  sing N N 397 
VAL CB  HB   sing N N 398 
VAL CG1 HG11 sing N N 399 
VAL CG1 HG12 sing N N 400 
VAL CG1 HG13 sing N N 401 
VAL CG2 HG21 sing N N 402 
VAL CG2 HG22 sing N N 403 
VAL CG2 HG23 sing N N 404 
VAL OXT HXT  sing N N 405 
# 
_pdbx_deposit_group.group_id            G_1002080 
_pdbx_deposit_group.group_description   
;Human Brachyury screened against the DSI-poised Fragment Library by X-ray Crystallography at the XChem facility of Diamond Light Source beamline I04-1
;
_pdbx_deposit_group.group_title         'PanDDA analysis group deposition' 
_pdbx_deposit_group.group_type          'changed state' 
# 
_pdbx_entity_instance_feature.ordinal        1 
_pdbx_entity_instance_feature.comp_id        NXS 
_pdbx_entity_instance_feature.asym_id        ? 
_pdbx_entity_instance_feature.seq_num        ? 
_pdbx_entity_instance_feature.auth_comp_id   NXS 
_pdbx_entity_instance_feature.auth_asym_id   ? 
_pdbx_entity_instance_feature.auth_seq_num   ? 
_pdbx_entity_instance_feature.feature_type   'SUBJECT OF INVESTIGATION' 
_pdbx_entity_instance_feature.details        ? 
# 
_atom_sites.entry_id                    5QRQ 
_atom_sites.fract_transf_matrix[1][1]   -0.00330273 
_atom_sites.fract_transf_matrix[1][2]   0.01328695 
_atom_sites.fract_transf_matrix[1][3]   -0.00955713 
_atom_sites.fract_transf_matrix[2][1]   -0.01630844 
_atom_sites.fract_transf_matrix[2][2]   -0.00349625 
_atom_sites.fract_transf_matrix[2][3]   0.00077512 
_atom_sites.fract_transf_matrix[3][1]   -0.00075434 
_atom_sites.fract_transf_matrix[3][2]   0.00516993 
_atom_sites.fract_transf_matrix[3][3]   0.00744825 
_atom_sites.fract_transf_vector[1]      0.345144 
_atom_sites.fract_transf_vector[2]      -0.020029 
_atom_sites.fract_transf_vector[3]      0.060442 
# 
loop_
_atom_type.symbol 
C  
CD 
N  
O  
S  
# 
loop_
_atom_site.group_PDB 
_atom_site.id 
_atom_site.type_symbol 
_atom_site.label_atom_id 
_atom_site.label_alt_id 
_atom_site.label_comp_id 
_atom_site.label_asym_id 
_atom_site.label_entity_id 
_atom_site.label_seq_id 
_atom_site.pdbx_PDB_ins_code 
_atom_site.Cartn_x 
_atom_site.Cartn_y 
_atom_site.Cartn_z 
_atom_site.occupancy 
_atom_site.B_iso_or_equiv 
_atom_site.pdbx_formal_charge 
_atom_site.auth_seq_id 
_atom_site.auth_comp_id 
_atom_site.auth_asym_id 
_atom_site.auth_atom_id 
_atom_site.pdbx_PDB_model_num 
ATOM   1    N  N   . GLU A 1 2   ? 9.469   22.341  -4.655  1.00 73.68  ? 41  GLU A N   1 
ATOM   2    C  CA  . GLU A 1 2   ? 8.705   21.215  -5.276  1.00 72.61  ? 41  GLU A CA  1 
ATOM   3    C  C   . GLU A 1 2   ? 8.540   20.111  -4.211  1.00 62.85  ? 41  GLU A C   1 
ATOM   4    O  O   . GLU A 1 2   ? 9.515   19.799  -3.483  1.00 57.32  ? 41  GLU A O   1 
ATOM   5    C  CB  . GLU A 1 2   ? 9.395   20.752  -6.575  1.00 76.25  ? 41  GLU A CB  1 
ATOM   6    C  CG  . GLU A 1 2   ? 8.456   20.412  -7.741  1.00 76.72  ? 41  GLU A CG  1 
ATOM   7    C  CD  . GLU A 1 2   ? 8.414   21.388  -8.919  1.00 81.57  ? 41  GLU A CD  1 
ATOM   8    O  OE1 . GLU A 1 2   ? 8.583   20.949  -10.086 1.00 76.79  ? 41  GLU A OE1 1 
ATOM   9    O  OE2 . GLU A 1 2   ? 8.177   22.584  -8.682  1.00 78.52  ? 41  GLU A OE2 1 
ATOM   10   N  N   . LEU A 1 3   ? 7.329   19.563  -4.106  1.00 57.32  ? 42  LEU A N   1 
ATOM   11   C  CA  . LEU A 1 3   ? 6.952   18.457  -3.181  1.00 53.67  ? 42  LEU A CA  1 
ATOM   12   C  C   . LEU A 1 3   ? 7.584   17.136  -3.653  1.00 51.27  ? 42  LEU A C   1 
ATOM   13   O  O   . LEU A 1 3   ? 7.163   16.655  -4.691  1.00 48.27  ? 42  LEU A O   1 
ATOM   14   C  CB  . LEU A 1 3   ? 5.420   18.397  -3.176  1.00 51.30  ? 42  LEU A CB  1 
ATOM   15   C  CG  . LEU A 1 3   ? 4.751   17.248  -2.423  1.00 53.98  ? 42  LEU A CG  1 
ATOM   16   C  CD1 . LEU A 1 3   ? 5.568   16.778  -1.230  1.00 55.30  ? 42  LEU A CD1 1 
ATOM   17   C  CD2 . LEU A 1 3   ? 3.357   17.668  -1.975  1.00 56.53  ? 42  LEU A CD2 1 
ATOM   18   N  N   . ARG A 1 4   ? 8.567   16.591  -2.925  1.00 46.12  ? 43  ARG A N   1 
ATOM   19   C  CA  . ARG A 1 4   ? 9.269   15.319  -3.254  1.00 45.25  ? 43  ARG A CA  1 
ATOM   20   C  C   . ARG A 1 4   ? 8.705   14.195  -2.366  1.00 48.23  ? 43  ARG A C   1 
ATOM   21   O  O   . ARG A 1 4   ? 8.574   14.411  -1.136  1.00 43.93  ? 43  ARG A O   1 
ATOM   22   C  CB  . ARG A 1 4   ? 10.783  15.495  -3.081  1.00 41.81  ? 43  ARG A CB  1 
ATOM   23   N  N   . VAL A 1 5   ? 8.340   13.053  -2.965  1.00 49.13  ? 44  VAL A N   1 
ATOM   24   C  CA  . VAL A 1 5   ? 7.829   11.836  -2.257  1.00 46.75  ? 44  VAL A CA  1 
ATOM   25   C  C   . VAL A 1 5   ? 8.699   10.640  -2.656  1.00 47.25  ? 44  VAL A C   1 
ATOM   26   O  O   . VAL A 1 5   ? 8.726   10.328  -3.855  1.00 50.53  ? 44  VAL A O   1 
ATOM   27   C  CB  . VAL A 1 5   ? 6.352   11.539  -2.586  1.00 48.63  ? 44  VAL A CB  1 
ATOM   28   C  CG1 . VAL A 1 5   ? 5.893   10.235  -1.947  1.00 46.37  ? 44  VAL A CG1 1 
ATOM   29   C  CG2 . VAL A 1 5   ? 5.414   12.672  -2.196  1.00 47.85  ? 44  VAL A CG2 1 
ATOM   30   N  N   . GLY A 1 6   ? 9.308   9.951   -1.681  1.00 47.40  ? 45  GLY A N   1 
ATOM   31   C  CA  . GLY A 1 6   ? 10.206  8.798   -1.904  1.00 46.61  ? 45  GLY A CA  1 
ATOM   32   C  C   . GLY A 1 6   ? 9.923   7.623   -0.973  1.00 45.29  ? 45  GLY A C   1 
ATOM   33   O  O   . GLY A 1 6   ? 9.303   7.826   0.089   1.00 42.26  ? 45  GLY A O   1 
ATOM   34   N  N   . LEU A 1 7   ? 10.401  6.432   -1.344  1.00 43.02  ? 46  LEU A N   1 
ATOM   35   C  CA  . LEU A 1 7   ? 10.154  5.158   -0.625  1.00 42.99  ? 46  LEU A CA  1 
ATOM   36   C  C   . LEU A 1 7   ? 11.340  4.854   0.297   1.00 45.97  ? 46  LEU A C   1 
ATOM   37   O  O   . LEU A 1 7   ? 12.462  4.683   -0.219  1.00 50.49  ? 46  LEU A O   1 
ATOM   38   C  CB  . LEU A 1 7   ? 9.951   4.045   -1.662  1.00 42.46  ? 46  LEU A CB  1 
ATOM   39   C  CG  . LEU A 1 7   ? 9.651   2.664   -1.088  1.00 39.43  ? 46  LEU A CG  1 
ATOM   40   C  CD1 . LEU A 1 7   ? 8.402   2.703   -0.242  1.00 36.78  ? 46  LEU A CD1 1 
ATOM   41   C  CD2 . LEU A 1 7   ? 9.505   1.633   -2.188  1.00 39.84  ? 46  LEU A CD2 1 
ATOM   42   N  N   . GLU A 1 8   ? 11.112  4.804   1.612   1.00 45.37  ? 47  GLU A N   1 
ATOM   43   C  CA  . GLU A 1 8   ? 12.157  4.405   2.585   1.00 45.28  ? 47  GLU A CA  1 
ATOM   44   C  C   . GLU A 1 8   ? 12.318  2.896   2.388   1.00 44.19  ? 47  GLU A C   1 
ATOM   45   O  O   . GLU A 1 8   ? 11.298  2.239   2.102   1.00 39.10  ? 47  GLU A O   1 
ATOM   46   C  CB  . GLU A 1 8   ? 11.791  4.857   4.008   1.00 48.59  ? 47  GLU A CB  1 
ATOM   47   C  CG  . GLU A 1 8   ? 12.820  4.481   5.080   1.00 54.20  ? 47  GLU A CG  1 
ATOM   48   C  CD  . GLU A 1 8   ? 14.015  5.412   5.265   1.00 56.85  ? 47  GLU A CD  1 
ATOM   49   O  OE1 . GLU A 1 8   ? 14.228  6.253   4.379   1.00 56.57  ? 47  GLU A OE1 1 
ATOM   50   O  OE2 . GLU A 1 8   ? 14.752  5.282   6.295   1.00 63.69  ? 47  GLU A OE2 1 
ATOM   51   N  N   . GLU A 1 9   ? 13.560  2.405   2.404   1.00 43.93  ? 48  GLU A N   1 
ATOM   52   C  CA  . GLU A 1 9   ? 13.916  0.966   2.281   1.00 46.42  ? 48  GLU A CA  1 
ATOM   53   C  C   . GLU A 1 9   ? 13.440  0.394   0.942   1.00 45.52  ? 48  GLU A C   1 
ATOM   54   O  O   . GLU A 1 9   ? 12.898  -0.729  0.953   1.00 45.30  ? 48  GLU A O   1 
ATOM   55   C  CB  . GLU A 1 9   ? 13.265  0.144   3.395   1.00 51.14  ? 48  GLU A CB  1 
ATOM   56   C  CG  . GLU A 1 9   ? 13.503  0.688   4.788   1.00 54.62  ? 48  GLU A CG  1 
ATOM   57   C  CD  . GLU A 1 9   ? 12.859  -0.150  5.873   1.00 55.25  ? 48  GLU A CD  1 
ATOM   58   O  OE1 . GLU A 1 9   ? 13.198  -1.340  5.968   1.00 61.22  ? 48  GLU A OE1 1 
ATOM   59   O  OE2 . GLU A 1 9   ? 12.002  0.378   6.596   1.00 62.40  ? 48  GLU A OE2 1 
ATOM   60   N  N   . SER A 1 10  ? 13.664  1.081   -0.183  1.00 43.55  ? 49  SER A N   1 
ATOM   61   C  CA  . SER A 1 10  ? 13.242  0.548   -1.508  1.00 47.32  ? 49  SER A CA  1 
ATOM   62   C  C   . SER A 1 10  ? 14.037  -0.727  -1.830  1.00 44.54  ? 49  SER A C   1 
ATOM   63   O  O   . SER A 1 10  ? 13.486  -1.592  -2.539  1.00 51.84  ? 49  SER A O   1 
ATOM   64   C  CB  . SER A 1 10  ? 13.323  1.578   -2.607  1.00 44.42  ? 49  SER A CB  1 
ATOM   65   O  OG  . SER A 1 10  ? 14.620  2.139   -2.666  1.00 43.69  ? 49  SER A OG  1 
ATOM   66   N  N   . GLU A 1 11  ? 15.246  -0.865  -1.281  1.00 45.36  ? 50  GLU A N   1 
ATOM   67   C  CA  . GLU A 1 11  ? 16.141  -2.036  -1.504  1.00 51.82  ? 50  GLU A CA  1 
ATOM   68   C  C   . GLU A 1 11  ? 15.466  -3.313  -0.971  1.00 50.27  ? 50  GLU A C   1 
ATOM   69   O  O   . GLU A 1 11  ? 15.616  -4.368  -1.621  1.00 51.82  ? 50  GLU A O   1 
ATOM   70   C  CB  . GLU A 1 11  ? 17.528  -1.800  -0.890  1.00 51.96  ? 50  GLU A CB  1 
ATOM   71   C  CG  . GLU A 1 11  ? 17.700  -2.296  0.542   1.00 59.92  ? 50  GLU A CG  1 
ATOM   72   C  CD  . GLU A 1 11  ? 18.203  -3.731  0.691   1.00 62.23  ? 50  GLU A CD  1 
ATOM   73   O  OE1 . GLU A 1 11  ? 17.870  -4.374  1.712   1.00 66.80  ? 50  GLU A OE1 1 
ATOM   74   O  OE2 . GLU A 1 11  ? 18.952  -4.200  -0.199  1.00 61.76  ? 50  GLU A OE2 1 
ATOM   75   N  N   . LEU A 1 12  ? 14.745  -3.238  0.150   1.00 46.49  ? 51  LEU A N   1 
ATOM   76   C  CA  . LEU A 1 12  ? 14.079  -4.429  0.740   1.00 48.59  ? 51  LEU A CA  1 
ATOM   77   C  C   . LEU A 1 12  ? 12.839  -4.756  -0.098  1.00 44.75  ? 51  LEU A C   1 
ATOM   78   O  O   . LEU A 1 12  ? 12.641  -5.924  -0.470  1.00 43.03  ? 51  LEU A O   1 
ATOM   79   C  CB  . LEU A 1 12  ? 13.707  -4.196  2.211   1.00 48.02  ? 51  LEU A CB  1 
ATOM   80   C  CG  . LEU A 1 12  ? 13.215  -5.455  2.938   1.00 49.69  ? 51  LEU A CG  1 
ATOM   81   C  CD1 . LEU A 1 12  ? 14.240  -6.579  2.867   1.00 49.54  ? 51  LEU A CD1 1 
ATOM   82   C  CD2 . LEU A 1 12  ? 12.854  -5.179  4.384   1.00 49.98  ? 51  LEU A CD2 1 
ATOM   83   N  N   . TRP A 1 13  ? 12.032  -3.742  -0.390  1.00 45.05  ? 52  TRP A N   1 
ATOM   84   C  CA  . TRP A 1 13  ? 10.840  -3.881  -1.259  1.00 40.93  ? 52  TRP A CA  1 
ATOM   85   C  C   . TRP A 1 13  ? 11.221  -4.540  -2.591  1.00 41.79  ? 52  TRP A C   1 
ATOM   86   O  O   . TRP A 1 13  ? 10.392  -5.322  -3.084  1.00 38.45  ? 52  TRP A O   1 
ATOM   87   C  CB  . TRP A 1 13  ? 10.179  -2.524  -1.465  1.00 36.44  ? 52  TRP A CB  1 
ATOM   88   C  CG  . TRP A 1 13  ? 9.295   -2.095  -0.337  1.00 33.34  ? 52  TRP A CG  1 
ATOM   89   C  CD1 . TRP A 1 13  ? 9.572   -1.160  0.615   1.00 32.49  ? 52  TRP A CD1 1 
ATOM   90   C  CD2 . TRP A 1 13  ? 7.963   -2.566  -0.063  1.00 31.35  ? 52  TRP A CD2 1 
ATOM   91   N  NE1 . TRP A 1 13  ? 8.504   -1.014  1.461   1.00 32.92  ? 52  TRP A NE1 1 
ATOM   92   C  CE2 . TRP A 1 13  ? 7.502   -1.860  1.069   1.00 30.90  ? 52  TRP A CE2 1 
ATOM   93   C  CE3 . TRP A 1 13  ? 7.124   -3.515  -0.654  1.00 29.37  ? 52  TRP A CE3 1 
ATOM   94   C  CZ2 . TRP A 1 13  ? 6.230   -2.061  1.602   1.00 31.37  ? 52  TRP A CZ2 1 
ATOM   95   C  CZ3 . TRP A 1 13  ? 5.863   -3.709  -0.134  1.00 30.64  ? 52  TRP A CZ3 1 
ATOM   96   C  CH2 . TRP A 1 13  ? 5.425   -2.992  0.984   1.00 32.53  ? 52  TRP A CH2 1 
ATOM   97   N  N   . LEU A 1 14  ? 12.403  -4.237  -3.146  1.00 44.57  ? 53  LEU A N   1 
ATOM   98   C  CA  . LEU A 1 14  ? 12.859  -4.755  -4.472  1.00 46.93  ? 53  LEU A CA  1 
ATOM   99   C  C   . LEU A 1 14  ? 13.212  -6.251  -4.369  1.00 47.77  ? 53  LEU A C   1 
ATOM   100  O  O   . LEU A 1 14  ? 12.911  -7.010  -5.336  1.00 41.00  ? 53  LEU A O   1 
ATOM   101  C  CB  . LEU A 1 14  ? 14.031  -3.908  -4.985  1.00 51.69  ? 53  LEU A CB  1 
ATOM   102  C  CG  . LEU A 1 14  ? 13.711  -2.834  -6.040  1.00 58.22  ? 53  LEU A CG  1 
ATOM   103  C  CD1 . LEU A 1 14  ? 12.232  -2.472  -6.104  1.00 61.52  ? 53  LEU A CD1 1 
ATOM   104  C  CD2 . LEU A 1 14  ? 14.524  -1.572  -5.798  1.00 59.13  ? 53  LEU A CD2 1 
ATOM   105  N  N   . ARG A 1 15  ? 13.776  -6.689  -3.239  1.00 46.45  ? 54  ARG A N   1 
ATOM   106  C  CA  . ARG A 1 15  ? 13.957  -8.136  -2.949  1.00 47.79  ? 54  ARG A CA  1 
ATOM   107  C  C   . ARG A 1 15  ? 12.597  -8.834  -3.082  1.00 44.79  ? 54  ARG A C   1 
ATOM   108  O  O   . ARG A 1 15  ? 12.549  -9.884  -3.753  1.00 44.14  ? 54  ARG A O   1 
ATOM   109  C  CB  . ARG A 1 15  ? 14.536  -8.382  -1.553  1.00 56.75  ? 54  ARG A CB  1 
ATOM   110  C  CG  . ARG A 1 15  ? 15.811  -7.605  -1.255  1.00 64.00  ? 54  ARG A CG  1 
ATOM   111  C  CD  . ARG A 1 15  ? 17.064  -8.367  -1.609  1.00 66.29  ? 54  ARG A CD  1 
ATOM   112  N  NE  . ARG A 1 15  ? 17.318  -9.442  -0.666  1.00 69.72  ? 54  ARG A NE  1 
ATOM   113  C  CZ  . ARG A 1 15  ? 17.794  -9.285  0.564   1.00 70.54  ? 54  ARG A CZ  1 
ATOM   114  N  NH1 . ARG A 1 15  ? 18.062  -8.081  1.046   1.00 72.29  ? 54  ARG A NH1 1 
ATOM   115  N  NH2 . ARG A 1 15  ? 17.983  -10.351 1.317   1.00 74.32  ? 54  ARG A NH2 1 
ATOM   116  N  N   . PHE A 1 16  ? 11.532  -8.279  -2.485  1.00 38.43  ? 55  PHE A N   1 
ATOM   117  C  CA  . PHE A 1 16  ? 10.173  -8.891  -2.491  1.00 37.60  ? 55  PHE A CA  1 
ATOM   118  C  C   . PHE A 1 16  ? 9.591   -8.835  -3.904  1.00 36.77  ? 55  PHE A C   1 
ATOM   119  O  O   . PHE A 1 16  ? 9.063   -9.865  -4.393  1.00 33.82  ? 55  PHE A O   1 
ATOM   120  C  CB  . PHE A 1 16  ? 9.227   -8.226  -1.491  1.00 35.33  ? 55  PHE A CB  1 
ATOM   121  C  CG  . PHE A 1 16  ? 9.507   -8.600  -0.064  1.00 35.76  ? 55  PHE A CG  1 
ATOM   122  C  CD1 . PHE A 1 16  ? 8.859   -9.675  0.527   1.00 37.47  ? 55  PHE A CD1 1 
ATOM   123  C  CD2 . PHE A 1 16  ? 10.455  -7.914  0.671   1.00 33.88  ? 55  PHE A CD2 1 
ATOM   124  C  CE1 . PHE A 1 16  ? 9.133   -10.030 1.839   1.00 36.20  ? 55  PHE A CE1 1 
ATOM   125  C  CE2 . PHE A 1 16  ? 10.720  -8.260  1.985   1.00 33.18  ? 55  PHE A CE2 1 
ATOM   126  C  CZ  . PHE A 1 16  ? 10.070  -9.328  2.559   1.00 35.78  ? 55  PHE A CZ  1 
ATOM   127  N  N   . LYS A 1 17  ? 9.694   -7.670  -4.547  1.00 38.38  ? 56  LYS A N   1 
ATOM   128  C  CA  . LYS A 1 17  ? 9.139   -7.454  -5.909  1.00 40.91  ? 56  LYS A CA  1 
ATOM   129  C  C   . LYS A 1 17  ? 9.761   -8.479  -6.870  1.00 38.93  ? 56  LYS A C   1 
ATOM   130  O  O   . LYS A 1 17  ? 8.997   -9.083  -7.636  1.00 40.05  ? 56  LYS A O   1 
ATOM   131  C  CB  . LYS A 1 17  ? 9.316   -6.013  -6.411  1.00 40.79  ? 56  LYS A CB  1 
ATOM   132  C  CG  . LYS A 1 17  ? 8.927   -5.836  -7.875  1.00 41.97  ? 56  LYS A CG  1 
ATOM   133  C  CD  . LYS A 1 17  ? 8.322   -4.510  -8.253  1.00 46.90  ? 56  LYS A CD  1 
ATOM   134  C  CE  . LYS A 1 17  ? 7.689   -4.572  -9.624  1.00 46.43  ? 56  LYS A CE  1 
ATOM   135  N  NZ  . LYS A 1 17  ? 7.308   -3.224  -10.086 1.00 53.66  ? 56  LYS A NZ  1 
ATOM   136  N  N   . GLU A 1 18  ? 11.074  -8.713  -6.824  1.00 40.46  ? 57  GLU A N   1 
ATOM   137  C  CA  . GLU A 1 18  ? 11.729  -9.580  -7.843  1.00 44.40  ? 57  GLU A CA  1 
ATOM   138  C  C   . GLU A 1 18  ? 11.274  -11.037 -7.683  1.00 42.64  ? 57  GLU A C   1 
ATOM   139  O  O   . GLU A 1 18  ? 11.430  -11.763 -8.655  1.00 47.35  ? 57  GLU A O   1 
ATOM   140  C  CB  . GLU A 1 18  ? 13.248  -9.422  -7.839  1.00 49.76  ? 57  GLU A CB  1 
ATOM   141  C  CG  . GLU A 1 18  ? 13.941  -10.051 -6.656  1.00 60.15  ? 57  GLU A CG  1 
ATOM   142  C  CD  . GLU A 1 18  ? 15.383  -9.597  -6.480  1.00 68.64  ? 57  GLU A CD  1 
ATOM   143  O  OE1 . GLU A 1 18  ? 15.817  -8.720  -7.254  1.00 76.41  ? 57  GLU A OE1 1 
ATOM   144  O  OE2 . GLU A 1 18  ? 16.066  -10.110 -5.561  1.00 66.44  ? 57  GLU A OE2 1 
ATOM   145  N  N   . LEU A 1 19  ? 10.663  -11.430 -6.557  1.00 42.70  ? 58  LEU A N   1 
ATOM   146  C  CA  . LEU A 1 19  ? 10.064  -12.789 -6.356  1.00 39.09  ? 58  LEU A CA  1 
ATOM   147  C  C   . LEU A 1 19  ? 8.552   -12.767 -6.569  1.00 36.20  ? 58  LEU A C   1 
ATOM   148  O  O   . LEU A 1 19  ? 7.921   -13.831 -6.402  1.00 34.63  ? 58  LEU A O   1 
ATOM   149  C  CB  . LEU A 1 19  ? 10.332  -13.267 -4.926  1.00 39.80  ? 58  LEU A CB  1 
ATOM   150  C  CG  . LEU A 1 19  ? 11.767  -13.138 -4.423  1.00 39.80  ? 58  LEU A CG  1 
ATOM   151  C  CD1 . LEU A 1 19  ? 11.824  -13.402 -2.925  1.00 42.58  ? 58  LEU A CD1 1 
ATOM   152  C  CD2 . LEU A 1 19  ? 12.689  -14.077 -5.175  1.00 38.11  ? 58  LEU A CD2 1 
ATOM   153  N  N   . THR A 1 20  ? 7.972   -11.593 -6.837  1.00 34.65  ? 59  THR A N   1 
ATOM   154  C  CA  . THR A 1 20  ? 6.502   -11.358 -6.793  1.00 33.38  ? 59  THR A CA  1 
ATOM   155  C  C   . THR A 1 20  ? 6.018   -11.361 -5.331  1.00 36.11  ? 59  THR A C   1 
ATOM   156  O  O   . THR A 1 20  ? 5.851   -12.463 -4.731  1.00 37.61  ? 59  THR A O   1 
ATOM   157  C  CB  . THR A 1 20  ? 5.747   -12.394 -7.628  1.00 33.06  ? 59  THR A CB  1 
ATOM   158  O  OG1 . THR A 1 20  ? 6.385   -12.496 -8.901  1.00 34.70  ? 59  THR A OG1 1 
ATOM   159  C  CG2 . THR A 1 20  ? 4.283   -12.062 -7.782  1.00 33.27  ? 59  THR A CG2 1 
ATOM   160  N  N   . ASN A 1 21  ? 5.752   -10.173 -4.794  1.00 34.07  ? 60  ASN A N   1 
ATOM   161  C  CA  . ASN A 1 21  ? 5.353   -9.951  -3.387  1.00 34.97  ? 60  ASN A CA  1 
ATOM   162  C  C   . ASN A 1 21  ? 3.926   -10.482 -3.186  1.00 35.71  ? 60  ASN A C   1 
ATOM   163  O  O   . ASN A 1 21  ? 3.122   -10.479 -4.145  1.00 30.94  ? 60  ASN A O   1 
ATOM   164  C  CB  . ASN A 1 21  ? 5.529   -8.479  -3.006  1.00 37.43  ? 60  ASN A CB  1 
ATOM   165  C  CG  . ASN A 1 21  ? 5.622   -8.250  -1.509  1.00 41.30  ? 60  ASN A CG  1 
ATOM   166  O  OD1 . ASN A 1 21  ? 5.393   -9.166  -0.708  1.00 42.81  ? 60  ASN A OD1 1 
ATOM   167  N  ND2 . ASN A 1 21  ? 6.007   -7.045  -1.128  1.00 36.32  ? 60  ASN A ND2 1 
ATOM   168  N  N   . GLU A 1 22  ? 3.633   -10.979 -1.985  1.00 34.41  ? 61  GLU A N   1 
ATOM   169  C  CA  . GLU A 1 22  ? 2.275   -11.448 -1.595  1.00 34.09  ? 61  GLU A CA  1 
ATOM   170  C  C   . GLU A 1 22  ? 1.925   -10.783 -0.275  1.00 32.93  ? 61  GLU A C   1 
ATOM   171  O  O   . GLU A 1 22  ? 2.860   -10.612 0.520   1.00 35.44  ? 61  GLU A O   1 
ATOM   172  C  CB  . GLU A 1 22  ? 2.258   -12.968 -1.416  1.00 37.67  ? 61  GLU A CB  1 
ATOM   173  C  CG  . GLU A 1 22  ? 2.665   -13.731 -2.663  1.00 35.94  ? 61  GLU A CG  1 
ATOM   174  C  CD  . GLU A 1 22  ? 2.861   -15.229 -2.494  1.00 35.90  ? 61  GLU A CD  1 
ATOM   175  O  OE1 . GLU A 1 22  ? 3.781   -15.775 -3.144  1.00 34.02  ? 61  GLU A OE1 1 
ATOM   176  O  OE2 . GLU A 1 22  ? 2.088   -15.840 -1.747  1.00 34.69  ? 61  GLU A OE2 1 
ATOM   177  N  N   . MET A 1 23  ? 0.661   -10.425 -0.051  1.00 30.02  ? 62  MET A N   1 
ATOM   178  C  CA  . MET A 1 23  ? 0.225   -9.849  1.239   1.00 31.00  ? 62  MET A CA  1 
ATOM   179  C  C   . MET A 1 23  ? -0.964  -10.670 1.706   1.00 32.43  ? 62  MET A C   1 
ATOM   180  O  O   . MET A 1 23  ? -1.868  -10.909 0.875   1.00 33.59  ? 62  MET A O   1 
ATOM   181  C  CB  . MET A 1 23  ? -0.158  -8.361  1.170   1.00 30.74  ? 62  MET A CB  1 
ATOM   182  C  CG  . MET A 1 23  ? 1.025   -7.430  0.995   1.00 32.02  ? 62  MET A CG  1 
ATOM   183  S  SD  . MET A 1 23  ? 2.121   -7.228  2.443   1.00 33.02  ? 62  MET A SD  1 
ATOM   184  C  CE  . MET A 1 23  ? 3.484   -6.411  1.619   1.00 30.03  ? 62  MET A CE  1 
ATOM   185  N  N   . ILE A 1 24  ? -0.900  -11.137 2.954   1.00 33.05  ? 63  ILE A N   1 
ATOM   186  C  CA  . ILE A 1 24  ? -1.955  -11.968 3.592   1.00 36.64  ? 63  ILE A CA  1 
ATOM   187  C  C   . ILE A 1 24  ? -3.161  -11.061 3.814   1.00 38.72  ? 63  ILE A C   1 
ATOM   188  O  O   . ILE A 1 24  ? -2.969  -9.928  4.302   1.00 35.47  ? 63  ILE A O   1 
ATOM   189  C  CB  . ILE A 1 24  ? -1.508  -12.573 4.935   1.00 41.16  ? 63  ILE A CB  1 
ATOM   190  C  CG1 . ILE A 1 24  ? -0.227  -13.404 4.828   1.00 43.55  ? 63  ILE A CG1 1 
ATOM   191  C  CG2 . ILE A 1 24  ? -2.656  -13.372 5.539   1.00 44.95  ? 63  ILE A CG2 1 
ATOM   192  C  CD1 . ILE A 1 24  ? -0.395  -14.695 4.073   1.00 43.14  ? 63  ILE A CD1 1 
ATOM   193  N  N   . VAL A 1 25  ? -4.351  -11.578 3.525   1.00 39.76  ? 64  VAL A N   1 
ATOM   194  C  CA  . VAL A 1 25  ? -5.641  -10.907 3.833   1.00 40.03  ? 64  VAL A CA  1 
ATOM   195  C  C   . VAL A 1 25  ? -6.507  -11.886 4.637   1.00 40.64  ? 64  VAL A C   1 
ATOM   196  O  O   . VAL A 1 25  ? -6.528  -13.068 4.307   1.00 40.76  ? 64  VAL A O   1 
ATOM   197  C  CB  . VAL A 1 25  ? -6.296  -10.429 2.528   1.00 40.97  ? 64  VAL A CB  1 
ATOM   198  C  CG1 . VAL A 1 25  ? -5.340  -9.554  1.733   1.00 41.23  ? 64  VAL A CG1 1 
ATOM   199  C  CG2 . VAL A 1 25  ? -6.790  -11.578 1.670   1.00 40.78  ? 64  VAL A CG2 1 
ATOM   200  N  N   . THR A 1 26  ? -7.158  -11.404 5.690   1.00 42.73  ? 65  THR A N   1 
ATOM   201  C  CA  . THR A 1 26  ? -7.923  -12.219 6.672   1.00 45.05  ? 65  THR A CA  1 
ATOM   202  C  C   . THR A 1 26  ? -9.303  -11.581 6.806   1.00 50.34  ? 65  THR A C   1 
ATOM   203  O  O   . THR A 1 26  ? -9.478  -10.475 6.264   1.00 45.92  ? 65  THR A O   1 
ATOM   204  C  CB  . THR A 1 26  ? -7.199  -12.277 8.022   1.00 40.22  ? 65  THR A CB  1 
ATOM   205  O  OG1 . THR A 1 26  ? -7.176  -10.937 8.511   1.00 39.86  ? 65  THR A OG1 1 
ATOM   206  C  CG2 . THR A 1 26  ? -5.791  -12.822 7.938   1.00 39.14  ? 65  THR A CG2 1 
ATOM   207  N  N   . LYS A 1 27  ? -10.239 -12.224 7.511   1.00 56.20  ? 66  LYS A N   1 
ATOM   208  C  CA  . LYS A 1 27  ? -11.577 -11.626 7.768   1.00 58.56  ? 66  LYS A CA  1 
ATOM   209  C  C   . LYS A 1 27  ? -11.401 -10.352 8.604   1.00 55.95  ? 66  LYS A C   1 
ATOM   210  O  O   . LYS A 1 27  ? -12.082 -9.355  8.299   1.00 54.42  ? 66  LYS A O   1 
ATOM   211  C  CB  . LYS A 1 27  ? -12.523 -12.615 8.458   1.00 65.10  ? 66  LYS A CB  1 
ATOM   212  C  CG  . LYS A 1 27  ? -13.897 -12.047 8.801   1.00 70.49  ? 66  LYS A CG  1 
ATOM   213  C  CD  . LYS A 1 27  ? -15.065 -12.978 8.496   1.00 80.07  ? 66  LYS A CD  1 
ATOM   214  C  CE  . LYS A 1 27  ? -16.357 -12.252 8.159   1.00 82.90  ? 66  LYS A CE  1 
ATOM   215  N  NZ  . LYS A 1 27  ? -16.968 -11.611 9.349   1.00 85.09  ? 66  LYS A NZ  1 
ATOM   216  N  N   . ASN A 1 28  ? -10.531 -10.383 9.619   1.00 55.33  ? 67  ASN A N   1 
ATOM   217  C  CA  . ASN A 1 28  ? -10.402 -9.284  10.618  1.00 59.56  ? 67  ASN A CA  1 
ATOM   218  C  C   . ASN A 1 28  ? -9.360  -8.271  10.151  1.00 55.78  ? 67  ASN A C   1 
ATOM   219  O  O   . ASN A 1 28  ? -9.413  -7.116  10.611  1.00 48.31  ? 67  ASN A O   1 
ATOM   220  C  CB  . ASN A 1 28  ? -10.059 -9.810  12.010  1.00 63.00  ? 67  ASN A CB  1 
ATOM   221  C  CG  . ASN A 1 28  ? -11.199 -10.596 12.614  1.00 63.69  ? 67  ASN A CG  1 
ATOM   222  O  OD1 . ASN A 1 28  ? -12.351 -10.469 12.192  1.00 57.68  ? 67  ASN A OD1 1 
ATOM   223  N  ND2 . ASN A 1 28  ? -10.881 -11.418 13.600  1.00 75.40  ? 67  ASN A ND2 1 
ATOM   224  N  N   . GLY A 1 29  ? -8.459  -8.695  9.264   1.00 53.96  ? 68  GLY A N   1 
ATOM   225  C  CA  . GLY A 1 29  ? -7.483  -7.807  8.614   1.00 48.91  ? 68  GLY A CA  1 
ATOM   226  C  C   . GLY A 1 29  ? -6.103  -8.072  9.163   1.00 46.73  ? 68  GLY A C   1 
ATOM   227  O  O   . GLY A 1 29  ? -5.998  -8.285  10.380  1.00 56.13  ? 68  GLY A O   1 
ATOM   228  N  N   . ARG A 1 30  ? -5.104  -8.069  8.285   1.00 42.13  ? 69  ARG A N   1 
ATOM   229  C  CA  . ARG A 1 30  ? -3.689  -8.399  8.569   1.00 41.89  ? 69  ARG A CA  1 
ATOM   230  C  C   . ARG A 1 30  ? -2.843  -7.176  8.226   1.00 39.30  ? 69  ARG A C   1 
ATOM   231  O  O   . ARG A 1 30  ? -3.032  -6.626  7.132   1.00 39.53  ? 69  ARG A O   1 
ATOM   232  C  CB  . ARG A 1 30  ? -3.267  -9.612  7.733   1.00 42.12  ? 69  ARG A CB  1 
ATOM   233  C  CG  . ARG A 1 30  ? -1.850  -10.100 7.984   1.00 46.02  ? 69  ARG A CG  1 
ATOM   234  C  CD  . ARG A 1 30  ? -1.679  -10.609 9.402   1.00 50.66  ? 69  ARG A CD  1 
ATOM   235  N  NE  . ARG A 1 30  ? -2.539  -11.754 9.679   1.00 55.91  ? 69  ARG A NE  1 
ATOM   236  C  CZ  . ARG A 1 30  ? -2.213  -13.029 9.451   1.00 59.62  ? 69  ARG A CZ  1 
ATOM   237  N  NH1 . ARG A 1 30  ? -3.081  -13.985 9.738   1.00 61.19  ? 69  ARG A NH1 1 
ATOM   238  N  NH2 . ARG A 1 30  ? -1.031  -13.347 8.942   1.00 55.31  ? 69  ARG A NH2 1 
ATOM   239  N  N   . ARG A 1 31  ? -1.936  -6.776  9.113   1.00 38.09  ? 70  ARG A N   1 
ATOM   240  C  CA  . ARG A 1 31  ? -0.999  -5.664  8.844   1.00 39.96  ? 70  ARG A CA  1 
ATOM   241  C  C   . ARG A 1 31  ? -0.014  -6.130  7.771   1.00 36.71  ? 70  ARG A C   1 
ATOM   242  O  O   . ARG A 1 31  ? 0.172   -7.345  7.621   1.00 36.59  ? 70  ARG A O   1 
ATOM   243  C  CB  . ARG A 1 31  ? -0.304  -5.191  10.124  1.00 41.10  ? 70  ARG A CB  1 
ATOM   244  C  CG  . ARG A 1 31  ? -1.090  -4.112  10.845  1.00 48.59  ? 70  ARG A CG  1 
ATOM   245  C  CD  . ARG A 1 31  ? -1.230  -4.340  12.330  1.00 58.07  ? 70  ARG A CD  1 
ATOM   246  N  NE  . ARG A 1 31  ? -0.130  -3.803  13.121  1.00 67.82  ? 70  ARG A NE  1 
ATOM   247  C  CZ  . ARG A 1 31  ? 0.106   -4.127  14.394  1.00 74.94  ? 70  ARG A CZ  1 
ATOM   248  N  NH1 . ARG A 1 31  ? -0.667  -5.006  15.020  1.00 81.97  ? 70  ARG A NH1 1 
ATOM   249  N  NH2 . ARG A 1 31  ? 1.116   -3.570  15.039  1.00 70.94  ? 70  ARG A NH2 1 
ATOM   250  N  N   . MET A 1 32  ? 0.573   -5.169  7.066   1.00 34.21  ? 71  MET A N   1 
ATOM   251  C  CA  . MET A 1 32  ? 1.519   -5.387  5.950   1.00 34.89  ? 71  MET A CA  1 
ATOM   252  C  C   . MET A 1 32  ? 2.928   -5.594  6.503   1.00 34.49  ? 71  MET A C   1 
ATOM   253  O  O   . MET A 1 32  ? 3.306   -4.896  7.460   1.00 38.49  ? 71  MET A O   1 
ATOM   254  C  CB  . MET A 1 32  ? 1.539   -4.164  5.026   1.00 35.25  ? 71  MET A CB  1 
ATOM   255  C  CG  . MET A 1 32  ? 0.228   -3.962  4.276   1.00 35.90  ? 71  MET A CG  1 
ATOM   256  S  SD  . MET A 1 32  ? 0.253   -2.483  3.249   1.00 33.40  ? 71  MET A SD  1 
ATOM   257  C  CE  . MET A 1 32  ? 1.560   -2.846  2.080   1.00 34.33  ? 71  MET A CE  1 
ATOM   258  N  N   . PHE A 1 33  ? 3.683   -6.496  5.888   1.00 34.26  ? 72  PHE A N   1 
ATOM   259  C  CA  . PHE A 1 33  ? 5.162   -6.522  5.961   1.00 36.86  ? 72  PHE A CA  1 
ATOM   260  C  C   . PHE A 1 33  ? 5.689   -6.805  4.562   1.00 38.38  ? 72  PHE A C   1 
ATOM   261  O  O   . PHE A 1 33  ? 5.291   -7.782  3.935   1.00 41.45  ? 72  PHE A O   1 
ATOM   262  C  CB  . PHE A 1 33  ? 5.715   -7.556  6.953   1.00 36.16  ? 72  PHE A CB  1 
ATOM   263  C  CG  . PHE A 1 33  ? 7.218   -7.455  7.070   1.00 35.84  ? 72  PHE A CG  1 
ATOM   264  C  CD1 . PHE A 1 33  ? 7.803   -6.524  7.930   1.00 36.01  ? 72  PHE A CD1 1 
ATOM   265  C  CD2 . PHE A 1 33  ? 8.047   -8.190  6.233   1.00 36.78  ? 72  PHE A CD2 1 
ATOM   266  C  CE1 . PHE A 1 33  ? 9.184   -6.392  7.998   1.00 34.97  ? 72  PHE A CE1 1 
ATOM   267  C  CE2 . PHE A 1 33  ? 9.431   -8.056  6.298   1.00 38.04  ? 72  PHE A CE2 1 
ATOM   268  C  CZ  . PHE A 1 33  ? 9.994   -7.158  7.183   1.00 36.51  ? 72  PHE A CZ  1 
ATOM   269  N  N   . PRO A 1 34  ? 6.637   -5.997  4.048   1.00 37.54  ? 73  PRO A N   1 
ATOM   270  C  CA  . PRO A 1 34  ? 7.104   -4.796  4.743   1.00 36.21  ? 73  PRO A CA  1 
ATOM   271  C  C   . PRO A 1 34  ? 6.035   -3.698  4.891   1.00 36.02  ? 73  PRO A C   1 
ATOM   272  O  O   . PRO A 1 34  ? 5.008   -3.739  4.249   1.00 32.06  ? 73  PRO A O   1 
ATOM   273  C  CB  . PRO A 1 34  ? 8.269   -4.289  3.885   1.00 38.58  ? 73  PRO A CB  1 
ATOM   274  C  CG  . PRO A 1 34  ? 8.632   -5.456  2.981   1.00 38.40  ? 73  PRO A CG  1 
ATOM   275  C  CD  . PRO A 1 34  ? 7.375   -6.279  2.816   1.00 36.03  ? 73  PRO A CD  1 
ATOM   276  N  N   . VAL A 1 35  ? 6.297   -2.749  5.785   1.00 35.37  ? 74  VAL A N   1 
ATOM   277  C  CA  . VAL A 1 35  ? 5.433   -1.562  6.021   1.00 34.62  ? 74  VAL A CA  1 
ATOM   278  C  C   . VAL A 1 35  ? 5.801   -0.518  4.970   1.00 31.76  ? 74  VAL A C   1 
ATOM   279  O  O   . VAL A 1 35  ? 7.016   -0.331  4.733   1.00 28.52  ? 74  VAL A O   1 
ATOM   280  C  CB  . VAL A 1 35  ? 5.616   -1.020  7.452   1.00 35.69  ? 74  VAL A CB  1 
ATOM   281  C  CG1 . VAL A 1 35  ? 4.997   0.352   7.623   1.00 36.86  ? 74  VAL A CG1 1 
ATOM   282  C  CG2 . VAL A 1 35  ? 5.043   -1.989  8.483   1.00 36.67  ? 74  VAL A CG2 1 
ATOM   283  N  N   . LEU A 1 36  ? 4.801   0.103   4.347   1.00 31.34  ? 75  LEU A N   1 
ATOM   284  C  CA  . LEU A 1 36  ? 5.025   1.281   3.456   1.00 33.45  ? 75  LEU A CA  1 
ATOM   285  C  C   . LEU A 1 36  ? 5.483   2.482   4.296   1.00 34.47  ? 75  LEU A C   1 
ATOM   286  O  O   . LEU A 1 36  ? 4.699   2.972   5.141   1.00 33.86  ? 75  LEU A O   1 
ATOM   287  C  CB  . LEU A 1 36  ? 3.738   1.603   2.700   1.00 33.23  ? 75  LEU A CB  1 
ATOM   288  C  CG  . LEU A 1 36  ? 3.835   2.795   1.746   1.00 37.49  ? 75  LEU A CG  1 
ATOM   289  C  CD1 . LEU A 1 36  ? 4.769   2.515   0.579   1.00 36.20  ? 75  LEU A CD1 1 
ATOM   290  C  CD2 . LEU A 1 36  ? 2.464   3.179   1.231   1.00 38.32  ? 75  LEU A CD2 1 
ATOM   291  N  N   . LYS A 1 37  ? 6.702   2.959   4.069   1.00 35.74  ? 76  LYS A N   1 
ATOM   292  C  CA  . LYS A 1 37  ? 7.249   4.169   4.740   1.00 37.29  ? 76  LYS A CA  1 
ATOM   293  C  C   . LYS A 1 37  ? 7.675   5.154   3.662   1.00 37.51  ? 76  LYS A C   1 
ATOM   294  O  O   . LYS A 1 37  ? 8.370   4.712   2.735   1.00 36.49  ? 76  LYS A O   1 
ATOM   295  C  CB  . LYS A 1 37  ? 8.424   3.797   5.636   1.00 39.66  ? 76  LYS A CB  1 
ATOM   296  C  CG  . LYS A 1 37  ? 8.056   2.760   6.675   1.00 43.78  ? 76  LYS A CG  1 
ATOM   297  C  CD  . LYS A 1 37  ? 9.187   2.342   7.545   1.00 47.00  ? 76  LYS A CD  1 
ATOM   298  C  CE  . LYS A 1 37  ? 8.739   1.246   8.486   1.00 49.91  ? 76  LYS A CE  1 
ATOM   299  N  NZ  . LYS A 1 37  ? 9.768   0.979   9.516   1.00 55.37  ? 76  LYS A NZ  1 
ATOM   300  N  N   . VAL A 1 38  ? 7.225   6.407   3.750   1.00 39.73  ? 77  VAL A N   1 
ATOM   301  C  CA  . VAL A 1 38  ? 7.455   7.417   2.676   1.00 45.17  ? 77  VAL A CA  1 
ATOM   302  C  C   . VAL A 1 38  ? 8.255   8.586   3.253   1.00 45.80  ? 77  VAL A C   1 
ATOM   303  O  O   . VAL A 1 38  ? 7.856   9.131   4.294   1.00 44.69  ? 77  VAL A O   1 
ATOM   304  C  CB  . VAL A 1 38  ? 6.143   7.893   2.028   1.00 48.90  ? 77  VAL A CB  1 
ATOM   305  C  CG1 . VAL A 1 38  ? 5.417   6.748   1.345   1.00 55.60  ? 77  VAL A CG1 1 
ATOM   306  C  CG2 . VAL A 1 38  ? 5.225   8.567   3.024   1.00 53.47  ? 77  VAL A CG2 1 
ATOM   307  N  N   . ASN A 1 39  ? 9.350   8.934   2.584   1.00 42.49  ? 78  ASN A N   1 
ATOM   308  C  CA  . ASN A 1 39  ? 10.128  10.166  2.837   1.00 43.54  ? 78  ASN A CA  1 
ATOM   309  C  C   . ASN A 1 39  ? 9.451   11.288  2.042   1.00 41.75  ? 78  ASN A C   1 
ATOM   310  O  O   . ASN A 1 39  ? 9.212   11.111  0.843   1.00 38.70  ? 78  ASN A O   1 
ATOM   311  C  CB  . ASN A 1 39  ? 11.608  9.903   2.549   1.00 47.98  ? 78  ASN A CB  1 
ATOM   312  C  CG  . ASN A 1 39  ? 12.188  8.919   3.544   1.00 52.06  ? 78  ASN A CG  1 
ATOM   313  O  OD1 . ASN A 1 39  ? 11.855  8.958   4.729   1.00 55.30  ? 78  ASN A OD1 1 
ATOM   314  N  ND2 . ASN A 1 39  ? 13.024  8.009   3.075   1.00 52.13  ? 78  ASN A ND2 1 
ATOM   315  N  N   . VAL A 1 40  ? 9.068   12.363  2.722   1.00 38.73  ? 79  VAL A N   1 
ATOM   316  C  CA  . VAL A 1 40  ? 8.378   13.536  2.118   1.00 41.46  ? 79  VAL A CA  1 
ATOM   317  C  C   . VAL A 1 40  ? 9.227   14.764  2.410   1.00 42.62  ? 79  VAL A C   1 
ATOM   318  O  O   . VAL A 1 40  ? 9.659   14.909  3.566   1.00 44.73  ? 79  VAL A O   1 
ATOM   319  C  CB  . VAL A 1 40  ? 6.960   13.717  2.675   1.00 43.11  ? 79  VAL A CB  1 
ATOM   320  C  CG1 . VAL A 1 40  ? 6.328   15.005  2.187   1.00 44.84  ? 79  VAL A CG1 1 
ATOM   321  C  CG2 . VAL A 1 40  ? 6.086   12.530  2.316   1.00 45.34  ? 79  VAL A CG2 1 
ATOM   322  N  N   . SER A 1 41  ? 9.486   15.573  1.387   1.00 43.76  ? 80  SER A N   1 
ATOM   323  C  CA  . SER A 1 41  ? 10.133  16.901  1.520   1.00 43.77  ? 80  SER A CA  1 
ATOM   324  C  C   . SER A 1 41  ? 9.430   17.863  0.572   1.00 42.83  ? 80  SER A C   1 
ATOM   325  O  O   . SER A 1 41  ? 8.795   17.391  -0.377  1.00 45.70  ? 80  SER A O   1 
ATOM   326  C  CB  . SER A 1 41  ? 11.634  16.830  1.300   1.00 44.21  ? 80  SER A CB  1 
ATOM   327  O  OG  . SER A 1 41  ? 11.981  16.428  -0.014  1.00 46.83  ? 80  SER A OG  1 
ATOM   328  N  N   . GLY A 1 42  ? 9.473   19.159  0.876   1.00 47.60  ? 81  GLY A N   1 
ATOM   329  C  CA  . GLY A 1 42  ? 8.937   20.214  -0.005  1.00 43.93  ? 81  GLY A CA  1 
ATOM   330  C  C   . GLY A 1 42  ? 7.524   20.608  0.363   1.00 44.13  ? 81  GLY A C   1 
ATOM   331  O  O   . GLY A 1 42  ? 6.865   21.264  -0.461  1.00 49.96  ? 81  GLY A O   1 
ATOM   332  N  N   . LEU A 1 43  ? 7.049   20.209  1.542   1.00 45.60  ? 82  LEU A N   1 
ATOM   333  C  CA  . LEU A 1 43  ? 5.756   20.698  2.089   1.00 48.82  ? 82  LEU A CA  1 
ATOM   334  C  C   . LEU A 1 43  ? 5.992   22.046  2.781   1.00 48.02  ? 82  LEU A C   1 
ATOM   335  O  O   . LEU A 1 43  ? 7.150   22.364  3.099   1.00 53.74  ? 82  LEU A O   1 
ATOM   336  C  CB  . LEU A 1 43  ? 5.180   19.682  3.080   1.00 51.94  ? 82  LEU A CB  1 
ATOM   337  C  CG  . LEU A 1 43  ? 4.815   18.306  2.521   1.00 51.72  ? 82  LEU A CG  1 
ATOM   338  C  CD1 . LEU A 1 43  ? 4.463   17.359  3.659   1.00 53.63  ? 82  LEU A CD1 1 
ATOM   339  C  CD2 . LEU A 1 43  ? 3.653   18.403  1.544   1.00 53.03  ? 82  LEU A CD2 1 
ATOM   340  N  N   . ASP A 1 44  ? 4.916   22.789  3.020   1.00 47.71  ? 83  ASP A N   1 
ATOM   341  C  CA  . ASP A 1 44  ? 4.908   24.012  3.858   1.00 47.99  ? 83  ASP A CA  1 
ATOM   342  C  C   . ASP A 1 44  ? 4.848   23.559  5.314   1.00 47.85  ? 83  ASP A C   1 
ATOM   343  O  O   . ASP A 1 44  ? 3.838   23.015  5.750   1.00 44.34  ? 83  ASP A O   1 
ATOM   344  C  CB  . ASP A 1 44  ? 3.751   24.917  3.433   1.00 50.63  ? 83  ASP A CB  1 
ATOM   345  C  CG  . ASP A 1 44  ? 3.728   26.263  4.128   1.00 48.88  ? 83  ASP A CG  1 
ATOM   346  O  OD1 . ASP A 1 44  ? 4.273   26.364  5.251   1.00 49.89  ? 83  ASP A OD1 1 
ATOM   347  O  OD2 . ASP A 1 44  ? 3.154   27.188  3.540   1.00 49.55  ? 83  ASP A OD2 1 
ATOM   348  N  N   . PRO A 1 45  ? 5.933   23.733  6.104   1.00 48.26  ? 84  PRO A N   1 
ATOM   349  C  CA  . PRO A 1 45  ? 5.968   23.233  7.475   1.00 46.82  ? 84  PRO A CA  1 
ATOM   350  C  C   . PRO A 1 45  ? 4.731   23.647  8.279   1.00 48.37  ? 84  PRO A C   1 
ATOM   351  O  O   . PRO A 1 45  ? 4.356   22.932  9.203   1.00 51.70  ? 84  PRO A O   1 
ATOM   352  C  CB  . PRO A 1 45  ? 7.221   23.881  8.085   1.00 47.67  ? 84  PRO A CB  1 
ATOM   353  C  CG  . PRO A 1 45  ? 8.105   24.208  6.901   1.00 45.34  ? 84  PRO A CG  1 
ATOM   354  C  CD  . PRO A 1 45  ? 7.168   24.444  5.733   1.00 47.01  ? 84  PRO A CD  1 
ATOM   355  N  N   . ASN A 1 46  ? 4.133   24.781  7.905   1.00 51.88  ? 85  ASN A N   1 
ATOM   356  C  CA  . ASN A 1 46  ? 3.035   25.451  8.650   1.00 52.02  ? 85  ASN A CA  1 
ATOM   357  C  C   . ASN A 1 46  ? 1.677   25.113  8.044   1.00 50.14  ? 85  ASN A C   1 
ATOM   358  O  O   . ASN A 1 46  ? 0.667   25.431  8.699   1.00 52.65  ? 85  ASN A O   1 
ATOM   359  C  CB  . ASN A 1 46  ? 3.250   26.967  8.686   1.00 54.03  ? 85  ASN A CB  1 
ATOM   360  C  CG  . ASN A 1 46  ? 4.535   27.296  9.407   1.00 54.24  ? 85  ASN A CG  1 
ATOM   361  O  OD1 . ASN A 1 46  ? 4.762   26.800  10.509  1.00 54.96  ? 85  ASN A OD1 1 
ATOM   362  N  ND2 . ASN A 1 46  ? 5.400   28.066  8.772   1.00 59.69  ? 85  ASN A ND2 1 
ATOM   363  N  N   . ALA A 1 47  ? 1.642   24.522  6.847   1.00 50.07  ? 86  ALA A N   1 
ATOM   364  C  CA  . ALA A 1 47  ? 0.384   24.094  6.190   1.00 45.32  ? 86  ALA A CA  1 
ATOM   365  C  C   . ALA A 1 47  ? -0.091  22.783  6.817   1.00 42.32  ? 86  ALA A C   1 
ATOM   366  O  O   . ALA A 1 47  ? 0.707   22.101  7.492   1.00 41.77  ? 86  ALA A O   1 
ATOM   367  C  CB  . ALA A 1 47  ? 0.554   23.963  4.701   1.00 48.22  ? 86  ALA A CB  1 
ATOM   368  N  N   . MET A 1 48  ? -1.368  22.476  6.610   1.00 44.26  ? 87  MET A N   1 
ATOM   369  C  CA  . MET A 1 48  ? -2.061  21.288  7.167   1.00 45.72  ? 87  MET A CA  1 
ATOM   370  C  C   . MET A 1 48  ? -2.315  20.268  6.046   1.00 41.50  ? 87  MET A C   1 
ATOM   371  O  O   . MET A 1 48  ? -2.816  20.676  4.982   1.00 37.27  ? 87  MET A O   1 
ATOM   372  C  CB  . MET A 1 48  ? -3.396  21.728  7.766   1.00 49.71  ? 87  MET A CB  1 
ATOM   373  C  CG  . MET A 1 48  ? -3.248  22.817  8.822   1.00 56.98  ? 87  MET A CG  1 
ATOM   374  S  SD  . MET A 1 48  ? -3.481  22.201  10.493  1.00 57.75  ? 87  MET A SD  1 
ATOM   375  C  CE  . MET A 1 48  ? -2.592  20.650  10.357  1.00 52.93  ? 87  MET A CE  1 
ATOM   376  N  N   . TYR A 1 49  ? -2.005  18.992  6.294   1.00 40.02  ? 88  TYR A N   1 
ATOM   377  C  CA  . TYR A 1 49  ? -2.178  17.876  5.330   1.00 40.02  ? 88  TYR A CA  1 
ATOM   378  C  C   . TYR A 1 49  ? -2.721  16.632  6.046   1.00 40.83  ? 88  TYR A C   1 
ATOM   379  O  O   . TYR A 1 49  ? -2.379  16.396  7.198   1.00 38.05  ? 88  TYR A O   1 
ATOM   380  C  CB  . TYR A 1 49  ? -0.849  17.509  4.665   1.00 40.71  ? 88  TYR A CB  1 
ATOM   381  C  CG  . TYR A 1 49  ? -0.083  18.654  4.057   1.00 43.12  ? 88  TYR A CG  1 
ATOM   382  C  CD1 . TYR A 1 49  ? -0.238  18.985  2.720   1.00 44.71  ? 88  TYR A CD1 1 
ATOM   383  C  CD2 . TYR A 1 49  ? 0.802   19.411  4.811   1.00 43.91  ? 88  TYR A CD2 1 
ATOM   384  C  CE1 . TYR A 1 49  ? 0.460   20.036  2.145   1.00 47.52  ? 88  TYR A CE1 1 
ATOM   385  C  CE2 . TYR A 1 49  ? 1.509   20.465  4.251   1.00 44.44  ? 88  TYR A CE2 1 
ATOM   386  C  CZ  . TYR A 1 49  ? 1.334   20.788  2.915   1.00 45.69  ? 88  TYR A CZ  1 
ATOM   387  O  OH  . TYR A 1 49  ? 2.029   21.818  2.345   1.00 44.28  ? 88  TYR A OH  1 
ATOM   388  N  N   . SER A 1 50  ? -3.517  15.828  5.346   1.00 37.97  ? 89  SER A N   1 
ATOM   389  C  CA  . SER A 1 50  ? -3.803  14.418  5.710   1.00 36.69  ? 89  SER A CA  1 
ATOM   390  C  C   . SER A 1 50  ? -3.101  13.494  4.707   1.00 36.99  ? 89  SER A C   1 
ATOM   391  O  O   . SER A 1 50  ? -3.002  13.879  3.525   1.00 37.04  ? 89  SER A O   1 
ATOM   392  C  CB  . SER A 1 50  ? -5.267  14.191  5.751   1.00 33.44  ? 89  SER A CB  1 
ATOM   393  O  OG  . SER A 1 50  ? -5.848  15.067  6.694   1.00 32.13  ? 89  SER A OG  1 
ATOM   394  N  N   . PHE A 1 51  ? -2.562  12.371  5.183   1.00 33.68  ? 90  PHE A N   1 
ATOM   395  C  CA  . PHE A 1 51  ? -1.936  11.323  4.344   1.00 34.40  ? 90  PHE A CA  1 
ATOM   396  C  C   . PHE A 1 51  ? -2.921  10.170  4.218   1.00 36.98  ? 90  PHE A C   1 
ATOM   397  O  O   . PHE A 1 51  ? -3.313  9.568   5.266   1.00 32.09  ? 90  PHE A O   1 
ATOM   398  C  CB  . PHE A 1 51  ? -0.596  10.857  4.903   1.00 33.34  ? 90  PHE A CB  1 
ATOM   399  C  CG  . PHE A 1 51  ? 0.545   11.745  4.495   1.00 34.35  ? 90  PHE A CG  1 
ATOM   400  C  CD1 . PHE A 1 51  ? 1.584   11.257  3.733   1.00 37.23  ? 90  PHE A CD1 1 
ATOM   401  C  CD2 . PHE A 1 51  ? 0.556   13.089  4.838   1.00 37.03  ? 90  PHE A CD2 1 
ATOM   402  C  CE1 . PHE A 1 51  ? 2.628   12.088  3.356   1.00 38.46  ? 90  PHE A CE1 1 
ATOM   403  C  CE2 . PHE A 1 51  ? 1.591   13.921  4.448   1.00 35.31  ? 90  PHE A CE2 1 
ATOM   404  C  CZ  . PHE A 1 51  ? 2.629   13.419  3.711   1.00 35.94  ? 90  PHE A CZ  1 
ATOM   405  N  N   . LEU A 1 52  ? -3.312  9.902   2.971   1.00 37.31  ? 91  LEU A N   1 
ATOM   406  C  CA  . LEU A 1 52  ? -4.262  8.825   2.589   1.00 34.62  ? 91  LEU A CA  1 
ATOM   407  C  C   . LEU A 1 52  ? -3.471  7.723   1.867   1.00 34.09  ? 91  LEU A C   1 
ATOM   408  O  O   . LEU A 1 52  ? -2.472  8.058   1.192   1.00 34.80  ? 91  LEU A O   1 
ATOM   409  C  CB  . LEU A 1 52  ? -5.333  9.431   1.684   1.00 34.67  ? 91  LEU A CB  1 
ATOM   410  C  CG  . LEU A 1 52  ? -6.569  10.026  2.363   1.00 37.54  ? 91  LEU A CG  1 
ATOM   411  C  CD1 . LEU A 1 52  ? -6.225  10.864  3.575   1.00 39.54  ? 91  LEU A CD1 1 
ATOM   412  C  CD2 . LEU A 1 52  ? -7.352  10.856  1.361   1.00 37.38  ? 91  LEU A CD2 1 
ATOM   413  N  N   . LEU A 1 53  ? -3.883  6.465   2.048   1.00 29.32  ? 92  LEU A N   1 
ATOM   414  C  CA  . LEU A 1 53  ? -3.324  5.260   1.390   1.00 27.89  ? 92  LEU A CA  1 
ATOM   415  C  C   . LEU A 1 53  ? -4.497  4.515   0.749   1.00 27.48  ? 92  LEU A C   1 
ATOM   416  O  O   . LEU A 1 53  ? -5.570  4.369   1.379   1.00 28.95  ? 92  LEU A O   1 
ATOM   417  C  CB  . LEU A 1 53  ? -2.571  4.388   2.408   1.00 28.97  ? 92  LEU A CB  1 
ATOM   418  C  CG  . LEU A 1 53  ? -2.191  2.976   1.936   1.00 29.24  ? 92  LEU A CG  1 
ATOM   419  C  CD1 . LEU A 1 53  ? -1.171  3.013   0.820   1.00 29.09  ? 92  LEU A CD1 1 
ATOM   420  C  CD2 . LEU A 1 53  ? -1.656  2.133   3.076   1.00 29.49  ? 92  LEU A CD2 1 
ATOM   421  N  N   . ASP A 1 54  ? -4.343  4.134   -0.515  1.00 29.44  ? 93  ASP A N   1 
ATOM   422  C  CA  . ASP A 1 54  ? -5.260  3.168   -1.173  1.00 26.23  ? 93  ASP A CA  1 
ATOM   423  C  C   . ASP A 1 54  ? -4.434  2.227   -2.044  1.00 26.77  ? 93  ASP A C   1 
ATOM   424  O  O   . ASP A 1 54  ? -3.216  2.376   -2.109  1.00 24.99  ? 93  ASP A O   1 
ATOM   425  C  CB  . ASP A 1 54  ? -6.371  3.888   -1.925  1.00 27.39  ? 93  ASP A CB  1 
ATOM   426  C  CG  . ASP A 1 54  ? -5.901  4.794   -3.046  1.00 26.52  ? 93  ASP A CG  1 
ATOM   427  O  OD1 . ASP A 1 54  ? -4.732  4.668   -3.482  1.00 25.36  ? 93  ASP A OD1 1 
ATOM   428  O  OD2 . ASP A 1 54  ? -6.717  5.632   -3.466  1.00 27.12  ? 93  ASP A OD2 1 
ATOM   429  N  N   . PHE A 1 55  ? -5.105  1.240   -2.614  1.00 29.53  ? 94  PHE A N   1 
ATOM   430  C  CA  . PHE A 1 55  ? -4.518  0.168   -3.439  1.00 29.76  ? 94  PHE A CA  1 
ATOM   431  C  C   . PHE A 1 55  ? -5.241  0.179   -4.784  1.00 28.87  ? 94  PHE A C   1 
ATOM   432  O  O   . PHE A 1 55  ? -6.465  -0.011  -4.837  1.00 28.63  ? 94  PHE A O   1 
ATOM   433  C  CB  . PHE A 1 55  ? -4.632  -1.166  -2.703  1.00 29.26  ? 94  PHE A CB  1 
ATOM   434  C  CG  . PHE A 1 55  ? -3.993  -1.111  -1.349  1.00 26.82  ? 94  PHE A CG  1 
ATOM   435  C  CD1 . PHE A 1 55  ? -2.670  -1.483  -1.184  1.00 28.95  ? 94  PHE A CD1 1 
ATOM   436  C  CD2 . PHE A 1 55  ? -4.676  -0.589  -0.269  1.00 27.92  ? 94  PHE A CD2 1 
ATOM   437  C  CE1 . PHE A 1 55  ? -2.058  -1.390  0.055   1.00 29.20  ? 94  PHE A CE1 1 
ATOM   438  C  CE2 . PHE A 1 55  ? -4.055  -0.477  0.965   1.00 29.42  ? 94  PHE A CE2 1 
ATOM   439  C  CZ  . PHE A 1 55  ? -2.746  -0.873  1.121   1.00 28.11  ? 94  PHE A CZ  1 
ATOM   440  N  N   . VAL A 1 56  ? -4.480  0.417   -5.840  1.00 30.84  ? 95  VAL A N   1 
ATOM   441  C  CA  . VAL A 1 56  ? -4.982  0.347   -7.241  1.00 28.67  ? 95  VAL A CA  1 
ATOM   442  C  C   . VAL A 1 56  ? -4.815  -1.090  -7.722  1.00 25.11  ? 95  VAL A C   1 
ATOM   443  O  O   . VAL A 1 56  ? -3.679  -1.560  -7.711  1.00 26.26  ? 95  VAL A O   1 
ATOM   444  C  CB  . VAL A 1 56  ? -4.181  1.298   -8.146  1.00 27.62  ? 95  VAL A CB  1 
ATOM   445  C  CG1 . VAL A 1 56  ? -4.591  1.134   -9.601  1.00 27.58  ? 95  VAL A CG1 1 
ATOM   446  C  CG2 . VAL A 1 56  ? -4.321  2.740   -7.705  1.00 29.81  ? 95  VAL A CG2 1 
ATOM   447  N  N   . ALA A 1 57  ? -5.867  -1.707  -8.250  1.00 28.39  ? 96  ALA A N   1 
ATOM   448  C  CA  . ALA A 1 57  ? -5.764  -2.975  -9.008  1.00 27.60  ? 96  ALA A CA  1 
ATOM   449  C  C   . ALA A 1 57  ? -4.849  -2.731  -10.208 1.00 26.90  ? 96  ALA A C   1 
ATOM   450  O  O   . ALA A 1 57  ? -5.244  -1.930  -11.062 1.00 28.16  ? 96  ALA A O   1 
ATOM   451  C  CB  . ALA A 1 57  ? -7.141  -3.433  -9.427  1.00 28.08  ? 96  ALA A CB  1 
ATOM   452  N  N   . ALA A 1 58  ? -3.651  -3.337  -10.237 1.00 29.61  ? 97  ALA A N   1 
ATOM   453  C  CA  . ALA A 1 58  ? -2.594  -3.099  -11.254 1.00 27.76  ? 97  ALA A CA  1 
ATOM   454  C  C   . ALA A 1 58  ? -3.047  -3.634  -12.625 1.00 30.38  ? 97  ALA A C   1 
ATOM   455  O  O   . ALA A 1 58  ? -2.538  -3.156  -13.664 1.00 29.67  ? 97  ALA A O   1 
ATOM   456  C  CB  . ALA A 1 58  ? -1.292  -3.719  -10.811 1.00 26.94  ? 97  ALA A CB  1 
ATOM   457  N  N   . ASP A 1 59  ? -3.979  -4.591  -12.623 1.00 32.86  ? 98  ASP A N   1 
ATOM   458  C  CA  . ASP A 1 59  ? -4.577  -5.192  -13.843 1.00 31.62  ? 98  ASP A CA  1 
ATOM   459  C  C   . ASP A 1 59  ? -5.942  -5.727  -13.465 1.00 32.00  ? 98  ASP A C   1 
ATOM   460  O  O   . ASP A 1 59  ? -6.265  -5.724  -12.267 1.00 34.77  ? 98  ASP A O   1 
ATOM   461  C  CB  . ASP A 1 59  ? -3.681  -6.282  -14.423 1.00 33.18  ? 98  ASP A CB  1 
ATOM   462  C  CG  . ASP A 1 59  ? -3.416  -7.434  -13.459 1.00 34.46  ? 98  ASP A CG  1 
ATOM   463  O  OD1 . ASP A 1 59  ? -4.397  -8.099  -13.071 1.00 34.06  ? 98  ASP A OD1 1 
ATOM   464  O  OD2 . ASP A 1 59  ? -2.234  -7.660  -13.121 1.00 30.61  ? 98  ASP A OD2 1 
ATOM   465  N  N   . ASN A 1 60  ? -6.715  -6.155  -14.453 1.00 36.35  ? 99  ASN A N   1 
ATOM   466  C  CA  . ASN A 1 60  ? -8.132  -6.531  -14.240 1.00 39.16  ? 99  ASN A CA  1 
ATOM   467  C  C   . ASN A 1 60  ? -8.286  -8.046  -14.104 1.00 39.15  ? 99  ASN A C   1 
ATOM   468  O  O   . ASN A 1 60  ? -9.421  -8.508  -14.261 1.00 37.58  ? 99  ASN A O   1 
ATOM   469  C  CB  . ASN A 1 60  ? -9.005  -5.985  -15.361 1.00 41.67  ? 99  ASN A CB  1 
ATOM   470  C  CG  . ASN A 1 60  ? -9.076  -4.481  -15.314 1.00 43.49  ? 99  ASN A CG  1 
ATOM   471  O  OD1 . ASN A 1 60  ? -8.826  -3.846  -16.326 1.00 47.99  ? 99  ASN A OD1 1 
ATOM   472  N  ND2 . ASN A 1 60  ? -9.390  -3.917  -14.155 1.00 40.29  ? 99  ASN A ND2 1 
ATOM   473  N  N   . HIS A 1 61  ? -7.222  -8.768  -13.737 1.00 39.33  ? 100 HIS A N   1 
ATOM   474  C  CA  . HIS A 1 61  ? -7.194  -10.254 -13.771 1.00 42.58  ? 100 HIS A CA  1 
ATOM   475  C  C   . HIS A 1 61  ? -7.123  -10.885 -12.362 1.00 43.97  ? 100 HIS A C   1 
ATOM   476  O  O   . HIS A 1 61  ? -6.622  -10.254 -11.389 1.00 40.60  ? 100 HIS A O   1 
ATOM   477  C  CB  . HIS A 1 61  ? -6.052  -10.719 -14.682 1.00 42.39  ? 100 HIS A CB  1 
ATOM   478  C  CG  . HIS A 1 61  ? -6.224  -10.366 -16.122 1.00 46.14  ? 100 HIS A CG  1 
ATOM   479  N  ND1 . HIS A 1 61  ? -6.552  -11.310 -17.078 1.00 46.97  ? 100 HIS A ND1 1 
ATOM   480  C  CD2 . HIS A 1 61  ? -6.087  -9.189  -16.780 1.00 48.65  ? 100 HIS A CD2 1 
ATOM   481  C  CE1 . HIS A 1 61  ? -6.606  -10.728 -18.261 1.00 51.64  ? 100 HIS A CE1 1 
ATOM   482  N  NE2 . HIS A 1 61  ? -6.339  -9.426  -18.106 1.00 52.28  ? 100 HIS A NE2 1 
ATOM   483  N  N   . ARG A 1 62  ? -7.630  -12.115 -12.289 1.00 43.60  ? 101 ARG A N   1 
ATOM   484  C  CA  . ARG A 1 62  ? -7.422  -13.105 -11.210 1.00 47.98  ? 101 ARG A CA  1 
ATOM   485  C  C   . ARG A 1 62  ? -6.089  -13.813 -11.487 1.00 47.80  ? 101 ARG A C   1 
ATOM   486  O  O   . ARG A 1 62  ? -5.888  -14.290 -12.628 1.00 49.35  ? 101 ARG A O   1 
ATOM   487  C  CB  . ARG A 1 62  ? -8.633  -14.043 -11.201 1.00 59.93  ? 101 ARG A CB  1 
ATOM   488  C  CG  . ARG A 1 62  ? -8.386  -15.451 -10.668 1.00 71.99  ? 101 ARG A CG  1 
ATOM   489  C  CD  . ARG A 1 62  ? -9.685  -16.164 -10.316 1.00 79.43  ? 101 ARG A CD  1 
ATOM   490  N  NE  . ARG A 1 62  ? -10.543 -15.261 -9.559  1.00 87.77  ? 101 ARG A NE  1 
ATOM   491  C  CZ  . ARG A 1 62  ? -10.393 -14.959 -8.271  1.00 92.18  ? 101 ARG A CZ  1 
ATOM   492  N  NH1 . ARG A 1 62  ? -9.431  -15.522 -7.555  1.00 89.72  ? 101 ARG A NH1 1 
ATOM   493  N  NH2 . ARG A 1 62  ? -11.220 -14.097 -7.699  1.00 92.63  ? 101 ARG A NH2 1 
ATOM   494  N  N   . TRP A 1 63  ? -5.194  -13.858 -10.500 1.00 42.40  ? 102 TRP A N   1 
ATOM   495  C  CA  . TRP A 1 63  ? -3.891  -14.560 -10.605 1.00 44.68  ? 102 TRP A CA  1 
ATOM   496  C  C   . TRP A 1 63  ? -3.964  -15.897 -9.843  1.00 50.35  ? 102 TRP A C   1 
ATOM   497  O  O   . TRP A 1 63  ? -4.788  -16.015 -8.922  1.00 57.71  ? 102 TRP A O   1 
ATOM   498  C  CB  . TRP A 1 63  ? -2.751  -13.665 -10.105 1.00 40.02  ? 102 TRP A CB  1 
ATOM   499  C  CG  . TRP A 1 63  ? -2.481  -12.444 -10.933 1.00 38.52  ? 102 TRP A CG  1 
ATOM   500  C  CD1 . TRP A 1 63  ? -3.224  -11.299 -11.000 1.00 36.35  ? 102 TRP A CD1 1 
ATOM   501  C  CD2 . TRP A 1 63  ? -1.357  -12.237 -11.809 1.00 33.97  ? 102 TRP A CD2 1 
ATOM   502  N  NE1 . TRP A 1 63  ? -2.642  -10.406 -11.858 1.00 34.32  ? 102 TRP A NE1 1 
ATOM   503  C  CE2 . TRP A 1 63  ? -1.492  -10.948 -12.359 1.00 32.37  ? 102 TRP A CE2 1 
ATOM   504  C  CE3 . TRP A 1 63  ? -0.265  -13.020 -12.182 1.00 32.98  ? 102 TRP A CE3 1 
ATOM   505  C  CZ2 . TRP A 1 63  ? -0.569  -10.430 -13.259 1.00 34.01  ? 102 TRP A CZ2 1 
ATOM   506  C  CZ3 . TRP A 1 63  ? 0.649   -12.509 -13.073 1.00 34.40  ? 102 TRP A CZ3 1 
ATOM   507  C  CH2 . TRP A 1 63  ? 0.501   -11.227 -13.594 1.00 34.48  ? 102 TRP A CH2 1 
ATOM   508  N  N   . LYS A 1 64  ? -3.135  -16.873 -10.222 1.00 52.23  ? 103 LYS A N   1 
ATOM   509  C  CA  . LYS A 1 64  ? -3.087  -18.222 -9.597  1.00 55.82  ? 103 LYS A CA  1 
ATOM   510  C  C   . LYS A 1 64  ? -1.634  -18.711 -9.609  1.00 50.89  ? 103 LYS A C   1 
ATOM   511  O  O   . LYS A 1 64  ? -0.908  -18.373 -10.558 1.00 47.03  ? 103 LYS A O   1 
ATOM   512  C  CB  . LYS A 1 64  ? -4.074  -19.166 -10.297 1.00 62.76  ? 103 LYS A CB  1 
ATOM   513  C  CG  . LYS A 1 64  ? -4.703  -18.624 -11.578 1.00 73.58  ? 103 LYS A CG  1 
ATOM   514  C  CD  . LYS A 1 64  ? -5.051  -19.694 -12.601 1.00 79.60  ? 103 LYS A CD  1 
ATOM   515  C  CE  . LYS A 1 64  ? -4.849  -19.246 -14.036 1.00 78.42  ? 103 LYS A CE  1 
ATOM   516  N  NZ  . LYS A 1 64  ? -4.452  -20.380 -14.904 1.00 78.72  ? 103 LYS A NZ  1 
ATOM   517  N  N   . TYR A 1 65  ? -1.201  -19.409 -8.551  1.00 52.68  ? 104 TYR A N   1 
ATOM   518  C  CA  . TYR A 1 65  ? 0.169   -19.974 -8.428  1.00 52.14  ? 104 TYR A CA  1 
ATOM   519  C  C   . TYR A 1 65  ? 0.123   -21.356 -9.086  1.00 54.24  ? 104 TYR A C   1 
ATOM   520  O  O   . TYR A 1 65  ? -0.548  -22.240 -8.553  1.00 58.22  ? 104 TYR A O   1 
ATOM   521  C  CB  . TYR A 1 65  ? 0.650   -19.969 -6.970  1.00 47.19  ? 104 TYR A CB  1 
ATOM   522  C  CG  . TYR A 1 65  ? 2.157   -19.958 -6.801  1.00 46.07  ? 104 TYR A CG  1 
ATOM   523  C  CD1 . TYR A 1 65  ? 2.928   -18.929 -7.309  1.00 43.33  ? 104 TYR A CD1 1 
ATOM   524  C  CD2 . TYR A 1 65  ? 2.826   -20.981 -6.133  1.00 45.72  ? 104 TYR A CD2 1 
ATOM   525  C  CE1 . TYR A 1 65  ? 4.312   -18.914 -7.163  1.00 45.48  ? 104 TYR A CE1 1 
ATOM   526  C  CE2 . TYR A 1 65  ? 4.206   -20.974 -5.969  1.00 41.44  ? 104 TYR A CE2 1 
ATOM   527  C  CZ  . TYR A 1 65  ? 4.955   -19.938 -6.487  1.00 41.15  ? 104 TYR A CZ  1 
ATOM   528  O  OH  . TYR A 1 65  ? 6.315   -19.929 -6.341  1.00 46.41  ? 104 TYR A OH  1 
ATOM   529  N  N   . VAL A 1 66  ? 0.719   -21.483 -10.272 1.00 58.71  ? 105 VAL A N   1 
ATOM   530  C  CA  . VAL A 1 66  ? 0.646   -22.698 -11.135 1.00 60.45  ? 105 VAL A CA  1 
ATOM   531  C  C   . VAL A 1 66  ? 2.079   -23.184 -11.366 1.00 60.15  ? 105 VAL A C   1 
ATOM   532  O  O   . VAL A 1 66  ? 2.854   -22.446 -12.004 1.00 54.31  ? 105 VAL A O   1 
ATOM   533  C  CB  . VAL A 1 66  ? -0.104  -22.410 -12.454 1.00 64.02  ? 105 VAL A CB  1 
ATOM   534  C  CG1 . VAL A 1 66  ? 0.161   -23.453 -13.536 1.00 64.17  ? 105 VAL A CG1 1 
ATOM   535  C  CG2 . VAL A 1 66  ? -1.599  -22.272 -12.212 1.00 61.49  ? 105 VAL A CG2 1 
ATOM   536  N  N   . ASN A 1 67  ? 2.405   -24.365 -10.832 1.00 58.99  ? 106 ASN A N   1 
ATOM   537  C  CA  . ASN A 1 67  ? 3.724   -25.028 -10.983 1.00 61.92  ? 106 ASN A CA  1 
ATOM   538  C  C   . ASN A 1 67  ? 4.809   -24.016 -10.630 1.00 54.74  ? 106 ASN A C   1 
ATOM   539  O  O   . ASN A 1 67  ? 5.670   -23.749 -11.489 1.00 46.78  ? 106 ASN A O   1 
ATOM   540  C  CB  . ASN A 1 67  ? 3.901   -25.606 -12.389 1.00 66.19  ? 106 ASN A CB  1 
ATOM   541  C  CG  . ASN A 1 67  ? 2.853   -26.656 -12.681 1.00 68.61  ? 106 ASN A CG  1 
ATOM   542  O  OD1 . ASN A 1 67  ? 2.674   -27.587 -11.898 1.00 66.81  ? 106 ASN A OD1 1 
ATOM   543  N  ND2 . ASN A 1 67  ? 2.131   -26.490 -13.777 1.00 66.17  ? 106 ASN A ND2 1 
ATOM   544  N  N   . GLY A 1 68  ? 4.711   -23.457 -9.423  1.00 55.72  ? 107 GLY A N   1 
ATOM   545  C  CA  . GLY A 1 68  ? 5.705   -22.536 -8.832  1.00 53.87  ? 107 GLY A CA  1 
ATOM   546  C  C   . GLY A 1 68  ? 5.808   -21.201 -9.547  1.00 46.48  ? 107 GLY A C   1 
ATOM   547  O  O   . GLY A 1 68  ? 6.843   -20.558 -9.410  1.00 50.79  ? 107 GLY A O   1 
ATOM   548  N  N   . GLU A 1 69  ? 4.788   -20.762 -10.274 1.00 48.85  ? 108 GLU A N   1 
ATOM   549  C  CA  . GLU A 1 69  ? 4.843   -19.433 -10.939 1.00 53.14  ? 108 GLU A CA  1 
ATOM   550  C  C   . GLU A 1 69  ? 3.448   -18.804 -10.923 1.00 50.94  ? 108 GLU A C   1 
ATOM   551  O  O   . GLU A 1 69  ? 2.451   -19.553 -11.021 1.00 50.83  ? 108 GLU A O   1 
ATOM   552  C  CB  . GLU A 1 69  ? 5.485   -19.546 -12.327 1.00 61.85  ? 108 GLU A CB  1 
ATOM   553  C  CG  . GLU A 1 69  ? 4.539   -19.939 -13.462 1.00 74.92  ? 108 GLU A CG  1 
ATOM   554  C  CD  . GLU A 1 69  ? 5.107   -19.821 -14.877 1.00 81.72  ? 108 GLU A CD  1 
ATOM   555  O  OE1 . GLU A 1 69  ? 6.342   -19.714 -15.017 1.00 80.38  ? 108 GLU A OE1 1 
ATOM   556  O  OE2 . GLU A 1 69  ? 4.310   -19.836 -15.850 1.00 90.10  ? 108 GLU A OE2 1 
ATOM   557  N  N   . TRP A 1 70  ? 3.390   -17.476 -10.757 1.00 46.89  ? 109 TRP A N   1 
ATOM   558  C  CA  . TRP A 1 70  ? 2.135   -16.673 -10.757 1.00 43.32  ? 109 TRP A CA  1 
ATOM   559  C  C   . TRP A 1 70  ? 1.704   -16.402 -12.205 1.00 43.09  ? 109 TRP A C   1 
ATOM   560  O  O   . TRP A 1 70  ? 2.517   -15.851 -12.955 1.00 43.85  ? 109 TRP A O   1 
ATOM   561  C  CB  . TRP A 1 70  ? 2.323   -15.359 -9.984  1.00 40.80  ? 109 TRP A CB  1 
ATOM   562  C  CG  . TRP A 1 70  ? 2.282   -15.504 -8.496  1.00 36.47  ? 109 TRP A CG  1 
ATOM   563  C  CD1 . TRP A 1 70  ? 3.331   -15.425 -7.622  1.00 34.63  ? 109 TRP A CD1 1 
ATOM   564  C  CD2 . TRP A 1 70  ? 1.110   -15.740 -7.697  1.00 34.18  ? 109 TRP A CD2 1 
ATOM   565  N  NE1 . TRP A 1 70  ? 2.892   -15.621 -6.337  1.00 35.19  ? 109 TRP A NE1 1 
ATOM   566  C  CE2 . TRP A 1 70  ? 1.536   -15.816 -6.354  1.00 33.28  ? 109 TRP A CE2 1 
ATOM   567  C  CE3 . TRP A 1 70  ? -0.249  -15.911 -7.985  1.00 34.12  ? 109 TRP A CE3 1 
ATOM   568  C  CZ2 . TRP A 1 70  ? 0.639   -16.031 -5.307  1.00 34.76  ? 109 TRP A CZ2 1 
ATOM   569  C  CZ3 . TRP A 1 70  ? -1.129  -16.142 -6.950  1.00 35.38  ? 109 TRP A CZ3 1 
ATOM   570  C  CH2 . TRP A 1 70  ? -0.690  -16.188 -5.627  1.00 33.83  ? 109 TRP A CH2 1 
ATOM   571  N  N   . VAL A 1 71  ? 0.476   -16.770 -12.584 1.00 44.69  ? 110 VAL A N   1 
ATOM   572  C  CA  . VAL A 1 71  ? -0.042  -16.561 -13.969 1.00 44.68  ? 110 VAL A CA  1 
ATOM   573  C  C   . VAL A 1 71  ? -1.444  -15.979 -13.882 1.00 43.68  ? 110 VAL A C   1 
ATOM   574  O  O   . VAL A 1 71  ? -2.242  -16.332 -13.018 1.00 39.55  ? 110 VAL A O   1 
ATOM   575  C  CB  . VAL A 1 71  ? -0.004  -17.834 -14.840 1.00 45.33  ? 110 VAL A CB  1 
ATOM   576  C  CG1 . VAL A 1 71  ? 1.392   -18.416 -14.913 1.00 43.71  ? 110 VAL A CG1 1 
ATOM   577  C  CG2 . VAL A 1 71  ? -0.993  -18.887 -14.380 1.00 48.30  ? 110 VAL A CG2 1 
ATOM   578  N  N   . PRO A 1 72  ? -1.745  -15.004 -14.757 1.00 44.42  ? 111 PRO A N   1 
ATOM   579  C  CA  . PRO A 1 72  ? -3.054  -14.367 -14.776 1.00 45.43  ? 111 PRO A CA  1 
ATOM   580  C  C   . PRO A 1 72  ? -4.117  -15.221 -15.470 1.00 45.50  ? 111 PRO A C   1 
ATOM   581  O  O   . PRO A 1 72  ? -3.799  -15.825 -16.455 1.00 46.23  ? 111 PRO A O   1 
ATOM   582  C  CB  . PRO A 1 72  ? -2.842  -13.069 -15.568 1.00 44.27  ? 111 PRO A CB  1 
ATOM   583  C  CG  . PRO A 1 72  ? -1.525  -13.228 -16.310 1.00 45.81  ? 111 PRO A CG  1 
ATOM   584  C  CD  . PRO A 1 72  ? -0.808  -14.431 -15.728 1.00 47.89  ? 111 PRO A CD  1 
ATOM   585  N  N   . GLY A 1 73  ? -5.334  -15.218 -14.921 1.00 50.49  ? 112 GLY A N   1 
ATOM   586  C  CA  . GLY A 1 73  ? -6.540  -15.777 -15.553 1.00 54.44  ? 112 GLY A CA  1 
ATOM   587  C  C   . GLY A 1 73  ? -6.761  -15.154 -16.923 1.00 62.27  ? 112 GLY A C   1 
ATOM   588  O  O   . GLY A 1 73  ? -6.011  -14.225 -17.302 1.00 67.76  ? 112 GLY A O   1 
ATOM   589  N  N   . GLY A 1 74  ? -7.748  -15.652 -17.664 1.00 63.61  ? 113 GLY A N   1 
ATOM   590  C  CA  . GLY A 1 74  ? -8.019  -15.205 -19.039 1.00 62.98  ? 113 GLY A CA  1 
ATOM   591  C  C   . GLY A 1 74  ? -9.281  -14.373 -19.119 1.00 67.05  ? 113 GLY A C   1 
ATOM   592  O  O   . GLY A 1 74  ? -9.666  -14.024 -20.251 1.00 75.81  ? 113 GLY A O   1 
ATOM   593  N  N   . LYS A 1 75  ? -9.916  -14.053 -17.985 1.00 62.79  ? 114 LYS A N   1 
ATOM   594  C  CA  . LYS A 1 75  ? -11.253 -13.409 -18.011 1.00 65.31  ? 114 LYS A CA  1 
ATOM   595  C  C   . LYS A 1 75  ? -11.258 -12.184 -17.110 1.00 62.06  ? 114 LYS A C   1 
ATOM   596  O  O   . LYS A 1 75  ? -11.834 -12.191 -16.026 1.00 53.78  ? 114 LYS A O   1 
ATOM   597  C  CB  . LYS A 1 75  ? -12.358 -14.419 -17.690 1.00 69.26  ? 114 LYS A CB  1 
ATOM   598  C  CG  . LYS A 1 75  ? -13.563 -14.337 -18.627 1.00 75.29  ? 114 LYS A CG  1 
ATOM   599  C  CD  . LYS A 1 75  ? -13.202 -14.186 -20.111 1.00 78.56  ? 114 LYS A CD  1 
ATOM   600  C  CE  . LYS A 1 75  ? -14.182 -14.832 -21.070 1.00 84.30  ? 114 LYS A CE  1 
ATOM   601  N  NZ  . LYS A 1 75  ? -15.551 -14.285 -20.924 1.00 88.37  ? 114 LYS A NZ  1 
ATOM   602  N  N   . PRO A 1 76  ? -10.683 -11.064 -17.595 1.00 62.88  ? 115 PRO A N   1 
ATOM   603  C  CA  . PRO A 1 76  ? -10.677 -9.816  -16.836 1.00 66.16  ? 115 PRO A CA  1 
ATOM   604  C  C   . PRO A 1 76  ? -12.087 -9.360  -16.413 1.00 67.19  ? 115 PRO A C   1 
ATOM   605  O  O   . PRO A 1 76  ? -13.033 -9.604  -17.136 1.00 63.21  ? 115 PRO A O   1 
ATOM   606  C  CB  . PRO A 1 76  ? -10.018 -8.797  -17.784 1.00 66.17  ? 115 PRO A CB  1 
ATOM   607  C  CG  . PRO A 1 76  ? -10.077 -9.435  -19.161 1.00 66.07  ? 115 PRO A CG  1 
ATOM   608  C  CD  . PRO A 1 76  ? -10.040 -10.928 -18.911 1.00 65.94  ? 115 PRO A CD  1 
ATOM   609  N  N   . GLU A 1 77  ? -12.181 -8.752  -15.227 1.00 63.17  ? 116 GLU A N   1 
ATOM   610  C  CA  . GLU A 1 77  ? -13.360 -7.985  -14.750 1.00 67.03  ? 116 GLU A CA  1 
ATOM   611  C  C   . GLU A 1 77  ? -12.877 -6.606  -14.321 1.00 65.81  ? 116 GLU A C   1 
ATOM   612  O  O   . GLU A 1 77  ? -11.749 -6.461  -13.860 1.00 69.37  ? 116 GLU A O   1 
ATOM   613  C  CB  . GLU A 1 77  ? -14.032 -8.698  -13.578 1.00 68.15  ? 116 GLU A CB  1 
ATOM   614  C  CG  . GLU A 1 77  ? -14.415 -10.137 -13.868 1.00 72.47  ? 116 GLU A CG  1 
ATOM   615  C  CD  . GLU A 1 77  ? -15.027 -10.863 -12.679 1.00 76.43  ? 116 GLU A CD  1 
ATOM   616  O  OE1 . GLU A 1 77  ? -15.747 -10.207 -11.896 1.00 80.07  ? 116 GLU A OE1 1 
ATOM   617  O  OE2 . GLU A 1 77  ? -14.774 -12.081 -12.523 1.00 77.04  ? 116 GLU A OE2 1 
ATOM   618  N  N   . PRO A 1 78  ? -13.693 -5.542  -14.446 1.00 63.03  ? 117 PRO A N   1 
ATOM   619  C  CA  . PRO A 1 78  ? -13.297 -4.231  -13.937 1.00 67.03  ? 117 PRO A CA  1 
ATOM   620  C  C   . PRO A 1 78  ? -13.036 -4.339  -12.427 1.00 62.82  ? 117 PRO A C   1 
ATOM   621  O  O   . PRO A 1 78  ? -13.785 -5.008  -11.749 1.00 52.94  ? 117 PRO A O   1 
ATOM   622  C  CB  . PRO A 1 78  ? -14.485 -3.318  -14.266 1.00 65.80  ? 117 PRO A CB  1 
ATOM   623  C  CG  . PRO A 1 78  ? -15.206 -4.051  -15.379 1.00 68.55  ? 117 PRO A CG  1 
ATOM   624  C  CD  . PRO A 1 78  ? -15.024 -5.525  -15.067 1.00 66.10  ? 117 PRO A CD  1 
ATOM   625  N  N   . GLN A 1 79  ? -12.005 -3.680  -11.923 1.00 64.07  ? 118 GLN A N   1 
ATOM   626  C  CA  . GLN A 1 79  ? -11.786 -3.799  -10.467 1.00 69.53  ? 118 GLN A CA  1 
ATOM   627  C  C   . GLN A 1 79  ? -12.222 -2.500  -9.785  1.00 75.52  ? 118 GLN A C   1 
ATOM   628  O  O   . GLN A 1 79  ? -11.569 -1.482  -10.001 1.00 69.79  ? 118 GLN A O   1 
ATOM   629  C  CB  . GLN A 1 79  ? -10.328 -4.157  -10.194 1.00 65.66  ? 118 GLN A CB  1 
ATOM   630  C  CG  . GLN A 1 79  ? -9.849  -5.409  -10.913 1.00 65.08  ? 118 GLN A CG  1 
ATOM   631  C  CD  . GLN A 1 79  ? -10.578 -6.645  -10.452 1.00 63.39  ? 118 GLN A CD  1 
ATOM   632  O  OE1 . GLN A 1 79  ? -10.723 -6.895  -9.262  1.00 63.91  ? 118 GLN A OE1 1 
ATOM   633  N  NE2 . GLN A 1 79  ? -11.042 -7.435  -11.398 1.00 61.93  ? 118 GLN A NE2 1 
ATOM   634  N  N   . ALA A 1 80  ? -13.270 -2.561  -8.963  1.00 91.07  ? 119 ALA A N   1 
ATOM   635  C  CA  . ALA A 1 80  ? -13.704 -1.340  -8.250  1.00 90.71  ? 119 ALA A CA  1 
ATOM   636  C  C   . ALA A 1 80  ? -12.534 -0.947  -7.360  1.00 84.26  ? 119 ALA A C   1 
ATOM   637  O  O   . ALA A 1 80  ? -12.090 -1.790  -6.581  1.00 76.94  ? 119 ALA A O   1 
ATOM   638  C  CB  . ALA A 1 80  ? -14.943 -1.581  -7.427  1.00 91.88  ? 119 ALA A CB  1 
ATOM   639  N  N   . PRO A 1 81  ? -12.171 0.343   -7.290  1.00 73.10  ? 120 PRO A N   1 
ATOM   640  C  CA  . PRO A 1 81  ? -11.001 0.780   -6.542  1.00 65.02  ? 120 PRO A CA  1 
ATOM   641  C  C   . PRO A 1 81  ? -11.138 0.532   -5.038  1.00 56.45  ? 120 PRO A C   1 
ATOM   642  O  O   . PRO A 1 81  ? -12.220 0.470   -4.521  1.00 58.20  ? 120 PRO A O   1 
ATOM   643  C  CB  . PRO A 1 81  ? -11.031 2.289   -6.756  1.00 30.00  ? 120 PRO A CB  1 
ATOM   644  C  CG  . PRO A 1 81  ? -12.492 2.571   -6.935  1.00 30.00  ? 120 PRO A CG  1 
ATOM   645  C  CD  . PRO A 1 81  ? -12.938 1.443   -7.831  1.00 30.00  ? 120 PRO A CD  1 
ATOM   646  N  N   . SER A 1 82  ? -10.008 0.425   -4.352  1.00 48.64  ? 121 SER A N   1 
ATOM   647  C  CA  . SER A 1 82  ? -10.077 0.164   -2.897  1.00 44.93  ? 121 SER A CA  1 
ATOM   648  C  C   . SER A 1 82  ? -10.521 1.407   -2.148  1.00 43.36  ? 121 SER A C   1 
ATOM   649  O  O   . SER A 1 82  ? -10.396 2.511   -2.652  1.00 43.46  ? 121 SER A O   1 
ATOM   650  C  CB  . SER A 1 82  ? -8.790  -0.345  -2.325  1.00 30.00  ? 121 SER A CB  1 
ATOM   651  O  OG  . SER A 1 82  ? -8.006  0.709   -1.791  1.00 30.00  ? 121 SER A OG  1 
ATOM   652  N  N   . CYS A 1 83  ? -10.934 1.180   -0.909  1.00 41.14  ? 122 CYS A N   1 
ATOM   653  C  CA  . CYS A 1 83  ? -11.248 2.254   0.050   1.00 40.66  ? 122 CYS A CA  1 
ATOM   654  C  C   . CYS A 1 83  ? -9.933  2.904   0.514   1.00 35.86  ? 122 CYS A C   1 
ATOM   655  O  O   . CYS A 1 83  ? -8.854  2.328   0.379   1.00 32.30  ? 122 CYS A O   1 
ATOM   656  C  CB  . CYS A 1 83  ? -12.064 1.723   1.217   1.00 42.74  ? 122 CYS A CB  1 
ATOM   657  S  SG  . CYS A 1 83  ? -13.747 1.261   0.751   1.00 58.47  ? 122 CYS A SG  1 
ATOM   658  N  N   . VAL A 1 84  ? -10.044 4.107   1.043   1.00 35.78  ? 123 VAL A N   1 
ATOM   659  C  CA  . VAL A 1 84  ? -8.854  4.889   1.459   1.00 36.48  ? 123 VAL A CA  1 
ATOM   660  C  C   . VAL A 1 84  ? -8.588  4.743   2.959   1.00 33.21  ? 123 VAL A C   1 
ATOM   661  O  O   . VAL A 1 84  ? -9.531  4.716   3.713   1.00 29.78  ? 123 VAL A O   1 
ATOM   662  C  CB  . VAL A 1 84  ? -9.057  6.352   1.053   1.00 39.74  ? 123 VAL A CB  1 
ATOM   663  C  CG1 . VAL A 1 84  ? -10.234 6.957   1.783   1.00 41.44  ? 123 VAL A CG1 1 
ATOM   664  C  CG2 . VAL A 1 84  ? -7.808  7.168   1.278   1.00 40.47  ? 123 VAL A CG2 1 
ATOM   665  N  N   . TYR A 1 85  ? -7.326  4.552   3.327   1.00 32.76  ? 124 TYR A N   1 
ATOM   666  C  CA  . TYR A 1 85  ? -6.889  4.495   4.743   1.00 32.90  ? 124 TYR A CA  1 
ATOM   667  C  C   . TYR A 1 85  ? -6.302  5.856   5.093   1.00 33.86  ? 124 TYR A C   1 
ATOM   668  O  O   . TYR A 1 85  ? -5.396  6.302   4.380   1.00 33.69  ? 124 TYR A O   1 
ATOM   669  C  CB  . TYR A 1 85  ? -5.868  3.381   4.986   1.00 34.61  ? 124 TYR A CB  1 
ATOM   670  C  CG  . TYR A 1 85  ? -5.255  3.348   6.374   1.00 35.88  ? 124 TYR A CG  1 
ATOM   671  C  CD1 . TYR A 1 85  ? -5.943  2.819   7.462   1.00 33.60  ? 124 TYR A CD1 1 
ATOM   672  C  CD2 . TYR A 1 85  ? -3.968  3.810   6.594   1.00 31.56  ? 124 TYR A CD2 1 
ATOM   673  C  CE1 . TYR A 1 85  ? -5.377  2.773   8.727   1.00 33.23  ? 124 TYR A CE1 1 
ATOM   674  C  CE2 . TYR A 1 85  ? -3.386  3.772   7.852   1.00 34.08  ? 124 TYR A CE2 1 
ATOM   675  C  CZ  . TYR A 1 85  ? -4.095  3.257   8.923   1.00 33.92  ? 124 TYR A CZ  1 
ATOM   676  O  OH  . TYR A 1 85  ? -3.510  3.204   10.148  1.00 30.43  ? 124 TYR A OH  1 
ATOM   677  N  N   . ILE A 1 86  ? -6.816  6.483   6.145   1.00 32.09  ? 125 ILE A N   1 
ATOM   678  C  CA  . ILE A 1 86  ? -6.294  7.772   6.671   1.00 32.19  ? 125 ILE A CA  1 
ATOM   679  C  C   . ILE A 1 86  ? -5.194  7.449   7.675   1.00 32.59  ? 125 ILE A C   1 
ATOM   680  O  O   . ILE A 1 86  ? -5.471  6.759   8.656   1.00 32.88  ? 125 ILE A O   1 
ATOM   681  C  CB  . ILE A 1 86  ? -7.430  8.594   7.288   1.00 34.05  ? 125 ILE A CB  1 
ATOM   682  C  CG1 . ILE A 1 86  ? -8.571  8.757   6.282   1.00 37.31  ? 125 ILE A CG1 1 
ATOM   683  C  CG2 . ILE A 1 86  ? -6.908  9.932   7.790   1.00 35.84  ? 125 ILE A CG2 1 
ATOM   684  C  CD1 . ILE A 1 86  ? -9.805  9.422   6.859   1.00 40.57  ? 125 ILE A CD1 1 
ATOM   685  N  N   . HIS A 1 87  ? -3.971  7.884   7.412   1.00 32.39  ? 126 HIS A N   1 
ATOM   686  C  CA  . HIS A 1 87  ? -2.871  7.762   8.395   1.00 35.10  ? 126 HIS A CA  1 
ATOM   687  C  C   . HIS A 1 87  ? -3.374  8.360   9.708   1.00 34.61  ? 126 HIS A C   1 
ATOM   688  O  O   . HIS A 1 87  ? -3.901  9.472   9.712   1.00 32.80  ? 126 HIS A O   1 
ATOM   689  C  CB  . HIS A 1 87  ? -1.588  8.418   7.880   1.00 31.94  ? 126 HIS A CB  1 
ATOM   690  C  CG  . HIS A 1 87  ? -0.411  8.035   8.708   1.00 37.75  ? 126 HIS A CG  1 
ATOM   691  N  ND1 . HIS A 1 87  ? -0.173  8.593   9.953   1.00 35.80  ? 126 HIS A ND1 1 
ATOM   692  C  CD2 . HIS A 1 87  ? 0.557   7.115   8.513   1.00 37.65  ? 126 HIS A CD2 1 
ATOM   693  C  CE1 . HIS A 1 87  ? 0.919   8.051   10.464  1.00 39.12  ? 126 HIS A CE1 1 
ATOM   694  N  NE2 . HIS A 1 87  ? 1.382   7.143   9.605   1.00 38.95  ? 126 HIS A NE2 1 
ATOM   695  N  N   . PRO A 1 88  ? -3.280  7.633   10.844  1.00 36.64  ? 127 PRO A N   1 
ATOM   696  C  CA  . PRO A 1 88  ? -3.852  8.097   12.113  1.00 37.69  ? 127 PRO A CA  1 
ATOM   697  C  C   . PRO A 1 88  ? -3.279  9.427   12.639  1.00 35.09  ? 127 PRO A C   1 
ATOM   698  O  O   . PRO A 1 88  ? -4.026  10.138  13.287  1.00 36.73  ? 127 PRO A O   1 
ATOM   699  C  CB  . PRO A 1 88  ? -3.582  6.940   13.091  1.00 37.28  ? 127 PRO A CB  1 
ATOM   700  C  CG  . PRO A 1 88  ? -2.420  6.204   12.480  1.00 40.03  ? 127 PRO A CG  1 
ATOM   701  C  CD  . PRO A 1 88  ? -2.620  6.331   10.981  1.00 39.09  ? 127 PRO A CD  1 
ATOM   702  N  N   . ASP A 1 89  ? -2.026  9.776   12.310  1.00 35.22  ? 128 ASP A N   1 
ATOM   703  C  CA  . ASP A 1 89  ? -1.448  11.112  12.638  1.00 32.12  ? 128 ASP A CA  1 
ATOM   704  C  C   . ASP A 1 89  ? -2.191  12.231  11.892  1.00 33.07  ? 128 ASP A C   1 
ATOM   705  O  O   . ASP A 1 89  ? -1.929  13.377  12.224  1.00 35.88  ? 128 ASP A O   1 
ATOM   706  C  CB  . ASP A 1 89  ? 0.018   11.291  12.250  1.00 31.44  ? 128 ASP A CB  1 
ATOM   707  C  CG  . ASP A 1 89  ? 1.032   10.374  12.893  1.00 32.49  ? 128 ASP A CG  1 
ATOM   708  O  OD1 . ASP A 1 89  ? 0.630   9.457   13.607  1.00 34.57  ? 128 ASP A OD1 1 
ATOM   709  O  OD2 . ASP A 1 89  ? 2.238   10.569  12.615  1.00 32.85  ? 128 ASP A OD2 1 
ATOM   710  N  N   . SER A 1 90  ? -3.020  11.937  10.882  1.00 33.41  ? 129 SER A N   1 
ATOM   711  C  CA  . SER A 1 90  ? -3.760  12.958  10.081  1.00 34.51  ? 129 SER A CA  1 
ATOM   712  C  C   . SER A 1 90  ? -4.858  13.572  10.939  1.00 33.65  ? 129 SER A C   1 
ATOM   713  O  O   . SER A 1 90  ? -5.403  12.894  11.792  1.00 37.17  ? 129 SER A O   1 
ATOM   714  C  CB  . SER A 1 90  ? -4.371  12.368  8.827   1.00 32.69  ? 129 SER A CB  1 
ATOM   715  O  OG  . SER A 1 90  ? -3.443  11.543  8.141   1.00 33.03  ? 129 SER A OG  1 
ATOM   716  N  N   . PRO A 1 91  ? -5.241  14.852  10.763  1.00 33.46  ? 130 PRO A N   1 
ATOM   717  C  CA  . PRO A 1 91  ? -4.503  15.818  9.957   1.00 35.30  ? 130 PRO A CA  1 
ATOM   718  C  C   . PRO A 1 91  ? -3.329  16.363  10.762  1.00 35.00  ? 130 PRO A C   1 
ATOM   719  O  O   . PRO A 1 91  ? -3.362  16.217  11.954  1.00 40.05  ? 130 PRO A O   1 
ATOM   720  C  CB  . PRO A 1 91  ? -5.508  16.937  9.742   1.00 34.84  ? 130 PRO A CB  1 
ATOM   721  C  CG  . PRO A 1 91  ? -6.318  16.904  10.992  1.00 34.48  ? 130 PRO A CG  1 
ATOM   722  C  CD  . PRO A 1 91  ? -6.413  15.451  11.389  1.00 33.56  ? 130 PRO A CD  1 
ATOM   723  N  N   . ASN A 1 92  ? -2.349  16.976  10.113  1.00 34.00  ? 131 ASN A N   1 
ATOM   724  C  CA  . ASN A 1 92  ? -1.119  17.401  10.824  1.00 39.81  ? 131 ASN A CA  1 
ATOM   725  C  C   . ASN A 1 92  ? -0.306  18.360  9.954   1.00 39.93  ? 131 ASN A C   1 
ATOM   726  O  O   . ASN A 1 92  ? -0.630  18.517  8.761   1.00 39.67  ? 131 ASN A O   1 
ATOM   727  C  CB  . ASN A 1 92  ? -0.318  16.191  11.318  1.00 40.54  ? 131 ASN A CB  1 
ATOM   728  C  CG  . ASN A 1 92  ? 0.169   16.360  12.747  1.00 42.82  ? 131 ASN A CG  1 
ATOM   729  O  OD1 . ASN A 1 92  ? 0.656   17.428  13.117  1.00 43.92  ? 131 ASN A OD1 1 
ATOM   730  N  ND2 . ASN A 1 92  ? 0.074   15.309  13.544  1.00 37.87  ? 131 ASN A ND2 1 
ATOM   731  N  N   . PHE A 1 93  ? 0.654   19.043  10.581  1.00 41.79  ? 132 PHE A N   1 
ATOM   732  C  CA  . PHE A 1 93  ? 1.454   20.139  9.980   1.00 40.62  ? 132 PHE A CA  1 
ATOM   733  C  C   . PHE A 1 93  ? 2.483   19.523  9.037   1.00 41.31  ? 132 PHE A C   1 
ATOM   734  O  O   . PHE A 1 93  ? 2.976   18.413  9.309   1.00 41.07  ? 132 PHE A O   1 
ATOM   735  C  CB  . PHE A 1 93  ? 2.128   20.983  11.072  1.00 43.91  ? 132 PHE A CB  1 
ATOM   736  C  CG  . PHE A 1 93  ? 1.163   21.880  11.800  1.00 42.64  ? 132 PHE A CG  1 
ATOM   737  C  CD1 . PHE A 1 93  ? 0.668   23.023  11.193  1.00 45.72  ? 132 PHE A CD1 1 
ATOM   738  C  CD2 . PHE A 1 93  ? 0.701   21.553  13.064  1.00 43.64  ? 132 PHE A CD2 1 
ATOM   739  C  CE1 . PHE A 1 93  ? -0.269  23.821  11.831  1.00 43.52  ? 132 PHE A CE1 1 
ATOM   740  C  CE2 . PHE A 1 93  ? -0.229  22.356  13.707  1.00 43.16  ? 132 PHE A CE2 1 
ATOM   741  C  CZ  . PHE A 1 93  ? -0.716  23.484  13.089  1.00 45.07  ? 132 PHE A CZ  1 
ATOM   742  N  N   . GLY A 1 94  ? 2.831   20.233  7.969   1.00 41.68  ? 133 GLY A N   1 
ATOM   743  C  CA  . GLY A 1 94  ? 3.950   19.812  7.106   1.00 42.62  ? 133 GLY A CA  1 
ATOM   744  C  C   . GLY A 1 94  ? 5.148   19.342  7.927   1.00 42.47  ? 133 GLY A C   1 
ATOM   745  O  O   . GLY A 1 94  ? 5.769   18.325  7.555   1.00 36.96  ? 133 GLY A O   1 
ATOM   746  N  N   . ALA A 1 95  ? 5.486   20.058  9.003   1.00 42.80  ? 134 ALA A N   1 
ATOM   747  C  CA  . ALA A 1 95  ? 6.689   19.806  9.826   1.00 40.71  ? 134 ALA A CA  1 
ATOM   748  C  C   . ALA A 1 95  ? 6.608   18.397  10.404  1.00 41.43  ? 134 ALA A C   1 
ATOM   749  O  O   . ALA A 1 95  ? 7.648   17.697  10.479  1.00 41.87  ? 134 ALA A O   1 
ATOM   750  C  CB  . ALA A 1 95  ? 6.784   20.840  10.924  1.00 42.95  ? 134 ALA A CB  1 
ATOM   751  N  N   . HIS A 1 96  ? 5.408   18.014  10.837  1.00 42.36  ? 135 HIS A N   1 
ATOM   752  C  CA  . HIS A 1 96  ? 5.141   16.703  11.474  1.00 42.63  ? 135 HIS A CA  1 
ATOM   753  C  C   . HIS A 1 96  ? 5.476   15.614  10.465  1.00 42.19  ? 135 HIS A C   1 
ATOM   754  O  O   . HIS A 1 96  ? 6.089   14.581  10.831  1.00 42.14  ? 135 HIS A O   1 
ATOM   755  C  CB  . HIS A 1 96  ? 3.679   16.584  11.931  1.00 43.94  ? 135 HIS A CB  1 
ATOM   756  C  CG  . HIS A 1 96  ? 3.407   15.249  12.533  1.00 43.18  ? 135 HIS A CG  1 
ATOM   757  N  ND1 . HIS A 1 96  ? 3.606   14.987  13.877  1.00 46.10  ? 135 HIS A ND1 1 
ATOM   758  C  CD2 . HIS A 1 96  ? 3.025   14.087  11.971  1.00 40.63  ? 135 HIS A CD2 1 
ATOM   759  C  CE1 . HIS A 1 96  ? 3.342   13.723  14.121  1.00 44.14  ? 135 HIS A CE1 1 
ATOM   760  N  NE2 . HIS A 1 96  ? 2.990   13.148  12.964  1.00 45.19  ? 135 HIS A NE2 1 
ATOM   761  N  N   . TRP A 1 97  ? 5.054   15.837  9.228   1.00 41.58  ? 136 TRP A N   1 
ATOM   762  C  CA  . TRP A 1 97  ? 5.177   14.837  8.143   1.00 40.41  ? 136 TRP A CA  1 
ATOM   763  C  C   . TRP A 1 97  ? 6.620   14.750  7.647   1.00 40.88  ? 136 TRP A C   1 
ATOM   764  O  O   . TRP A 1 97  ? 7.018   13.652  7.241   1.00 40.37  ? 136 TRP A O   1 
ATOM   765  C  CB  . TRP A 1 97  ? 4.233   15.186  7.010   1.00 37.85  ? 136 TRP A CB  1 
ATOM   766  C  CG  . TRP A 1 97  ? 2.796   15.129  7.393   1.00 34.80  ? 136 TRP A CG  1 
ATOM   767  C  CD1 . TRP A 1 97  ? 1.899   16.149  7.315   1.00 34.78  ? 136 TRP A CD1 1 
ATOM   768  C  CD2 . TRP A 1 97  ? 2.077   13.988  7.875   1.00 32.06  ? 136 TRP A CD2 1 
ATOM   769  N  NE1 . TRP A 1 97  ? 0.671   15.729  7.740   1.00 33.88  ? 136 TRP A NE1 1 
ATOM   770  C  CE2 . TRP A 1 97  ? 0.746   14.407  8.081   1.00 32.36  ? 136 TRP A CE2 1 
ATOM   771  C  CE3 . TRP A 1 97  ? 2.419   12.659  8.142   1.00 34.65  ? 136 TRP A CE3 1 
ATOM   772  C  CZ2 . TRP A 1 97  ? -0.252  13.533  8.503   1.00 32.44  ? 136 TRP A CZ2 1 
ATOM   773  C  CZ3 . TRP A 1 97  ? 1.438   11.798  8.577   1.00 34.44  ? 136 TRP A CZ3 1 
ATOM   774  C  CH2 . TRP A 1 97  ? 0.120   12.231  8.748   1.00 34.19  ? 136 TRP A CH2 1 
ATOM   775  N  N   . MET A 1 98  ? 7.389   15.842  7.701   1.00 41.31  ? 137 MET A N   1 
ATOM   776  C  CA  . MET A 1 98  ? 8.755   15.859  7.107   1.00 42.30  ? 137 MET A CA  1 
ATOM   777  C  C   . MET A 1 98  ? 9.836   15.487  8.131   1.00 42.52  ? 137 MET A C   1 
ATOM   778  O  O   . MET A 1 98  ? 10.971  15.336  7.681   1.00 43.54  ? 137 MET A O   1 
ATOM   779  C  CB  . MET A 1 98  ? 9.078   17.227  6.510   1.00 42.02  ? 137 MET A CB  1 
ATOM   780  C  CG  . MET A 1 98  ? 8.262   17.500  5.283   1.00 43.78  ? 137 MET A CG  1 
ATOM   781  S  SD  . MET A 1 98  ? 8.631   19.085  4.526   1.00 46.41  ? 137 MET A SD  1 
ATOM   782  C  CE  . MET A 1 98  ? 7.963   20.196  5.769   1.00 45.07  ? 137 MET A CE  1 
ATOM   783  N  N   . LYS A 1 99  ? 9.511   15.314  9.417   1.00 43.21  ? 138 LYS A N   1 
ATOM   784  C  CA  . LYS A 1 99  ? 10.521  15.100  10.499  1.00 47.33  ? 138 LYS A CA  1 
ATOM   785  C  C   . LYS A 1 99  ? 10.964  13.629  10.535  1.00 46.80  ? 138 LYS A C   1 
ATOM   786  O  O   . LYS A 1 99  ? 12.111  13.358  10.942  1.00 49.04  ? 138 LYS A O   1 
ATOM   787  C  CB  . LYS A 1 99  ? 9.991   15.596  11.853  1.00 49.74  ? 138 LYS A CB  1 
ATOM   788  C  CG  . LYS A 1 99  ? 8.847   14.807  12.480  1.00 53.74  ? 138 LYS A CG  1 
ATOM   789  C  CD  . LYS A 1 99  ? 8.191   15.536  13.659  1.00 63.24  ? 138 LYS A CD  1 
ATOM   790  C  CE  . LYS A 1 99  ? 7.195   14.697  14.446  1.00 65.54  ? 138 LYS A CE  1 
ATOM   791  N  NZ  . LYS A 1 99  ? 6.285   15.527  15.285  1.00 69.30  ? 138 LYS A NZ  1 
ATOM   792  N  N   . ALA A 1 100 ? 10.113  12.700  10.105  1.00 46.57  ? 139 ALA A N   1 
ATOM   793  C  CA  . ALA A 1 100 ? 10.439  11.258  10.047  1.00 45.44  ? 139 ALA A CA  1 
ATOM   794  C  C   . ALA A 1 100 ? 9.606   10.580  8.962   1.00 44.20  ? 139 ALA A C   1 
ATOM   795  O  O   . ALA A 1 100 ? 8.605   11.140  8.508   1.00 46.70  ? 139 ALA A O   1 
ATOM   796  C  CB  . ALA A 1 100 ? 10.217  10.641  11.405  1.00 47.37  ? 139 ALA A CB  1 
ATOM   797  N  N   . PRO A 1 101 ? 10.018  9.385   8.478   1.00 41.51  ? 140 PRO A N   1 
ATOM   798  C  CA  . PRO A 1 101 ? 9.325   8.725   7.375   1.00 39.65  ? 140 PRO A CA  1 
ATOM   799  C  C   . PRO A 1 101 ? 7.887   8.477   7.822   1.00 37.26  ? 140 PRO A C   1 
ATOM   800  O  O   . PRO A 1 101 ? 7.716   8.039   8.927   1.00 39.83  ? 140 PRO A O   1 
ATOM   801  C  CB  . PRO A 1 101 ? 10.085  7.407   7.151   1.00 40.71  ? 140 PRO A CB  1 
ATOM   802  C  CG  . PRO A 1 101 ? 11.436  7.639   7.797   1.00 41.73  ? 140 PRO A CG  1 
ATOM   803  C  CD  . PRO A 1 101 ? 11.176  8.603   8.942   1.00 42.91  ? 140 PRO A CD  1 
ATOM   804  N  N   . VAL A 1 102 ? 6.907   8.814   6.994   1.00 35.05  ? 141 VAL A N   1 
ATOM   805  C  CA  . VAL A 1 102 ? 5.477   8.493   7.275   1.00 37.70  ? 141 VAL A CA  1 
ATOM   806  C  C   . VAL A 1 102 ? 5.294   6.977   7.116   1.00 38.43  ? 141 VAL A C   1 
ATOM   807  O  O   . VAL A 1 102 ? 5.483   6.458   5.988   1.00 35.72  ? 141 VAL A O   1 
ATOM   808  C  CB  . VAL A 1 102 ? 4.510   9.273   6.375   1.00 35.08  ? 141 VAL A CB  1 
ATOM   809  C  CG1 . VAL A 1 102 ? 3.076   8.975   6.751   1.00 34.96  ? 141 VAL A CG1 1 
ATOM   810  C  CG2 . VAL A 1 102 ? 4.790   10.765  6.413   1.00 37.29  ? 141 VAL A CG2 1 
ATOM   811  N  N   . SER A 1 103 ? 4.957   6.295   8.210   1.00 37.26  ? 142 SER A N   1 
ATOM   812  C  CA  . SER A 1 103 ? 4.886   4.816   8.265   1.00 36.88  ? 142 SER A CA  1 
ATOM   813  C  C   . SER A 1 103 ? 3.428   4.348   8.417   1.00 39.43  ? 142 SER A C   1 
ATOM   814  O  O   . SER A 1 103 ? 2.755   4.791   9.371   1.00 38.33  ? 142 SER A O   1 
ATOM   815  C  CB  . SER A 1 103 ? 5.763   4.321   9.357   1.00 37.18  ? 142 SER A CB  1 
ATOM   816  O  OG  . SER A 1 103 ? 5.438   2.988   9.663   1.00 44.28  ? 142 SER A OG  1 
ATOM   817  N  N   . PHE A 1 104 ? 2.957   3.476   7.513   1.00 34.78  ? 143 PHE A N   1 
ATOM   818  C  CA  . PHE A 1 104 ? 1.558   2.977   7.479   1.00 33.11  ? 143 PHE A CA  1 
ATOM   819  C  C   . PHE A 1 104 ? 1.498   1.599   8.138   1.00 33.86  ? 143 PHE A C   1 
ATOM   820  O  O   . PHE A 1 104 ? 1.042   0.615   7.506   1.00 34.84  ? 143 PHE A O   1 
ATOM   821  C  CB  . PHE A 1 104 ? 1.052   2.961   6.035   1.00 31.67  ? 143 PHE A CB  1 
ATOM   822  C  CG  . PHE A 1 104 ? 0.892   4.333   5.425   1.00 34.50  ? 143 PHE A CG  1 
ATOM   823  C  CD1 . PHE A 1 104 ? -0.346  4.966   5.426   1.00 32.69  ? 143 PHE A CD1 1 
ATOM   824  C  CD2 . PHE A 1 104 ? 1.977   5.000   4.867   1.00 32.84  ? 143 PHE A CD2 1 
ATOM   825  C  CE1 . PHE A 1 104 ? -0.493  6.227   4.868   1.00 32.78  ? 143 PHE A CE1 1 
ATOM   826  C  CE2 . PHE A 1 104 ? 1.819   6.256   4.302   1.00 35.43  ? 143 PHE A CE2 1 
ATOM   827  C  CZ  . PHE A 1 104 ? 0.584   6.864   4.305   1.00 33.66  ? 143 PHE A CZ  1 
ATOM   828  N  N   . SER A 1 105 ? 1.966   1.504   9.378   1.00 34.13  ? 144 SER A N   1 
ATOM   829  C  CA  . SER A 1 105 ? 2.186   0.196   10.045  1.00 34.90  ? 144 SER A CA  1 
ATOM   830  C  C   . SER A 1 105 ? 0.858   -0.372  10.558  1.00 32.64  ? 144 SER A C   1 
ATOM   831  O  O   . SER A 1 105 ? 0.831   -1.591  10.765  1.00 35.67  ? 144 SER A O   1 
ATOM   832  C  CB  . SER A 1 105 ? 3.212   0.283   11.134  1.00 34.19  ? 144 SER A CB  1 
ATOM   833  O  OG  . SER A 1 105 ? 2.844   1.271   12.061  1.00 37.78  ? 144 SER A OG  1 
ATOM   834  N  N   . LYS A 1 106 ? -0.203  0.437   10.663  1.00 31.48  ? 145 LYS A N   1 
ATOM   835  C  CA  . LYS A 1 106 ? -1.488  0.024   11.309  1.00 34.57  ? 145 LYS A CA  1 
ATOM   836  C  C   . LYS A 1 106 ? -2.586  -0.315  10.293  1.00 34.83  ? 145 LYS A C   1 
ATOM   837  O  O   . LYS A 1 106 ? -3.662  -0.767  10.725  1.00 34.17  ? 145 LYS A O   1 
ATOM   838  C  CB  . LYS A 1 106 ? -1.992  1.132   12.231  1.00 35.57  ? 145 LYS A CB  1 
ATOM   839  C  CG  . LYS A 1 106 ? -0.999  1.551   13.301  1.00 36.46  ? 145 LYS A CG  1 
ATOM   840  C  CD  . LYS A 1 106 ? -0.416  0.375   14.018  1.00 36.86  ? 145 LYS A CD  1 
ATOM   841  C  CE  . LYS A 1 106 ? 0.254   0.764   15.311  1.00 37.45  ? 145 LYS A CE  1 
ATOM   842  N  NZ  . LYS A 1 106 ? 0.774   -0.457  15.972  1.00 39.90  ? 145 LYS A NZ  1 
ATOM   843  N  N   . VAL A 1 107 ? -2.361  -0.105  8.993   1.00 34.38  ? 146 VAL A N   1 
ATOM   844  C  CA  . VAL A 1 107 ? -3.364  -0.509  7.968   1.00 32.07  ? 146 VAL A CA  1 
ATOM   845  C  C   . VAL A 1 107 ? -3.426  -2.034  7.983   1.00 30.85  ? 146 VAL A C   1 
ATOM   846  O  O   . VAL A 1 107 ? -2.359  -2.678  8.034   1.00 27.63  ? 146 VAL A O   1 
ATOM   847  C  CB  . VAL A 1 107 ? -3.070  0.053   6.561   1.00 30.60  ? 146 VAL A CB  1 
ATOM   848  C  CG1 . VAL A 1 107 ? -1.797  -0.525  5.945   1.00 30.43  ? 146 VAL A CG1 1 
ATOM   849  C  CG2 . VAL A 1 107 ? -4.263  -0.147  5.639   1.00 31.12  ? 146 VAL A CG2 1 
ATOM   850  N  N   . LYS A 1 108 ? -4.644  -2.571  7.959   1.00 34.40  ? 147 LYS A N   1 
ATOM   851  C  CA  . LYS A 1 108 ? -4.939  -4.022  7.953   1.00 34.33  ? 147 LYS A CA  1 
ATOM   852  C  C   . LYS A 1 108 ? -5.676  -4.358  6.659   1.00 34.29  ? 147 LYS A C   1 
ATOM   853  O  O   . LYS A 1 108 ? -6.674  -3.695  6.369   1.00 34.04  ? 147 LYS A O   1 
ATOM   854  C  CB  . LYS A 1 108 ? -5.807  -4.369  9.165   1.00 39.45  ? 147 LYS A CB  1 
ATOM   855  C  CG  . LYS A 1 108 ? -5.137  -4.151  10.512  1.00 45.21  ? 147 LYS A CG  1 
ATOM   856  C  CD  . LYS A 1 108 ? -6.085  -4.219  11.689  1.00 49.50  ? 147 LYS A CD  1 
ATOM   857  C  CE  . LYS A 1 108 ? -5.881  -5.447  12.545  1.00 54.42  ? 147 LYS A CE  1 
ATOM   858  N  NZ  . LYS A 1 108 ? -6.528  -5.274  13.864  1.00 56.25  ? 147 LYS A NZ  1 
ATOM   859  N  N   . LEU A 1 109 ? -5.198  -5.358  5.918   1.00 37.50  ? 148 LEU A N   1 
ATOM   860  C  CA  . LEU A 1 109 ? -5.769  -5.796  4.613   1.00 35.79  ? 148 LEU A CA  1 
ATOM   861  C  C   . LEU A 1 109 ? -6.736  -6.950  4.878   1.00 38.20  ? 148 LEU A C   1 
ATOM   862  O  O   . LEU A 1 109 ? -6.301  -7.932  5.496   1.00 37.87  ? 148 LEU A O   1 
ATOM   863  C  CB  . LEU A 1 109 ? -4.619  -6.212  3.690   1.00 34.58  ? 148 LEU A CB  1 
ATOM   864  C  CG  . LEU A 1 109 ? -3.521  -5.157  3.519   1.00 34.72  ? 148 LEU A CG  1 
ATOM   865  C  CD1 . LEU A 1 109 ? -2.501  -5.560  2.460   1.00 32.71  ? 148 LEU A CD1 1 
ATOM   866  C  CD2 . LEU A 1 109 ? -4.137  -3.800  3.196   1.00 35.61  ? 148 LEU A CD2 1 
ATOM   867  N  N   . THR A 1 110 ? -8.006  -6.809  4.489   1.00 38.53  ? 149 THR A N   1 
ATOM   868  C  CA  . THR A 1 110 ? -9.048  -7.855  4.688   1.00 41.10  ? 149 THR A CA  1 
ATOM   869  C  C   . THR A 1 110 ? -9.539  -8.335  3.322   1.00 43.26  ? 149 THR A C   1 
ATOM   870  O  O   . THR A 1 110 ? -9.222  -7.648  2.313   1.00 41.86  ? 149 THR A O   1 
ATOM   871  C  CB  . THR A 1 110 ? -10.210 -7.384  5.587   1.00 38.99  ? 149 THR A CB  1 
ATOM   872  O  OG1 . THR A 1 110 ? -11.141 -8.464  5.680   1.00 40.38  ? 149 THR A OG1 1 
ATOM   873  C  CG2 . THR A 1 110 ? -10.953 -6.157  5.105   1.00 35.23  ? 149 THR A CG2 1 
ATOM   874  N  N   . ASN A 1 111 ? -10.276 -9.454  3.310   1.00 44.03  ? 150 ASN A N   1 
ATOM   875  C  CA  . ASN A 1 111 ? -11.024 -9.963  2.127   1.00 47.14  ? 150 ASN A CA  1 
ATOM   876  C  C   . ASN A 1 111 ? -12.536 -9.853  2.348   1.00 50.60  ? 150 ASN A C   1 
ATOM   877  O  O   . ASN A 1 111 ? -13.264 -10.214 1.418   1.00 56.00  ? 150 ASN A O   1 
ATOM   878  C  CB  . ASN A 1 111 ? -10.620 -11.384 1.705   1.00 48.26  ? 150 ASN A CB  1 
ATOM   879  C  CG  . ASN A 1 111 ? -10.625 -12.436 2.796   1.00 49.05  ? 150 ASN A CG  1 
ATOM   880  O  OD1 . ASN A 1 111 ? -10.172 -13.549 2.556   1.00 56.65  ? 150 ASN A OD1 1 
ATOM   881  N  ND2 . ASN A 1 111 ? -11.095 -12.115 3.988   1.00 47.30  ? 150 ASN A ND2 1 
ATOM   882  N  N   . LYS A 1 112 ? -12.998 -9.336  3.494   1.00 58.18  ? 151 LYS A N   1 
ATOM   883  C  CA  . LYS A 1 112 ? -14.445 -9.183  3.812   1.00 67.09  ? 151 LYS A CA  1 
ATOM   884  C  C   . LYS A 1 112 ? -14.760 -7.707  4.073   1.00 74.84  ? 151 LYS A C   1 
ATOM   885  O  O   . LYS A 1 112 ? -13.997 -7.061  4.812   1.00 77.76  ? 151 LYS A O   1 
ATOM   886  C  CB  . LYS A 1 112 ? -14.847 -10.012 5.041   1.00 72.90  ? 151 LYS A CB  1 
ATOM   887  C  CG  . LYS A 1 112 ? -14.565 -11.511 4.955   1.00 76.26  ? 151 LYS A CG  1 
ATOM   888  C  CD  . LYS A 1 112 ? -15.499 -12.286 4.039   1.00 76.63  ? 151 LYS A CD  1 
ATOM   889  C  CE  . LYS A 1 112 ? -15.064 -13.724 3.849   1.00 75.78  ? 151 LYS A CE  1 
ATOM   890  N  NZ  . LYS A 1 112 ? -15.923 -14.435 2.873   1.00 75.60  ? 151 LYS A NZ  1 
ATOM   891  N  N   . LEU A 1 113 ? -15.833 -7.196  3.464   1.00 84.11  ? 152 LEU A N   1 
ATOM   892  C  CA  . LEU A 1 113 ? -16.534 -5.964  3.916   1.00 85.81  ? 152 LEU A CA  1 
ATOM   893  C  C   . LEU A 1 113 ? -16.608 -6.012  5.450   1.00 92.30  ? 152 LEU A C   1 
ATOM   894  O  O   . LEU A 1 113 ? -17.132 -7.008  5.996   1.00 93.58  ? 152 LEU A O   1 
ATOM   895  C  CB  . LEU A 1 113 ? -17.920 -5.833  3.260   1.00 84.54  ? 152 LEU A CB  1 
ATOM   896  C  CG  . LEU A 1 113 ? -18.695 -7.098  2.854   1.00 87.41  ? 152 LEU A CG  1 
ATOM   897  C  CD1 . LEU A 1 113 ? -18.248 -7.636  1.499   1.00 86.20  ? 152 LEU A CD1 1 
ATOM   898  C  CD2 . LEU A 1 113 ? -18.668 -8.199  3.912   1.00 90.17  ? 152 LEU A CD2 1 
ATOM   899  N  N   . ASN A 1 114 ? -16.025 -5.019  6.123   1.00 96.16  ? 153 ASN A N   1 
ATOM   900  C  CA  . ASN A 1 114 ? -15.821 -5.041  7.597   1.00 101.00 ? 153 ASN A CA  1 
ATOM   901  C  C   . ASN A 1 114 ? -16.063 -3.638  8.162   1.00 105.68 ? 153 ASN A C   1 
ATOM   902  O  O   . ASN A 1 114 ? -15.968 -2.661  7.382   1.00 107.72 ? 153 ASN A O   1 
ATOM   903  C  CB  . ASN A 1 114 ? -14.433 -5.586  7.958   1.00 101.09 ? 153 ASN A CB  1 
ATOM   904  C  CG  . ASN A 1 114 ? -14.322 -7.093  7.819   1.00 99.14  ? 153 ASN A CG  1 
ATOM   905  O  OD1 . ASN A 1 114 ? -15.195 -7.842  8.262   1.00 93.29  ? 153 ASN A OD1 1 
ATOM   906  N  ND2 . ASN A 1 114 ? -13.239 -7.549  7.213   1.00 92.66  ? 153 ASN A ND2 1 
ATOM   907  N  N   . GLY A 1 115 ? -16.360 -3.568  9.469   1.00 106.80 ? 154 GLY A N   1 
ATOM   908  C  CA  . GLY A 1 115 ? -16.704 -2.345  10.225  1.00 103.99 ? 154 GLY A CA  1 
ATOM   909  C  C   . GLY A 1 115 ? -16.119 -1.092  9.603   1.00 96.37  ? 154 GLY A C   1 
ATOM   910  O  O   . GLY A 1 115 ? -16.887 -0.153  9.324   1.00 96.87  ? 154 GLY A O   1 
ATOM   911  N  N   . GLY A 1 116 ? -14.806 -1.090  9.379   1.00 89.99  ? 155 GLY A N   1 
ATOM   912  C  CA  . GLY A 1 116 ? -14.070 0.025   8.760   1.00 82.55  ? 155 GLY A CA  1 
ATOM   913  C  C   . GLY A 1 116 ? -12.699 0.156   9.381   1.00 78.21  ? 155 GLY A C   1 
ATOM   914  O  O   . GLY A 1 116 ? -12.423 -0.530  10.376  1.00 76.38  ? 155 GLY A O   1 
ATOM   915  N  N   . GLY A 1 117 ? -11.869 1.027   8.829   1.00 81.17  ? 156 GLY A N   1 
ATOM   916  C  CA  . GLY A 1 117 ? -10.437 1.078   9.161   1.00 79.10  ? 156 GLY A CA  1 
ATOM   917  C  C   . GLY A 1 117 ? -9.700  0.067   8.311   1.00 71.97  ? 156 GLY A C   1 
ATOM   918  O  O   . GLY A 1 117 ? -8.765  0.478   7.604   1.00 80.81  ? 156 GLY A O   1 
ATOM   919  N  N   . GLN A 1 118 ? -10.132 -1.197  8.352   1.00 62.59  ? 157 GLN A N   1 
ATOM   920  C  CA  . GLN A 1 118 ? -9.632  -2.271  7.452   1.00 58.05  ? 157 GLN A CA  1 
ATOM   921  C  C   . GLN A 1 118 ? -9.915  -1.879  6.004   1.00 51.63  ? 157 GLN A C   1 
ATOM   922  O  O   . GLN A 1 118 ? -10.979 -1.295  5.743   1.00 49.92  ? 157 GLN A O   1 
ATOM   923  C  CB  . GLN A 1 118 ? -10.319 -3.612  7.696   1.00 57.97  ? 157 GLN A CB  1 
ATOM   924  C  CG  . GLN A 1 118 ? -10.077 -4.176  9.078   1.00 62.29  ? 157 GLN A CG  1 
ATOM   925  C  CD  . GLN A 1 118 ? -11.390 -4.579  9.694   1.00 65.59  ? 157 GLN A CD  1 
ATOM   926  O  OE1 . GLN A 1 118 ? -11.591 -5.735  10.049  1.00 71.07  ? 157 GLN A OE1 1 
ATOM   927  N  NE2 . GLN A 1 118 ? -12.308 -3.625  9.784   1.00 59.18  ? 157 GLN A NE2 1 
ATOM   928  N  N   . ILE A 1 119 ? -8.992  -2.216  5.109   1.00 45.85  ? 158 ILE A N   1 
ATOM   929  C  CA  . ILE A 1 119 ? -9.139  -2.012  3.647   1.00 41.35  ? 158 ILE A CA  1 
ATOM   930  C  C   . ILE A 1 119 ? -9.413  -3.372  3.011   1.00 40.05  ? 158 ILE A C   1 
ATOM   931  O  O   . ILE A 1 119 ? -8.544  -4.257  3.107   1.00 33.99  ? 158 ILE A O   1 
ATOM   932  C  CB  . ILE A 1 119 ? -7.882  -1.345  3.070   1.00 40.43  ? 158 ILE A CB  1 
ATOM   933  C  CG1 . ILE A 1 119 ? -7.636  0.021   3.713   1.00 40.43  ? 158 ILE A CG1 1 
ATOM   934  C  CG2 . ILE A 1 119 ? -7.969  -1.255  1.557   1.00 42.25  ? 158 ILE A CG2 1 
ATOM   935  C  CD1 . ILE A 1 119 ? -8.833  0.951   3.674   1.00 41.31  ? 158 ILE A CD1 1 
ATOM   936  N  N   . MET A 1 120 ? -10.579 -3.509  2.378   1.00 40.70  ? 159 MET A N   1 
ATOM   937  C  CA  . MET A 1 120 ? -10.949 -4.762  1.685   1.00 43.65  ? 159 MET A CA  1 
ATOM   938  C  C   . MET A 1 120 ? -10.269 -4.793  0.323   1.00 38.58  ? 159 MET A C   1 
ATOM   939  O  O   . MET A 1 120 ? -10.389 -3.830  -0.424  1.00 39.12  ? 159 MET A O   1 
ATOM   940  C  CB  . MET A 1 120 ? -12.450 -4.914  1.473   1.00 49.92  ? 159 MET A CB  1 
ATOM   941  C  CG  . MET A 1 120 ? -12.790 -6.282  0.915   1.00 53.20  ? 159 MET A CG  1 
ATOM   942  S  SD  . MET A 1 120 ? -14.528 -6.412  0.585   1.00 67.51  ? 159 MET A SD  1 
ATOM   943  C  CE  . MET A 1 120 ? -14.646 -5.373  -0.874  1.00 68.73  ? 159 MET A CE  1 
ATOM   944  N  N   . LEU A 1 121 ? -9.559  -5.879  0.059   1.00 37.15  ? 160 LEU A N   1 
ATOM   945  C  CA  . LEU A 1 121 ? -8.982  -6.201  -1.256  1.00 37.69  ? 160 LEU A CA  1 
ATOM   946  C  C   . LEU A 1 121 ? -9.591  -7.526  -1.724  1.00 40.83  ? 160 LEU A C   1 
ATOM   947  O  O   . LEU A 1 121 ? -9.977  -8.337  -0.859  1.00 41.45  ? 160 LEU A O   1 
ATOM   948  C  CB  . LEU A 1 121 ? -7.463  -6.317  -1.117  1.00 36.21  ? 160 LEU A CB  1 
ATOM   949  C  CG  . LEU A 1 121 ? -6.727  -5.126  -0.505  1.00 34.03  ? 160 LEU A CG  1 
ATOM   950  C  CD1 . LEU A 1 121 ? -5.246  -5.433  -0.394  1.00 30.81  ? 160 LEU A CD1 1 
ATOM   951  C  CD2 . LEU A 1 121 ? -6.949  -3.850  -1.311  1.00 35.62  ? 160 LEU A CD2 1 
ATOM   952  N  N   . ASN A 1 122 ? -9.648  -7.723  -3.042  1.00 42.43  ? 161 ASN A N   1 
ATOM   953  C  CA  . ASN A 1 122 ? -9.955  -9.015  -3.704  1.00 43.01  ? 161 ASN A CA  1 
ATOM   954  C  C   . ASN A 1 122 ? -8.742  -9.942  -3.605  1.00 43.61  ? 161 ASN A C   1 
ATOM   955  O  O   . ASN A 1 122 ? -7.651  -9.608  -4.137  1.00 40.41  ? 161 ASN A O   1 
ATOM   956  C  CB  . ASN A 1 122 ? -10.344 -8.834  -5.169  1.00 46.91  ? 161 ASN A CB  1 
ATOM   957  C  CG  . ASN A 1 122 ? -11.652 -8.100  -5.332  1.00 48.79  ? 161 ASN A CG  1 
ATOM   958  O  OD1 . ASN A 1 122 ? -12.564 -8.309  -4.539  1.00 48.71  ? 161 ASN A OD1 1 
ATOM   959  N  ND2 . ASN A 1 122 ? -11.742 -7.239  -6.339  1.00 52.01  ? 161 ASN A ND2 1 
ATOM   960  N  N   . SER A 1 123 ? -8.933  -11.093 -2.975  1.00 43.33  ? 162 SER A N   1 
ATOM   961  C  CA  . SER A 1 123 ? -7.944  -12.195 -2.984  1.00 46.24  ? 162 SER A CA  1 
ATOM   962  C  C   . SER A 1 123 ? -7.561  -12.513 -4.437  1.00 41.53  ? 162 SER A C   1 
ATOM   963  O  O   . SER A 1 123 ? -8.461  -12.515 -5.304  1.00 39.49  ? 162 SER A O   1 
ATOM   964  C  CB  . SER A 1 123 ? -8.496  -13.389 -2.264  1.00 50.13  ? 162 SER A CB  1 
ATOM   965  O  OG  . SER A 1 123 ? -7.449  -14.286 -1.956  1.00 60.53  ? 162 SER A OG  1 
ATOM   966  N  N   . LEU A 1 124 ? -6.268  -12.720 -4.678  1.00 38.35  ? 163 LEU A N   1 
ATOM   967  C  CA  . LEU A 1 124 ? -5.641  -13.173 -5.950  1.00 42.06  ? 163 LEU A CA  1 
ATOM   968  C  C   . LEU A 1 124 ? -5.706  -12.087 -7.036  1.00 44.05  ? 163 LEU A C   1 
ATOM   969  O  O   . LEU A 1 124 ? -5.545  -12.421 -8.224  1.00 46.20  ? 163 LEU A O   1 
ATOM   970  C  CB  . LEU A 1 124 ? -6.290  -14.484 -6.397  1.00 46.20  ? 163 LEU A CB  1 
ATOM   971  C  CG  . LEU A 1 124 ? -6.053  -15.681 -5.469  1.00 48.21  ? 163 LEU A CG  1 
ATOM   972  C  CD1 . LEU A 1 124 ? -6.732  -16.929 -6.005  1.00 47.22  ? 163 LEU A CD1 1 
ATOM   973  C  CD2 . LEU A 1 124 ? -4.566  -15.955 -5.266  1.00 47.34  ? 163 LEU A CD2 1 
ATOM   974  N  N   . HIS A 1 125 ? -5.874  -10.826 -6.642  1.00 42.32  ? 164 HIS A N   1 
ATOM   975  C  CA  . HIS A 1 125 ? -5.656  -9.643  -7.508  1.00 39.16  ? 164 HIS A CA  1 
ATOM   976  C  C   . HIS A 1 125 ? -4.346  -8.976  -7.101  1.00 37.75  ? 164 HIS A C   1 
ATOM   977  O  O   . HIS A 1 125 ? -3.959  -9.049  -5.894  1.00 34.99  ? 164 HIS A O   1 
ATOM   978  C  CB  . HIS A 1 125 ? -6.865  -8.714  -7.455  1.00 43.77  ? 164 HIS A CB  1 
ATOM   979  C  CG  . HIS A 1 125 ? -8.037  -9.326  -8.134  1.00 47.63  ? 164 HIS A CG  1 
ATOM   980  N  ND1 . HIS A 1 125 ? -8.738  -10.379 -7.576  1.00 54.49  ? 164 HIS A ND1 1 
ATOM   981  C  CD2 . HIS A 1 125 ? -8.582  -9.109  -9.349  1.00 52.15  ? 164 HIS A CD2 1 
ATOM   982  C  CE1 . HIS A 1 125 ? -9.694  -10.761 -8.406  1.00 52.30  ? 164 HIS A CE1 1 
ATOM   983  N  NE2 . HIS A 1 125 ? -9.624  -9.997  -9.496  1.00 52.75  ? 164 HIS A NE2 1 
ATOM   984  N  N   . LYS A 1 126 ? -3.685  -8.390  -8.092  1.00 32.06  ? 165 LYS A N   1 
ATOM   985  C  CA  . LYS A 1 126 ? -2.406  -7.673  -7.947  1.00 33.82  ? 165 LYS A CA  1 
ATOM   986  C  C   . LYS A 1 126 ? -2.728  -6.195  -7.686  1.00 32.63  ? 165 LYS A C   1 
ATOM   987  O  O   . LYS A 1 126 ? -3.629  -5.671  -8.344  1.00 29.46  ? 165 LYS A O   1 
ATOM   988  C  CB  . LYS A 1 126 ? -1.560  -7.905  -9.196  1.00 35.06  ? 165 LYS A CB  1 
ATOM   989  C  CG  . LYS A 1 126 ? -0.241  -7.158  -9.209  1.00 39.70  ? 165 LYS A CG  1 
ATOM   990  C  CD  . LYS A 1 126 ? 0.645   -7.532  -10.362 1.00 41.69  ? 165 LYS A CD  1 
ATOM   991  C  CE  . LYS A 1 126 ? 1.131   -8.960  -10.276 1.00 45.26  ? 165 LYS A CE  1 
ATOM   992  N  NZ  . LYS A 1 126 ? 2.378   -9.163  -11.054 1.00 45.91  ? 165 LYS A NZ  1 
ATOM   993  N  N   . TYR A 1 127 ? -2.007  -5.560  -6.757  1.00 29.16  ? 166 TYR A N   1 
ATOM   994  C  CA  . TYR A 1 127 ? -2.312  -4.200  -6.245  1.00 30.03  ? 166 TYR A CA  1 
ATOM   995  C  C   . TYR A 1 127 ? -1.038  -3.383  -6.219  1.00 29.78  ? 166 TYR A C   1 
ATOM   996  O  O   . TYR A 1 127 ? 0.031   -3.948  -5.971  1.00 29.92  ? 166 TYR A O   1 
ATOM   997  C  CB  . TYR A 1 127 ? -2.932  -4.239  -4.850  1.00 28.00  ? 166 TYR A CB  1 
ATOM   998  C  CG  . TYR A 1 127 ? -4.343  -4.744  -4.870  1.00 27.81  ? 166 TYR A CG  1 
ATOM   999  C  CD1 . TYR A 1 127 ? -5.393  -3.942  -5.271  1.00 28.01  ? 166 TYR A CD1 1 
ATOM   1000 C  CD2 . TYR A 1 127 ? -4.613  -6.061  -4.557  1.00 30.72  ? 166 TYR A CD2 1 
ATOM   1001 C  CE1 . TYR A 1 127 ? -6.687  -4.428  -5.312  1.00 27.39  ? 166 TYR A CE1 1 
ATOM   1002 C  CE2 . TYR A 1 127 ? -5.896  -6.563  -4.594  1.00 29.28  ? 166 TYR A CE2 1 
ATOM   1003 C  CZ  . TYR A 1 127 ? -6.933  -5.746  -4.980  1.00 30.58  ? 166 TYR A CZ  1 
ATOM   1004 O  OH  . TYR A 1 127 ? -8.186  -6.279  -5.007  1.00 35.80  ? 166 TYR A OH  1 
ATOM   1005 N  N   . GLU A 1 128 ? -1.185  -2.095  -6.506  1.00 30.03  ? 167 GLU A N   1 
ATOM   1006 C  CA  . GLU A 1 128 ? -0.099  -1.096  -6.421  1.00 30.84  ? 167 GLU A CA  1 
ATOM   1007 C  C   . GLU A 1 128 ? -0.480  -0.078  -5.357  1.00 28.06  ? 167 GLU A C   1 
ATOM   1008 O  O   . GLU A 1 128 ? -1.426  0.675   -5.558  1.00 29.07  ? 167 GLU A O   1 
ATOM   1009 C  CB  . GLU A 1 128 ? 0.089   -0.384  -7.759  1.00 31.86  ? 167 GLU A CB  1 
ATOM   1010 C  CG  . GLU A 1 128 ? 1.278   0.537   -7.749  1.00 33.21  ? 167 GLU A CG  1 
ATOM   1011 C  CD  . GLU A 1 128 ? 1.659   0.965   -9.146  1.00 31.51  ? 167 GLU A CD  1 
ATOM   1012 O  OE1 . GLU A 1 128 ? 1.013   1.870   -9.668  1.00 32.77  ? 167 GLU A OE1 1 
ATOM   1013 O  OE2 . GLU A 1 128 ? 2.557   0.351   -9.692  1.00 30.68  ? 167 GLU A OE2 1 
ATOM   1014 N  N   . PRO A 1 129 ? 0.189   -0.084  -4.187  1.00 27.64  ? 168 PRO A N   1 
ATOM   1015 C  CA  . PRO A 1 129 ? 0.002   0.974   -3.195  1.00 28.39  ? 168 PRO A CA  1 
ATOM   1016 C  C   . PRO A 1 129 ? 0.206   2.384   -3.767  1.00 28.61  ? 168 PRO A C   1 
ATOM   1017 O  O   . PRO A 1 129 ? 1.098   2.595   -4.589  1.00 27.85  ? 168 PRO A O   1 
ATOM   1018 C  CB  . PRO A 1 129 ? 1.056   0.658   -2.125  1.00 28.98  ? 168 PRO A CB  1 
ATOM   1019 C  CG  . PRO A 1 129 ? 1.204   -0.860  -2.232  1.00 29.20  ? 168 PRO A CG  1 
ATOM   1020 C  CD  . PRO A 1 129 ? 1.084   -1.156  -3.714  1.00 27.09  ? 168 PRO A CD  1 
ATOM   1021 N  N   . ARG A 1 130 ? -0.656  3.295   -3.319  1.00 26.44  ? 169 ARG A N   1 
ATOM   1022 C  CA  . ARG A 1 130 ? -0.715  4.711   -3.754  1.00 29.53  ? 169 ARG A CA  1 
ATOM   1023 C  C   . ARG A 1 130 ? -1.101  5.587   -2.550  1.00 29.19  ? 169 ARG A C   1 
ATOM   1024 O  O   . ARG A 1 130 ? -1.945  5.144   -1.748  1.00 30.72  ? 169 ARG A O   1 
ATOM   1025 C  CB  . ARG A 1 130 ? -1.741  4.841   -4.881  1.00 28.79  ? 169 ARG A CB  1 
ATOM   1026 C  CG  . ARG A 1 130 ? -1.799  6.222   -5.519  1.00 28.13  ? 169 ARG A CG  1 
ATOM   1027 C  CD  . ARG A 1 130 ? -2.783  6.201   -6.672  1.00 27.70  ? 169 ARG A CD  1 
ATOM   1028 N  NE  . ARG A 1 130 ? -4.131  6.010   -6.183  1.00 25.33  ? 169 ARG A NE  1 
ATOM   1029 C  CZ  . ARG A 1 130 ? -5.220  5.949   -6.928  1.00 27.23  ? 169 ARG A CZ  1 
ATOM   1030 N  NH1 . ARG A 1 130 ? -5.158  6.079   -8.245  1.00 29.74  ? 169 ARG A NH1 1 
ATOM   1031 N  NH2 . ARG A 1 130 ? -6.387  5.765   -6.337  1.00 27.20  ? 169 ARG A NH2 1 
ATOM   1032 N  N   . ILE A 1 131 ? -0.498  6.766   -2.413  1.00 28.78  ? 170 ILE A N   1 
ATOM   1033 C  CA  . ILE A 1 131 ? -0.891  7.763   -1.374  1.00 33.77  ? 170 ILE A CA  1 
ATOM   1034 C  C   . ILE A 1 131 ? -1.418  9.027   -2.058  1.00 35.29  ? 170 ILE A C   1 
ATOM   1035 O  O   . ILE A 1 131 ? -1.064  9.283   -3.237  1.00 30.33  ? 170 ILE A O   1 
ATOM   1036 C  CB  . ILE A 1 131 ? 0.266   8.083   -0.404  1.00 34.22  ? 170 ILE A CB  1 
ATOM   1037 C  CG1 . ILE A 1 131 ? 1.428   8.763   -1.125  1.00 36.95  ? 170 ILE A CG1 1 
ATOM   1038 C  CG2 . ILE A 1 131 ? 0.723   6.830   0.323   1.00 33.62  ? 170 ILE A CG2 1 
ATOM   1039 C  CD1 . ILE A 1 131 ? 2.550   9.211   -0.219  1.00 40.41  ? 170 ILE A CD1 1 
ATOM   1040 N  N   . HIS A 1 132 ? -2.282  9.732   -1.331  1.00 34.17  ? 171 HIS A N   1 
ATOM   1041 C  CA  . HIS A 1 132 ? -2.736  11.109  -1.599  1.00 34.50  ? 171 HIS A CA  1 
ATOM   1042 C  C   . HIS A 1 132 ? -2.305  11.965  -0.411  1.00 35.38  ? 171 HIS A C   1 
ATOM   1043 O  O   . HIS A 1 132 ? -2.678  11.620  0.741   1.00 31.43  ? 171 HIS A O   1 
ATOM   1044 C  CB  . HIS A 1 132 ? -4.238  11.104  -1.821  1.00 35.23  ? 171 HIS A CB  1 
ATOM   1045 C  CG  . HIS A 1 132 ? -4.675  9.961   -2.663  1.00 39.40  ? 171 HIS A CG  1 
ATOM   1046 N  ND1 . HIS A 1 132 ? -4.546  9.974   -4.044  1.00 37.13  ? 171 HIS A ND1 1 
ATOM   1047 C  CD2 . HIS A 1 132 ? -5.237  8.778   -2.338  1.00 35.39  ? 171 HIS A CD2 1 
ATOM   1048 C  CE1 . HIS A 1 132 ? -5.016  8.849   -4.519  1.00 36.34  ? 171 HIS A CE1 1 
ATOM   1049 N  NE2 . HIS A 1 132 ? -5.436  8.097   -3.498  1.00 36.18  ? 171 HIS A NE2 1 
ATOM   1050 N  N   . ILE A 1 133 ? -1.496  12.992  -0.675  1.00 36.16  ? 172 ILE A N   1 
ATOM   1051 C  CA  . ILE A 1 133 ? -1.216  14.072  0.316   1.00 37.06  ? 172 ILE A CA  1 
ATOM   1052 C  C   . ILE A 1 133 ? -2.234  15.176  0.055   1.00 36.51  ? 172 ILE A C   1 
ATOM   1053 O  O   . ILE A 1 133 ? -2.155  15.808  -1.043  1.00 33.41  ? 172 ILE A O   1 
ATOM   1054 C  CB  . ILE A 1 133 ? 0.236   14.559  0.221   1.00 37.75  ? 172 ILE A CB  1 
ATOM   1055 C  CG1 . ILE A 1 133 ? 1.205   13.389  0.384   1.00 39.36  ? 172 ILE A CG1 1 
ATOM   1056 C  CG2 . ILE A 1 133 ? 0.491   15.653  1.243   1.00 37.65  ? 172 ILE A CG2 1 
ATOM   1057 C  CD1 . ILE A 1 133 ? 2.646   13.727  0.080   1.00 38.80  ? 172 ILE A CD1 1 
ATOM   1058 N  N   . VAL A 1 134 ? -3.204  15.320  0.966   1.00 37.83  ? 173 VAL A N   1 
ATOM   1059 C  CA  . VAL A 1 134 ? -4.318  16.310  0.857   1.00 39.02  ? 173 VAL A CA  1 
ATOM   1060 C  C   . VAL A 1 134 ? -4.010  17.524  1.744   1.00 42.54  ? 173 VAL A C   1 
ATOM   1061 O  O   . VAL A 1 134 ? -3.960  17.378  2.983   1.00 42.31  ? 173 VAL A O   1 
ATOM   1062 C  CB  . VAL A 1 134 ? -5.690  15.697  1.189   1.00 37.50  ? 173 VAL A CB  1 
ATOM   1063 C  CG1 . VAL A 1 134 ? -6.825  16.661  0.846   1.00 37.80  ? 173 VAL A CG1 1 
ATOM   1064 C  CG2 . VAL A 1 134 ? -5.895  14.373  0.466   1.00 39.52  ? 173 VAL A CG2 1 
ATOM   1065 N  N   . ARG A 1 135 ? -3.830  18.684  1.118   1.00 46.21  ? 174 ARG A N   1 
ATOM   1066 C  CA  . ARG A 1 135 ? -3.753  19.995  1.811   1.00 50.81  ? 174 ARG A CA  1 
ATOM   1067 C  C   . ARG A 1 135 ? -5.152  20.359  2.298   1.00 47.40  ? 174 ARG A C   1 
ATOM   1068 O  O   . ARG A 1 135 ? -6.054  20.535  1.444   1.00 46.54  ? 174 ARG A O   1 
ATOM   1069 C  CB  . ARG A 1 135 ? -3.174  21.082  0.900   1.00 54.11  ? 174 ARG A CB  1 
ATOM   1070 C  CG  . ARG A 1 135 ? -2.687  22.300  1.668   1.00 56.03  ? 174 ARG A CG  1 
ATOM   1071 C  CD  . ARG A 1 135 ? -2.008  23.343  0.803   1.00 59.11  ? 174 ARG A CD  1 
ATOM   1072 N  NE  . ARG A 1 135 ? -1.692  24.493  1.641   1.00 64.52  ? 174 ARG A NE  1 
ATOM   1073 C  CZ  . ARG A 1 135 ? -0.714  25.368  1.433   1.00 65.26  ? 174 ARG A CZ  1 
ATOM   1074 N  NH1 . ARG A 1 135 ? 0.093   25.260  0.391   1.00 69.25  ? 174 ARG A NH1 1 
ATOM   1075 N  NH2 . ARG A 1 135 ? -0.535  26.353  2.293   1.00 65.92  ? 174 ARG A NH2 1 
ATOM   1076 N  N   . VAL A 1 136 ? -5.300  20.479  3.621   1.00 49.17  ? 175 VAL A N   1 
ATOM   1077 C  CA  . VAL A 1 136 ? -6.605  20.644  4.325   1.00 53.85  ? 175 VAL A CA  1 
ATOM   1078 C  C   . VAL A 1 136 ? -6.613  21.973  5.095   1.00 63.38  ? 175 VAL A C   1 
ATOM   1079 O  O   . VAL A 1 136 ? -5.529  22.565  5.302   1.00 61.47  ? 175 VAL A O   1 
ATOM   1080 C  CB  . VAL A 1 136 ? -6.865  19.450  5.267   1.00 55.66  ? 175 VAL A CB  1 
ATOM   1081 C  CG1 . VAL A 1 136 ? -6.882  18.133  4.513   1.00 58.13  ? 175 VAL A CG1 1 
ATOM   1082 C  CG2 . VAL A 1 136 ? -5.856  19.364  6.402   1.00 57.84  ? 175 VAL A CG2 1 
ATOM   1083 N  N   . GLY A 1 137 ? -7.800  22.417  5.515   1.00 72.32  ? 176 GLY A N   1 
ATOM   1084 C  CA  . GLY A 1 137 ? -7.979  23.551  6.444   1.00 82.28  ? 176 GLY A CA  1 
ATOM   1085 C  C   . GLY A 1 137 ? -7.813  24.892  5.754   1.00 87.14  ? 176 GLY A C   1 
ATOM   1086 O  O   . GLY A 1 137 ? -8.694  25.764  5.937   1.00 89.11  ? 176 GLY A O   1 
ATOM   1087 N  N   . GLY A 1 138 ? -6.713  25.052  5.011   1.00 87.46  ? 177 GLY A N   1 
ATOM   1088 C  CA  . GLY A 1 138 ? -6.398  26.253  4.217   1.00 88.53  ? 177 GLY A CA  1 
ATOM   1089 C  C   . GLY A 1 138 ? -7.499  26.570  3.212   1.00 89.31  ? 177 GLY A C   1 
ATOM   1090 O  O   . GLY A 1 138 ? -8.456  25.813  3.055   1.00 78.48  ? 177 GLY A O   1 
ATOM   1091 N  N   . PRO A 1 139 ? -7.382  27.708  2.495   1.00 98.46  ? 178 PRO A N   1 
ATOM   1092 C  CA  . PRO A 1 139 ? -8.406  28.111  1.536   1.00 95.49  ? 178 PRO A CA  1 
ATOM   1093 C  C   . PRO A 1 139 ? -8.344  27.218  0.289   1.00 94.57  ? 178 PRO A C   1 
ATOM   1094 O  O   . PRO A 1 139 ? -9.369  26.665  -0.069  1.00 86.94  ? 178 PRO A O   1 
ATOM   1095 C  CB  . PRO A 1 139 ? -8.059  29.578  1.231   1.00 100.18 ? 178 PRO A CB  1 
ATOM   1096 C  CG  . PRO A 1 139 ? -6.564  29.699  1.517   1.00 100.23 ? 178 PRO A CG  1 
ATOM   1097 C  CD  . PRO A 1 139 ? -6.241  28.636  2.549   1.00 98.50  ? 178 PRO A CD  1 
ATOM   1098 N  N   . GLN A 1 140 ? -7.142  27.081  -0.296  1.00 93.58  ? 179 GLN A N   1 
ATOM   1099 C  CA  . GLN A 1 140 ? -6.866  26.332  -1.553  1.00 90.92  ? 179 GLN A CA  1 
ATOM   1100 C  C   . GLN A 1 140 ? -6.523  24.879  -1.202  1.00 79.90  ? 179 GLN A C   1 
ATOM   1101 O  O   . GLN A 1 140 ? -5.325  24.552  -1.048  1.00 78.03  ? 179 GLN A O   1 
ATOM   1102 C  CB  . GLN A 1 140 ? -5.770  27.018  -2.378  1.00 96.22  ? 179 GLN A CB  1 
ATOM   1103 C  CG  . GLN A 1 140 ? -4.371  26.944  -1.768  1.00 105.69 ? 179 GLN A CG  1 
ATOM   1104 C  CD  . GLN A 1 140 ? -3.578  28.222  -1.917  1.00 109.72 ? 179 GLN A CD  1 
ATOM   1105 O  OE1 . GLN A 1 140 ? -2.558  28.273  -2.602  1.00 105.01 ? 179 GLN A OE1 1 
ATOM   1106 N  NE2 . GLN A 1 140 ? -4.038  29.269  -1.251  1.00 117.23 ? 179 GLN A NE2 1 
ATOM   1107 N  N   . ARG A 1 141 ? -7.561  24.055  -1.054  1.00 68.39  ? 180 ARG A N   1 
ATOM   1108 C  CA  . ARG A 1 141 ? -7.487  22.571  -1.084  1.00 65.64  ? 180 ARG A CA  1 
ATOM   1109 C  C   . ARG A 1 141 ? -6.588  22.136  -2.249  1.00 55.73  ? 180 ARG A C   1 
ATOM   1110 O  O   . ARG A 1 141 ? -6.782  22.674  -3.358  1.00 46.93  ? 180 ARG A O   1 
ATOM   1111 C  CB  . ARG A 1 141 ? -8.901  22.000  -1.242  1.00 69.93  ? 180 ARG A CB  1 
ATOM   1112 C  CG  . ARG A 1 141 ? -8.958  20.635  -1.915  1.00 81.49  ? 180 ARG A CG  1 
ATOM   1113 C  CD  . ARG A 1 141 ? -9.862  19.677  -1.182  1.00 83.92  ? 180 ARG A CD  1 
ATOM   1114 N  NE  . ARG A 1 141 ? -9.401  19.661  0.193   1.00 89.14  ? 180 ARG A NE  1 
ATOM   1115 C  CZ  . ARG A 1 141 ? -10.150 19.367  1.239   1.00 93.10  ? 180 ARG A CZ  1 
ATOM   1116 N  NH1 . ARG A 1 141 ? -9.614  19.401  2.447   1.00 94.92  ? 180 ARG A NH1 1 
ATOM   1117 N  NH2 . ARG A 1 141 ? -11.420 19.038  1.081   1.00 101.81 ? 180 ARG A NH2 1 
ATOM   1118 N  N   . MET A 1 142 ? -5.659  21.199  -2.009  1.00 49.62  ? 181 MET A N   1 
ATOM   1119 C  CA  . MET A 1 142 ? -4.803  20.560  -3.051  1.00 47.38  ? 181 MET A CA  1 
ATOM   1120 C  C   . MET A 1 142 ? -4.519  19.085  -2.713  1.00 42.89  ? 181 MET A C   1 
ATOM   1121 O  O   . MET A 1 142 ? -4.345  18.759  -1.532  1.00 38.33  ? 181 MET A O   1 
ATOM   1122 C  CB  . MET A 1 142 ? -3.468  21.291  -3.192  1.00 45.15  ? 181 MET A CB  1 
ATOM   1123 C  CG  . MET A 1 142 ? -2.603  20.753  -4.332  1.00 46.95  ? 181 MET A CG  1 
ATOM   1124 S  SD  . MET A 1 142 ? -3.404  20.803  -5.957  1.00 43.19  ? 181 MET A SD  1 
ATOM   1125 C  CE  . MET A 1 142 ? -2.083  20.107  -6.945  1.00 49.40  ? 181 MET A CE  1 
ATOM   1126 N  N   . ILE A 1 143 ? -4.430  18.234  -3.738  1.00 40.20  ? 182 ILE A N   1 
ATOM   1127 C  CA  . ILE A 1 143 ? -4.069  16.792  -3.612  1.00 38.54  ? 182 ILE A CA  1 
ATOM   1128 C  C   . ILE A 1 143 ? -2.826  16.532  -4.461  1.00 38.22  ? 182 ILE A C   1 
ATOM   1129 O  O   . ILE A 1 143 ? -2.804  16.956  -5.641  1.00 39.23  ? 182 ILE A O   1 
ATOM   1130 C  CB  . ILE A 1 143 ? -5.236  15.878  -4.029  1.00 38.00  ? 182 ILE A CB  1 
ATOM   1131 C  CG1 . ILE A 1 143 ? -6.451  16.067  -3.126  1.00 39.09  ? 182 ILE A CG1 1 
ATOM   1132 C  CG2 . ILE A 1 143 ? -4.791  14.412  -4.090  1.00 38.52  ? 182 ILE A CG2 1 
ATOM   1133 C  CD1 . ILE A 1 143 ? -7.720  15.488  -3.695  1.00 42.15  ? 182 ILE A CD1 1 
ATOM   1134 N  N   . THR A 1 144 ? -1.842  15.829  -3.907  1.00 35.62  ? 183 THR A N   1 
ATOM   1135 C  CA  . THR A 1 144 ? -0.728  15.254  -4.697  1.00 37.69  ? 183 THR A CA  1 
ATOM   1136 C  C   . THR A 1 144 ? -0.725  13.742  -4.447  1.00 35.98  ? 183 THR A C   1 
ATOM   1137 O  O   . THR A 1 144 ? -0.810  13.323  -3.269  1.00 30.90  ? 183 THR A O   1 
ATOM   1138 C  CB  . THR A 1 144 ? 0.594   15.991  -4.461  1.00 36.49  ? 183 THR A CB  1 
ATOM   1139 O  OG1 . THR A 1 144 ? 1.190   15.466  -3.288  1.00 50.32  ? 183 THR A OG1 1 
ATOM   1140 C  CG2 . THR A 1 144 ? 0.440   17.485  -4.302  1.00 37.88  ? 183 THR A CG2 1 
ATOM   1141 N  N   . SER A 1 145 ? -0.709  12.964  -5.538  1.00 35.20  ? 184 SER A N   1 
ATOM   1142 C  CA  . SER A 1 145 ? -0.761  11.484  -5.520  1.00 29.41  ? 184 SER A CA  1 
ATOM   1143 C  C   . SER A 1 145 ? 0.568   10.898  -5.968  1.00 30.32  ? 184 SER A C   1 
ATOM   1144 O  O   . SER A 1 145 ? 1.226   11.468  -6.818  1.00 33.11  ? 184 SER A O   1 
ATOM   1145 C  CB  . SER A 1 145 ? -1.891  10.991  -6.329  1.00 28.74  ? 184 SER A CB  1 
ATOM   1146 O  OG  . SER A 1 145 ? -3.092  11.512  -5.788  1.00 31.20  ? 184 SER A OG  1 
ATOM   1147 N  N   . HIS A 1 146 ? 0.951   9.778   -5.370  1.00 31.28  ? 185 HIS A N   1 
ATOM   1148 C  CA  . HIS A 1 146 ? 2.176   9.032   -5.721  1.00 29.76  ? 185 HIS A CA  1 
ATOM   1149 C  C   . HIS A 1 146 ? 1.900   7.529   -5.604  1.00 29.97  ? 185 HIS A C   1 
ATOM   1150 O  O   . HIS A 1 146 ? 1.328   7.079   -4.575  1.00 34.70  ? 185 HIS A O   1 
ATOM   1151 C  CB  . HIS A 1 146 ? 3.339   9.490   -4.845  1.00 30.31  ? 185 HIS A CB  1 
ATOM   1152 C  CG  . HIS A 1 146 ? 4.668   9.237   -5.470  1.00 32.54  ? 185 HIS A CG  1 
ATOM   1153 N  ND1 . HIS A 1 146 ? 5.350   8.047   -5.301  1.00 36.51  ? 185 HIS A ND1 1 
ATOM   1154 C  CD2 . HIS A 1 146 ? 5.417   9.994   -6.292  1.00 32.83  ? 185 HIS A CD2 1 
ATOM   1155 C  CE1 . HIS A 1 146 ? 6.467   8.085   -5.985  1.00 36.72  ? 185 HIS A CE1 1 
ATOM   1156 N  NE2 . HIS A 1 146 ? 6.528   9.270   -6.598  1.00 35.37  ? 185 HIS A NE2 1 
ATOM   1157 N  N   A CYS A 1 147 ? 2.311   6.786   -6.637  0.25 30.47  ? 186 CYS A N   1 
ATOM   1158 N  N   B CYS A 1 147 ? 2.251   6.749   -6.630  0.25 28.93  ? 186 CYS A N   1 
ATOM   1159 C  CA  A CYS A 1 147 ? 2.282   5.303   -6.722  0.25 29.88  ? 186 CYS A CA  1 
ATOM   1160 C  CA  B CYS A 1 147 ? 2.168   5.261   -6.588  0.25 27.38  ? 186 CYS A CA  1 
ATOM   1161 C  C   A CYS A 1 147 ? 3.651   4.744   -6.349  0.25 29.76  ? 186 CYS A C   1 
ATOM   1162 C  C   B CYS A 1 147 ? 3.586   4.688   -6.475  0.25 28.51  ? 186 CYS A C   1 
ATOM   1163 O  O   A CYS A 1 147 ? 4.645   5.465   -6.529  0.25 28.54  ? 186 CYS A O   1 
ATOM   1164 O  O   B CYS A 1 147 ? 4.535   5.352   -6.929  0.25 27.55  ? 186 CYS A O   1 
ATOM   1165 C  CB  A CYS A 1 147 ? 1.946   4.853   -8.133  0.25 30.10  ? 186 CYS A CB  1 
ATOM   1166 C  CB  B CYS A 1 147 ? 1.386   4.699   -7.772  0.25 26.29  ? 186 CYS A CB  1 
ATOM   1167 S  SG  A CYS A 1 147 ? 0.244   5.254   -8.581  0.25 31.03  ? 186 CYS A SG  1 
ATOM   1168 S  SG  B CYS A 1 147 ? 2.068   5.096   -9.402  0.25 23.42  ? 186 CYS A SG  1 
ATOM   1169 N  N   . PHE A 1 148 ? 3.693   3.498   -5.875  1.00 31.05  ? 187 PHE A N   1 
ATOM   1170 C  CA  . PHE A 1 148 ? 4.959   2.833   -5.499  1.00 31.93  ? 187 PHE A CA  1 
ATOM   1171 C  C   . PHE A 1 148 ? 5.027   1.480   -6.198  1.00 34.79  ? 187 PHE A C   1 
ATOM   1172 O  O   . PHE A 1 148 ? 4.717   0.443   -5.597  1.00 34.14  ? 187 PHE A O   1 
ATOM   1173 C  CB  . PHE A 1 148 ? 5.017   2.748   -3.975  1.00 33.77  ? 187 PHE A CB  1 
ATOM   1174 C  CG  . PHE A 1 148 ? 5.014   4.089   -3.293  1.00 34.74  ? 187 PHE A CG  1 
ATOM   1175 C  CD1 . PHE A 1 148 ? 6.202   4.798   -3.133  1.00 35.58  ? 187 PHE A CD1 1 
ATOM   1176 C  CD2 . PHE A 1 148 ? 3.824   4.655   -2.851  1.00 34.66  ? 187 PHE A CD2 1 
ATOM   1177 C  CE1 . PHE A 1 148 ? 6.197   6.051   -2.533  1.00 37.56  ? 187 PHE A CE1 1 
ATOM   1178 C  CE2 . PHE A 1 148 ? 3.826   5.899   -2.231  1.00 37.96  ? 187 PHE A CE2 1 
ATOM   1179 C  CZ  . PHE A 1 148 ? 5.011   6.594   -2.074  1.00 37.95  ? 187 PHE A CZ  1 
ATOM   1180 N  N   . PRO A 1 149 ? 5.430   1.455   -7.490  1.00 33.64  ? 188 PRO A N   1 
ATOM   1181 C  CA  . PRO A 1 149 ? 5.578   0.203   -8.233  1.00 31.99  ? 188 PRO A CA  1 
ATOM   1182 C  C   . PRO A 1 149 ? 6.375   -0.866  -7.471  1.00 31.06  ? 188 PRO A C   1 
ATOM   1183 O  O   . PRO A 1 149 ? 6.056   -2.014  -7.561  1.00 30.34  ? 188 PRO A O   1 
ATOM   1184 C  CB  . PRO A 1 149 ? 6.360   0.612   -9.490  1.00 30.69  ? 188 PRO A CB  1 
ATOM   1185 C  CG  . PRO A 1 149 ? 6.115   2.086   -9.667  1.00 32.49  ? 188 PRO A CG  1 
ATOM   1186 C  CD  . PRO A 1 149 ? 5.729   2.636   -8.314  1.00 33.99  ? 188 PRO A CD  1 
ATOM   1187 N  N   . GLU A 1 150 ? 7.391   -0.428  -6.722  1.00 33.10  ? 189 GLU A N   1 
ATOM   1188 C  CA  . GLU A 1 150 ? 8.349   -1.279  -5.972  1.00 36.51  ? 189 GLU A CA  1 
ATOM   1189 C  C   . GLU A 1 150 ? 7.588   -2.146  -4.945  1.00 33.31  ? 189 GLU A C   1 
ATOM   1190 O  O   . GLU A 1 150 ? 8.145   -3.153  -4.493  1.00 30.53  ? 189 GLU A O   1 
ATOM   1191 C  CB  . GLU A 1 150 ? 9.396   -0.366  -5.321  1.00 38.52  ? 189 GLU A CB  1 
ATOM   1192 C  CG  . GLU A 1 150 ? 9.903   0.751   -6.234  1.00 42.44  ? 189 GLU A CG  1 
ATOM   1193 C  CD  . GLU A 1 150 ? 9.406   2.190   -6.033  1.00 41.23  ? 189 GLU A CD  1 
ATOM   1194 O  OE1 . GLU A 1 150 ? 10.265  3.084   -6.123  1.00 53.18  ? 189 GLU A OE1 1 
ATOM   1195 O  OE2 . GLU A 1 150 ? 8.182   2.444   -5.843  1.00 28.41  ? 189 GLU A OE2 1 
ATOM   1196 N  N   . THR A 1 151 ? 6.360   -1.755  -4.592  1.00 32.50  ? 190 THR A N   1 
ATOM   1197 C  CA  . THR A 1 151 ? 5.587   -2.270  -3.432  1.00 31.93  ? 190 THR A CA  1 
ATOM   1198 C  C   . THR A 1 151 ? 4.365   -3.049  -3.905  1.00 31.15  ? 190 THR A C   1 
ATOM   1199 O  O   . THR A 1 151 ? 3.489   -3.329  -3.052  1.00 30.60  ? 190 THR A O   1 
ATOM   1200 C  CB  . THR A 1 151 ? 5.126   -1.146  -2.490  1.00 30.63  ? 190 THR A CB  1 
ATOM   1201 O  OG1 . THR A 1 151 ? 4.128   -0.339  -3.119  1.00 29.30  ? 190 THR A OG1 1 
ATOM   1202 C  CG2 . THR A 1 151 ? 6.280   -0.285  -2.031  1.00 30.51  ? 190 THR A CG2 1 
ATOM   1203 N  N   . GLN A 1 152 ? 4.292   -3.332  -5.206  1.00 29.93  ? 191 GLN A N   1 
ATOM   1204 C  CA  . GLN A 1 152 ? 3.254   -4.205  -5.804  1.00 32.50  ? 191 GLN A CA  1 
ATOM   1205 C  C   . GLN A 1 152 ? 3.251   -5.558  -5.089  1.00 31.21  ? 191 GLN A C   1 
ATOM   1206 O  O   . GLN A 1 152 ? 4.340   -6.116  -4.768  1.00 30.03  ? 191 GLN A O   1 
ATOM   1207 C  CB  . GLN A 1 152 ? 3.501   -4.386  -7.303  1.00 36.54  ? 191 GLN A CB  1 
ATOM   1208 C  CG  . GLN A 1 152 ? 2.970   -3.225  -8.131  1.00 40.35  ? 191 GLN A CG  1 
ATOM   1209 C  CD  . GLN A 1 152 ? 3.372   -3.295  -9.579  1.00 45.23  ? 191 GLN A CD  1 
ATOM   1210 O  OE1 . GLN A 1 152 ? 4.326   -3.991  -9.932  1.00 47.88  ? 191 GLN A OE1 1 
ATOM   1211 N  NE2 . GLN A 1 152 ? 2.676   -2.527  -10.411 1.00 48.69  ? 191 GLN A NE2 1 
ATOM   1212 N  N   . PHE A 1 153 ? 2.060   -6.100  -4.891  1.00 29.21  ? 192 PHE A N   1 
ATOM   1213 C  CA  . PHE A 1 153 ? 1.885   -7.461  -4.347  1.00 29.91  ? 192 PHE A CA  1 
ATOM   1214 C  C   . PHE A 1 153 ? 0.594   -8.062  -4.878  1.00 30.23  ? 192 PHE A C   1 
ATOM   1215 O  O   . PHE A 1 153 ? -0.275  -7.326  -5.345  1.00 30.45  ? 192 PHE A O   1 
ATOM   1216 C  CB  . PHE A 1 153 ? 1.828   -7.433  -2.814  1.00 29.13  ? 192 PHE A CB  1 
ATOM   1217 C  CG  . PHE A 1 153 ? 0.764   -6.532  -2.264  1.00 27.79  ? 192 PHE A CG  1 
ATOM   1218 C  CD1 . PHE A 1 153 ? -0.515  -7.006  -2.065  1.00 27.62  ? 192 PHE A CD1 1 
ATOM   1219 C  CD2 . PHE A 1 153 ? 1.040   -5.202  -1.997  1.00 28.08  ? 192 PHE A CD2 1 
ATOM   1220 C  CE1 . PHE A 1 153 ? -1.505  -6.178  -1.569  1.00 27.79  ? 192 PHE A CE1 1 
ATOM   1221 C  CE2 . PHE A 1 153 ? 0.048   -4.376  -1.511  1.00 28.43  ? 192 PHE A CE2 1 
ATOM   1222 C  CZ  . PHE A 1 153 ? -1.221  -4.867  -1.299  1.00 28.94  ? 192 PHE A CZ  1 
ATOM   1223 N  N   . ILE A 1 154 ? 0.466   -9.372  -4.697  1.00 32.95  ? 193 ILE A N   1 
ATOM   1224 C  CA  . ILE A 1 154 ? -0.806  -10.124 -4.866  1.00 33.33  ? 193 ILE A CA  1 
ATOM   1225 C  C   . ILE A 1 154 ? -1.361  -10.398 -3.471  1.00 33.66  ? 193 ILE A C   1 
ATOM   1226 O  O   . ILE A 1 154 ? -0.592  -10.839 -2.617  1.00 39.23  ? 193 ILE A O   1 
ATOM   1227 C  CB  . ILE A 1 154 ? -0.564  -11.405 -5.687  1.00 34.26  ? 193 ILE A CB  1 
ATOM   1228 C  CG1 . ILE A 1 154 ? -0.023  -11.034 -7.073  1.00 36.73  ? 193 ILE A CG1 1 
ATOM   1229 C  CG2 . ILE A 1 154 ? -1.836  -12.240 -5.750  1.00 34.57  ? 193 ILE A CG2 1 
ATOM   1230 C  CD1 . ILE A 1 154 ? 0.446   -12.207 -7.916  1.00 39.09  ? 193 ILE A CD1 1 
ATOM   1231 N  N   . ALA A 1 155 ? -2.631  -10.071 -3.259  1.00 33.56  ? 194 ALA A N   1 
ATOM   1232 C  CA  . ALA A 1 155 ? -3.408  -10.369 -2.039  1.00 37.88  ? 194 ALA A CA  1 
ATOM   1233 C  C   . ALA A 1 155 ? -3.732  -11.870 -2.027  1.00 40.57  ? 194 ALA A C   1 
ATOM   1234 O  O   . ALA A 1 155 ? -4.319  -12.345 -3.029  1.00 44.80  ? 194 ALA A O   1 
ATOM   1235 C  CB  . ALA A 1 155 ? -4.657  -9.516  -2.020  1.00 37.14  ? 194 ALA A CB  1 
ATOM   1236 N  N   . VAL A 1 156 ? -3.316  -12.583 -0.976  1.00 39.23  ? 195 VAL A N   1 
ATOM   1237 C  CA  . VAL A 1 156 ? -3.454  -14.067 -0.816  1.00 41.36  ? 195 VAL A CA  1 
ATOM   1238 C  C   . VAL A 1 156 ? -3.975  -14.392 0.594   1.00 39.55  ? 195 VAL A C   1 
ATOM   1239 O  O   . VAL A 1 156 ? -3.671  -13.644 1.536   1.00 41.63  ? 195 VAL A O   1 
ATOM   1240 C  CB  . VAL A 1 156 ? -2.118  -14.780 -1.102  1.00 40.45  ? 195 VAL A CB  1 
ATOM   1241 C  CG1 . VAL A 1 156 ? -1.622  -14.495 -2.517  1.00 38.53  ? 195 VAL A CG1 1 
ATOM   1242 C  CG2 . VAL A 1 156 ? -1.048  -14.438 -0.071  1.00 40.06  ? 195 VAL A CG2 1 
ATOM   1243 N  N   . THR A 1 157 ? -4.770  -15.451 0.743   1.00 40.24  ? 196 THR A N   1 
ATOM   1244 C  CA  . THR A 1 157 ? -5.224  -15.926 2.081   1.00 39.79  ? 196 THR A CA  1 
ATOM   1245 C  C   . THR A 1 157 ? -4.103  -16.717 2.767   1.00 35.13  ? 196 THR A C   1 
ATOM   1246 O  O   . THR A 1 157 ? -4.177  -16.804 3.973   1.00 36.09  ? 196 THR A O   1 
ATOM   1247 C  CB  . THR A 1 157 ? -6.527  -16.731 2.019   1.00 37.99  ? 196 THR A CB  1 
ATOM   1248 O  OG1 . THR A 1 157 ? -6.324  -17.823 1.130   1.00 40.11  ? 196 THR A OG1 1 
ATOM   1249 C  CG2 . THR A 1 157 ? -7.699  -15.894 1.563   1.00 35.57  ? 196 THR A CG2 1 
ATOM   1250 N  N   . ALA A 1 158 ? -3.113  -17.240 2.031   1.00 37.40  ? 197 ALA A N   1 
ATOM   1251 C  CA  . ALA A 1 158 ? -1.836  -17.784 2.570   1.00 36.57  ? 197 ALA A CA  1 
ATOM   1252 C  C   . ALA A 1 158 ? -0.731  -17.690 1.517   1.00 33.85  ? 197 ALA A C   1 
ATOM   1253 O  O   . ALA A 1 158 ? -1.067  -17.645 0.335   1.00 33.56  ? 197 ALA A O   1 
ATOM   1254 C  CB  . ALA A 1 158 ? -2.020  -19.216 3.015   1.00 37.01  ? 197 ALA A CB  1 
ATOM   1255 N  N   . TYR A 1 159 ? 0.539   -17.704 1.931   1.00 32.34  ? 198 TYR A N   1 
ATOM   1256 C  CA  . TYR A 1 159 ? 1.703   -17.570 1.027   1.00 34.51  ? 198 TYR A CA  1 
ATOM   1257 C  C   . TYR A 1 159 ? 1.806   -18.797 0.113   1.00 38.20  ? 198 TYR A C   1 
ATOM   1258 O  O   . TYR A 1 159 ? 1.520   -19.922 0.533   1.00 41.99  ? 198 TYR A O   1 
ATOM   1259 C  CB  . TYR A 1 159 ? 2.986   -17.333 1.817   1.00 35.58  ? 198 TYR A CB  1 
ATOM   1260 C  CG  . TYR A 1 159 ? 3.007   -16.037 2.583   1.00 35.88  ? 198 TYR A CG  1 
ATOM   1261 C  CD1 . TYR A 1 159 ? 2.622   -14.845 1.985   1.00 36.74  ? 198 TYR A CD1 1 
ATOM   1262 C  CD2 . TYR A 1 159 ? 3.396   -16.001 3.912   1.00 37.25  ? 198 TYR A CD2 1 
ATOM   1263 C  CE1 . TYR A 1 159 ? 2.621   -13.654 2.684   1.00 36.33  ? 198 TYR A CE1 1 
ATOM   1264 C  CE2 . TYR A 1 159 ? 3.398   -14.818 4.632   1.00 37.53  ? 198 TYR A CE2 1 
ATOM   1265 C  CZ  . TYR A 1 159 ? 3.025   -13.641 4.007   1.00 37.88  ? 198 TYR A CZ  1 
ATOM   1266 O  OH  . TYR A 1 159 ? 3.029   -12.476 4.693   1.00 34.89  ? 198 TYR A OH  1 
ATOM   1267 N  N   . GLN A 1 160 ? 2.168   -18.562 -1.147  1.00 39.13  ? 199 GLN A N   1 
ATOM   1268 C  CA  . GLN A 1 160 ? 2.220   -19.598 -2.207  1.00 37.83  ? 199 GLN A CA  1 
ATOM   1269 C  C   . GLN A 1 160 ? 3.683   -19.866 -2.519  1.00 35.69  ? 199 GLN A C   1 
ATOM   1270 O  O   . GLN A 1 160 ? 4.084   -21.027 -2.604  1.00 36.91  ? 199 GLN A O   1 
ATOM   1271 C  CB  . GLN A 1 160 ? 1.474   -19.111 -3.446  1.00 41.37  ? 199 GLN A CB  1 
ATOM   1272 C  CG  . GLN A 1 160 ? -0.003  -18.849 -3.207  1.00 42.45  ? 199 GLN A CG  1 
ATOM   1273 C  CD  . GLN A 1 160 ? -0.748  -20.087 -2.781  1.00 43.43  ? 199 GLN A CD  1 
ATOM   1274 O  OE1 . GLN A 1 160 ? -0.764  -21.101 -3.473  1.00 50.72  ? 199 GLN A OE1 1 
ATOM   1275 N  NE2 . GLN A 1 160 ? -1.399  -20.004 -1.637  1.00 42.10  ? 199 GLN A NE2 1 
ATOM   1276 N  N   . ASN A 1 161 ? 4.447   -18.792 -2.658  1.00 37.71  ? 200 ASN A N   1 
ATOM   1277 C  CA  . ASN A 1 161 ? 5.894   -18.841 -2.945  1.00 38.42  ? 200 ASN A CA  1 
ATOM   1278 C  C   . ASN A 1 161 ? 6.586   -18.795 -1.587  1.00 40.43  ? 200 ASN A C   1 
ATOM   1279 O  O   . ASN A 1 161 ? 6.445   -17.776 -0.892  1.00 35.79  ? 200 ASN A O   1 
ATOM   1280 C  CB  . ASN A 1 161 ? 6.293   -17.720 -3.897  1.00 36.78  ? 200 ASN A CB  1 
ATOM   1281 C  CG  . ASN A 1 161 ? 7.777   -17.673 -4.167  1.00 36.12  ? 200 ASN A CG  1 
ATOM   1282 O  OD1 . ASN A 1 161 ? 8.492   -18.637 -3.942  1.00 41.37  ? 200 ASN A OD1 1 
ATOM   1283 N  ND2 . ASN A 1 161 ? 8.254   -16.536 -4.627  1.00 40.77  ? 200 ASN A ND2 1 
ATOM   1284 N  N   . GLU A 1 162 ? 7.264   -19.886 -1.230  1.00 42.17  ? 201 GLU A N   1 
ATOM   1285 C  CA  . GLU A 1 162 ? 7.897   -20.091 0.099   1.00 42.76  ? 201 GLU A CA  1 
ATOM   1286 C  C   . GLU A 1 162 ? 9.113   -19.156 0.181   1.00 40.07  ? 201 GLU A C   1 
ATOM   1287 O  O   . GLU A 1 162 ? 9.502   -18.782 1.293   1.00 40.79  ? 201 GLU A O   1 
ATOM   1288 C  CB  . GLU A 1 162 ? 8.157   -21.592 0.307   1.00 46.94  ? 201 GLU A CB  1 
ATOM   1289 C  CG  . GLU A 1 162 ? 9.610   -22.026 0.238   1.00 53.45  ? 201 GLU A CG  1 
ATOM   1290 C  CD  . GLU A 1 162 ? 10.024  -22.985 -0.869  1.00 62.04  ? 201 GLU A CD  1 
ATOM   1291 O  OE1 . GLU A 1 162 ? 10.756  -23.966 -0.553  1.00 55.55  ? 201 GLU A OE1 1 
ATOM   1292 O  OE2 . GLU A 1 162 ? 9.665   -22.728 -2.048  1.00 70.20  ? 201 GLU A OE2 1 
ATOM   1293 N  N   . GLU A 1 163 ? 9.656   -18.736 -0.965  1.00 40.84  ? 202 GLU A N   1 
ATOM   1294 C  CA  . GLU A 1 163 ? 10.730  -17.708 -1.035  1.00 41.89  ? 202 GLU A CA  1 
ATOM   1295 C  C   . GLU A 1 163 ? 10.234  -16.408 -0.386  1.00 36.53  ? 202 GLU A C   1 
ATOM   1296 O  O   . GLU A 1 163 ? 11.031  -15.734 0.271   1.00 37.40  ? 202 GLU A O   1 
ATOM   1297 C  CB  . GLU A 1 163 ? 11.160  -17.463 -2.481  1.00 43.38  ? 202 GLU A CB  1 
ATOM   1298 C  CG  . GLU A 1 163 ? 11.923  -18.618 -3.093  1.00 48.38  ? 202 GLU A CG  1 
ATOM   1299 C  CD  . GLU A 1 163 ? 12.261  -18.376 -4.551  1.00 51.95  ? 202 GLU A CD  1 
ATOM   1300 O  OE1 . GLU A 1 163 ? 13.443  -18.529 -4.913  1.00 57.31  ? 202 GLU A OE1 1 
ATOM   1301 O  OE2 . GLU A 1 163 ? 11.346  -17.987 -5.307  1.00 59.57  ? 202 GLU A OE2 1 
ATOM   1302 N  N   . ILE A 1 164 ? 8.952   -16.081 -0.551  1.00 36.26  ? 203 ILE A N   1 
ATOM   1303 C  CA  . ILE A 1 164 ? 8.322   -14.890 0.089   1.00 34.53  ? 203 ILE A CA  1 
ATOM   1304 C  C   . ILE A 1 164 ? 8.217   -15.168 1.594   1.00 33.65  ? 203 ILE A C   1 
ATOM   1305 O  O   . ILE A 1 164 ? 8.582   -14.296 2.397   1.00 32.33  ? 203 ILE A O   1 
ATOM   1306 C  CB  . ILE A 1 164 ? 6.958   -14.570 -0.562  1.00 35.33  ? 203 ILE A CB  1 
ATOM   1307 C  CG1 . ILE A 1 164 ? 7.128   -14.072 -1.995  1.00 35.98  ? 203 ILE A CG1 1 
ATOM   1308 C  CG2 . ILE A 1 164 ? 6.149   -13.574 0.270   1.00 34.69  ? 203 ILE A CG2 1 
ATOM   1309 C  CD1 . ILE A 1 164 ? 7.768   -12.690 -2.094  1.00 39.52  ? 203 ILE A CD1 1 
ATOM   1310 N  N   . THR A 1 165 ? 7.709   -16.338 1.969   1.00 34.59  ? 204 THR A N   1 
ATOM   1311 C  CA  . THR A 1 165 ? 7.556   -16.732 3.388   1.00 33.93  ? 204 THR A CA  1 
ATOM   1312 C  C   . THR A 1 165 ? 8.896   -16.473 4.079   1.00 33.13  ? 204 THR A C   1 
ATOM   1313 O  O   . THR A 1 165 ? 8.920   -15.778 5.103   1.00 33.30  ? 204 THR A O   1 
ATOM   1314 C  CB  . THR A 1 165 ? 7.060   -18.174 3.482   1.00 34.74  ? 204 THR A CB  1 
ATOM   1315 O  OG1 . THR A 1 165 ? 6.021   -18.296 2.506   1.00 34.25  ? 204 THR A OG1 1 
ATOM   1316 C  CG2 . THR A 1 165 ? 6.564   -18.540 4.863   1.00 34.49  ? 204 THR A CG2 1 
ATOM   1317 N  N   . ALA A 1 166 ? 9.984   -16.922 3.456   1.00 35.26  ? 205 ALA A N   1 
ATOM   1318 C  CA  . ALA A 1 166 ? 11.352  -16.874 4.021   1.00 34.27  ? 205 ALA A CA  1 
ATOM   1319 C  C   . ALA A 1 166 ? 11.846  -15.423 4.104   1.00 34.83  ? 205 ALA A C   1 
ATOM   1320 O  O   . ALA A 1 166 ? 12.407  -15.062 5.147   1.00 35.25  ? 205 ALA A O   1 
ATOM   1321 C  CB  . ALA A 1 166 ? 12.260  -17.750 3.199   1.00 34.74  ? 205 ALA A CB  1 
ATOM   1322 N  N   . LEU A 1 167 ? 11.636  -14.599 3.068   1.00 36.57  ? 206 LEU A N   1 
ATOM   1323 C  CA  . LEU A 1 167 ? 12.054  -13.169 3.103   1.00 34.91  ? 206 LEU A CA  1 
ATOM   1324 C  C   . LEU A 1 167 ? 11.302  -12.462 4.219   1.00 30.47  ? 206 LEU A C   1 
ATOM   1325 O  O   . LEU A 1 167 ? 11.927  -11.661 4.915   1.00 29.43  ? 206 LEU A O   1 
ATOM   1326 C  CB  . LEU A 1 167 ? 11.766  -12.476 1.766   1.00 37.68  ? 206 LEU A CB  1 
ATOM   1327 C  CG  . LEU A 1 167 ? 12.958  -12.209 0.853   1.00 43.21  ? 206 LEU A CG  1 
ATOM   1328 C  CD1 . LEU A 1 167 ? 12.682  -10.991 -0.014  1.00 46.23  ? 206 LEU A CD1 1 
ATOM   1329 C  CD2 . LEU A 1 167 ? 14.262  -12.007 1.618   1.00 44.91  ? 206 LEU A CD2 1 
ATOM   1330 N  N   . LYS A 1 168 ? 9.998   -12.714 4.327   1.00 31.98  ? 207 LYS A N   1 
ATOM   1331 C  CA  . LYS A 1 168 ? 9.127   -12.069 5.341   1.00 34.95  ? 207 LYS A CA  1 
ATOM   1332 C  C   . LYS A 1 168 ? 9.727   -12.338 6.723   1.00 38.69  ? 207 LYS A C   1 
ATOM   1333 O  O   . LYS A 1 168 ? 9.929   -11.368 7.497   1.00 40.87  ? 207 LYS A O   1 
ATOM   1334 C  CB  . LYS A 1 168 ? 7.702   -12.622 5.305   1.00 35.90  ? 207 LYS A CB  1 
ATOM   1335 C  CG  . LYS A 1 168 ? 6.944   -12.400 4.007   1.00 40.93  ? 207 LYS A CG  1 
ATOM   1336 C  CD  . LYS A 1 168 ? 6.124   -11.138 3.986   1.00 41.49  ? 207 LYS A CD  1 
ATOM   1337 C  CE  . LYS A 1 168 ? 5.484   -10.895 2.634   1.00 41.92  ? 207 LYS A CE  1 
ATOM   1338 N  NZ  . LYS A 1 168 ? 4.274   -10.051 2.752   1.00 41.30  ? 207 LYS A NZ  1 
ATOM   1339 N  N   . ILE A 1 169 ? 10.006  -13.611 7.011   1.00 36.78  ? 208 ILE A N   1 
ATOM   1340 C  CA  . ILE A 1 169 ? 10.531  -14.044 8.335   1.00 38.14  ? 208 ILE A CA  1 
ATOM   1341 C  C   . ILE A 1 169 ? 11.950  -13.478 8.477   1.00 38.27  ? 208 ILE A C   1 
ATOM   1342 O  O   . ILE A 1 169 ? 12.240  -12.873 9.522   1.00 35.79  ? 208 ILE A O   1 
ATOM   1343 C  CB  . ILE A 1 169 ? 10.457  -15.580 8.495   1.00 36.22  ? 208 ILE A CB  1 
ATOM   1344 C  CG1 . ILE A 1 169 ? 9.007   -16.058 8.556   1.00 36.43  ? 208 ILE A CG1 1 
ATOM   1345 C  CG2 . ILE A 1 169 ? 11.259  -16.036 9.707   1.00 36.71  ? 208 ILE A CG2 1 
ATOM   1346 C  CD1 . ILE A 1 169 ? 8.830   -17.523 8.279   1.00 37.27  ? 208 ILE A CD1 1 
ATOM   1347 N  N   . LYS A 1 170 ? 12.800  -13.618 7.460   1.00 38.61  ? 209 LYS A N   1 
ATOM   1348 C  CA  . LYS A 1 170 ? 14.223  -13.176 7.575   1.00 41.58  ? 209 LYS A CA  1 
ATOM   1349 C  C   . LYS A 1 170 ? 14.289  -11.715 8.037   1.00 39.19  ? 209 LYS A C   1 
ATOM   1350 O  O   . LYS A 1 170 ? 15.178  -11.420 8.858   1.00 45.77  ? 209 LYS A O   1 
ATOM   1351 C  CB  . LYS A 1 170 ? 14.990  -13.364 6.262   1.00 41.30  ? 209 LYS A CB  1 
ATOM   1352 C  CG  . LYS A 1 170 ? 16.508  -13.254 6.352   1.00 44.42  ? 209 LYS A CG  1 
ATOM   1353 C  CD  . LYS A 1 170 ? 17.181  -13.443 4.986   1.00 46.86  ? 209 LYS A CD  1 
ATOM   1354 C  CE  . LYS A 1 170 ? 18.646  -13.827 5.034   1.00 49.53  ? 209 LYS A CE  1 
ATOM   1355 N  NZ  . LYS A 1 170 ? 19.519  -12.632 5.128   1.00 52.57  ? 209 LYS A NZ  1 
ATOM   1356 N  N   . TYR A 1 171 ? 13.399  -10.840 7.554   1.00 39.46  ? 210 TYR A N   1 
ATOM   1357 C  CA  . TYR A 1 171 ? 13.525  -9.363  7.710   1.00 40.65  ? 210 TYR A CA  1 
ATOM   1358 C  C   . TYR A 1 171 ? 12.476  -8.772  8.666   1.00 42.21  ? 210 TYR A C   1 
ATOM   1359 O  O   . TYR A 1 171 ? 12.575  -7.572  8.940   1.00 43.10  ? 210 TYR A O   1 
ATOM   1360 C  CB  . TYR A 1 171 ? 13.558  -8.687  6.334   1.00 38.92  ? 210 TYR A CB  1 
ATOM   1361 C  CG  . TYR A 1 171 ? 14.858  -8.942  5.615   1.00 40.69  ? 210 TYR A CG  1 
ATOM   1362 C  CD1 . TYR A 1 171 ? 16.036  -8.351  6.054   1.00 43.88  ? 210 TYR A CD1 1 
ATOM   1363 C  CD2 . TYR A 1 171 ? 14.940  -9.844  4.566   1.00 42.41  ? 210 TYR A CD2 1 
ATOM   1364 C  CE1 . TYR A 1 171 ? 17.252  -8.617  5.443   1.00 45.45  ? 210 TYR A CE1 1 
ATOM   1365 C  CE2 . TYR A 1 171 ? 16.147  -10.131 3.949   1.00 42.40  ? 210 TYR A CE2 1 
ATOM   1366 C  CZ  . TYR A 1 171 ? 17.305  -9.514  4.394   1.00 45.74  ? 210 TYR A CZ  1 
ATOM   1367 O  OH  . TYR A 1 171 ? 18.508  -9.784  3.813   1.00 49.22  ? 210 TYR A OH  1 
ATOM   1368 N  N   . ASN A 1 172 ? 11.526  -9.541  9.198   1.00 46.38  ? 211 ASN A N   1 
ATOM   1369 C  CA  . ASN A 1 172 ? 10.620  -9.013  10.253  1.00 53.51  ? 211 ASN A CA  1 
ATOM   1370 C  C   . ASN A 1 172 ? 11.347  -9.053  11.601  1.00 63.98  ? 211 ASN A C   1 
ATOM   1371 O  O   . ASN A 1 172 ? 12.397  -9.688  11.730  1.00 61.57  ? 211 ASN A O   1 
ATOM   1372 C  CB  . ASN A 1 172 ? 9.270   -9.730  10.268  1.00 55.93  ? 211 ASN A CB  1 
ATOM   1373 C  CG  . ASN A 1 172 ? 9.312   -11.132 10.847  1.00 57.85  ? 211 ASN A CG  1 
ATOM   1374 O  OD1 . ASN A 1 172 ? 8.348   -11.886 10.704  1.00 51.08  ? 211 ASN A OD1 1 
ATOM   1375 N  ND2 . ASN A 1 172 ? 10.409  -11.491 11.497  1.00 52.06  ? 211 ASN A ND2 1 
HETATM 1376 CD CD  . CD  B 2 .   ? 0.404   3.967   -10.827 0.50 27.99  ? 301 CD  A CD  1 
HETATM 1377 CD CD  . CD  C 2 .   ? 2.385   1.092   -11.862 1.00 28.73  ? 302 CD  A CD  1 
HETATM 1378 CD CD  . CD  D 2 .   ? -14.457 0.488   3.161   1.00 73.66  ? 303 CD  A CD  1 
HETATM 1379 CD CD  . CD  E 2 .   ? -6.045  -7.821  -19.649 1.00 37.89  ? 304 CD  A CD  1 
HETATM 1380 CD CD  . CD  F 2 .   ? -15.034 3.519   1.043   1.00 69.48  ? 305 CD  A CD  1 
HETATM 1381 N  N1  . NXS G 3 .   ? -9.672  13.678  6.209   1.00 102.66 ? 306 NXS A N1  1 
HETATM 1382 N  N3  . NXS G 3 .   ? -8.045  13.604  7.823   1.00 98.87  ? 306 NXS A N3  1 
HETATM 1383 C  C4  . NXS G 3 .   ? -8.660  14.023  5.206   1.00 101.93 ? 306 NXS A C4  1 
HETATM 1384 C  C5  . NXS G 3 .   ? -11.049 13.614  5.708   1.00 101.31 ? 306 NXS A C5  1 
HETATM 1385 C  C6  . NXS G 3 .   ? -11.419 14.854  4.915   1.00 100.77 ? 306 NXS A C6  1 
HETATM 1386 C  C7  . NXS G 3 .   ? -9.339  13.422  7.492   1.00 102.31 ? 306 NXS A C7  1 
HETATM 1387 C  C8  . NXS G 3 .   ? -9.936  12.754  9.579   1.00 94.71  ? 306 NXS A C8  1 
HETATM 1388 C  C10 . NXS G 3 .   ? -7.730  13.341  9.090   1.00 96.54  ? 306 NXS A C10 1 
HETATM 1389 C  C1  . NXS G 3 .   ? -9.833  16.591  4.002   1.00 99.36  ? 306 NXS A C1  1 
HETATM 1390 C  C2  . NXS G 3 .   ? -10.391 15.190  3.832   1.00 101.08 ? 306 NXS A C2  1 
HETATM 1391 C  C3  . NXS G 3 .   ? -9.273  14.150  3.833   1.00 102.35 ? 306 NXS A C3  1 
HETATM 1392 C  C9  . NXS G 3 .   ? -8.644  12.909  10.020  1.00 93.70  ? 306 NXS A C9  1 
HETATM 1393 N  N2  . NXS G 3 .   ? -10.314 12.999  8.323   1.00 97.55  ? 306 NXS A N2  1 
HETATM 1394 O  O1  . NXS G 3 .   ? -10.814 17.606  3.801   1.00 96.97  ? 306 NXS A O1  1 
HETATM 1395 O  O   . HOH H 4 .   ? -4.977  2.835   11.965  1.00 39.48  ? 401 HOH A O   1 
HETATM 1396 O  O   . HOH H 4 .   ? -6.818  -0.581  8.444   1.00 38.12  ? 402 HOH A O   1 
HETATM 1397 O  O   . HOH H 4 .   ? 11.433  15.293  5.253   1.00 43.66  ? 403 HOH A O   1 
HETATM 1398 O  O   . HOH H 4 .   ? 5.391   -7.723  -6.384  1.00 36.37  ? 404 HOH A O   1 
HETATM 1399 O  O   . HOH H 4 .   ? 1.959   22.163  -0.150  1.00 41.01  ? 405 HOH A O   1 
HETATM 1400 O  O   . HOH H 4 .   ? 13.475  -16.326 0.029   1.00 37.56  ? 406 HOH A O   1 
HETATM 1401 O  O   . HOH H 4 .   ? 9.493   -0.418  5.222   1.00 34.71  ? 407 HOH A O   1 
HETATM 1402 O  O   . HOH H 4 .   ? -11.289 -11.585 -2.188  1.00 53.51  ? 408 HOH A O   1 
HETATM 1403 O  O   . HOH H 4 .   ? -5.288  -8.265  -10.483 1.00 31.13  ? 409 HOH A O   1 
HETATM 1404 O  O   . HOH H 4 .   ? -1.283  -8.125  4.990   1.00 33.35  ? 410 HOH A O   1 
HETATM 1405 O  O   . HOH H 4 .   ? 9.044   1.498   3.073   1.00 36.67  ? 411 HOH A O   1 
HETATM 1406 O  O   . HOH H 4 .   ? 2.025   11.633  -9.275  1.00 43.13  ? 412 HOH A O   1 
HETATM 1407 O  O   . HOH H 4 .   ? 20.729  -8.805  4.751   1.00 49.85  ? 413 HOH A O   1 
HETATM 1408 O  O   . HOH H 4 .   ? -3.993  13.050  -7.692  1.00 26.43  ? 414 HOH A O   1 
HETATM 1409 O  O   . HOH H 4 .   ? -3.842  15.383  14.383  0.50 37.33  ? 415 HOH A O   1 
HETATM 1410 O  O   . HOH H 4 .   ? 0.250   -2.415  7.986   1.00 28.63  ? 416 HOH A O   1 
HETATM 1411 O  O   . HOH H 4 .   ? 5.576   -15.066 -5.077  1.00 28.47  ? 417 HOH A O   1 
HETATM 1412 O  O   . HOH H 4 .   ? -9.965  -14.862 7.668   1.00 49.03  ? 418 HOH A O   1 
HETATM 1413 O  O   . HOH H 4 .   ? 1.790   7.162   14.374  1.00 41.93  ? 419 HOH A O   1 
HETATM 1414 O  O   . HOH H 4 .   ? -11.449 -1.421  0.156   1.00 36.34  ? 420 HOH A O   1 
HETATM 1415 O  O   . HOH H 4 .   ? -4.857  12.626  14.425  1.00 42.12  ? 421 HOH A O   1 
HETATM 1416 O  O   . HOH H 4 .   ? 8.915   12.483  5.678   1.00 37.96  ? 422 HOH A O   1 
HETATM 1417 O  O   . HOH H 4 .   ? 2.045   -0.352  5.150   1.00 28.78  ? 423 HOH A O   1 
HETATM 1418 O  O   . HOH H 4 .   ? 15.739  2.969   0.838   1.00 56.17  ? 424 HOH A O   1 
HETATM 1419 O  O   . HOH H 4 .   ? -9.369  4.745   -3.895  1.00 39.44  ? 425 HOH A O   1 
HETATM 1420 O  O   . HOH H 4 .   ? 6.722   -5.343  -3.558  1.00 27.30  ? 426 HOH A O   1 
HETATM 1421 O  O   . HOH H 4 .   ? 4.591   7.596   10.665  1.00 31.35  ? 427 HOH A O   1 
HETATM 1422 O  O   . HOH H 4 .   ? 5.969   -16.445 -10.362 1.00 42.83  ? 428 HOH A O   1 
HETATM 1423 O  O   . HOH H 4 .   ? -0.682  3.308   9.950   1.00 28.66  ? 429 HOH A O   1 
HETATM 1424 O  O   . HOH H 4 .   ? -2.791  15.269  -7.923  1.00 38.28  ? 430 HOH A O   1 
HETATM 1425 O  O   . HOH H 4 .   ? 4.022   10.136  10.441  1.00 38.69  ? 431 HOH A O   1 
HETATM 1426 O  O   . HOH H 4 .   ? -12.295 1.145   5.041   1.00 44.51  ? 432 HOH A O   1 
HETATM 1427 O  O   . HOH H 4 .   ? 6.204   11.667  9.970   1.00 37.25  ? 433 HOH A O   1 
HETATM 1428 O  O   . HOH H 4 .   ? 0.638   -18.160 4.786   1.00 40.51  ? 434 HOH A O   1 
HETATM 1429 O  O   . HOH H 4 .   ? 6.645   -22.386 -2.915  1.00 41.01  ? 435 HOH A O   1 
HETATM 1430 O  O   . HOH H 4 .   ? -2.870  6.611   -9.977  1.00 26.49  ? 436 HOH A O   1 
HETATM 1431 O  O   . HOH H 4 .   ? -2.174  -8.000  11.758  1.00 40.93  ? 437 HOH A O   1 
HETATM 1432 O  O   . HOH H 4 .   ? 5.542   5.794   -9.653  1.00 59.15  ? 438 HOH A O   1 
HETATM 1433 O  O   . HOH H 4 .   ? -1.177  18.437  -1.946  1.00 41.65  ? 439 HOH A O   1 
HETATM 1434 O  O   . HOH H 4 .   ? -0.436  14.073  -8.284  1.00 54.57  ? 440 HOH A O   1 
HETATM 1435 O  O   . HOH H 4 .   ? 9.589   -22.664 -5.035  1.00 50.87  ? 441 HOH A O   1 
HETATM 1436 O  O   . HOH H 4 .   ? 18.050  -11.827 9.644   1.00 40.74  ? 442 HOH A O   1 
HETATM 1437 O  O   . HOH H 4 .   ? -12.890 5.099   1.547   1.00 35.15  ? 443 HOH A O   1 
HETATM 1438 O  O   . HOH H 4 .   ? -8.458  -13.426 -14.965 1.00 32.64  ? 444 HOH A O   1 
HETATM 1439 O  O   . HOH H 4 .   ? -5.220  -17.155 -1.809  1.00 41.49  ? 445 HOH A O   1 
HETATM 1440 O  O   . HOH H 4 .   ? 7.860   12.900  -6.055  1.00 42.97  ? 446 HOH A O   1 
HETATM 1441 O  O   . HOH H 4 .   ? -5.399  -5.608  -17.342 1.00 40.79  ? 447 HOH A O   1 
HETATM 1442 O  O   . HOH H 4 .   ? -13.017 -1.394  2.666   1.00 34.58  ? 448 HOH A O   1 
HETATM 1443 O  O   . HOH H 4 .   ? 9.186   -2.531  7.282   1.00 37.97  ? 449 HOH A O   1 
HETATM 1444 O  O   . HOH H 4 .   ? 3.008   8.350   -9.419  1.00 15.20  ? 450 HOH A O   1 
HETATM 1445 O  O   . HOH H 4 .   ? 0.767   4.666   11.995  1.00 37.98  ? 451 HOH A O   1 
HETATM 1446 O  O   . HOH H 4 .   ? 2.954   6.041   12.433  1.00 37.14  ? 452 HOH A O   1 
HETATM 1447 O  O   . HOH H 4 .   ? 17.284  1.231   0.280   1.00 51.77  ? 453 HOH A O   1 
HETATM 1448 O  O   . HOH H 4 .   ? -4.193  -7.004  -19.054 1.00 18.22  ? 454 HOH A O   1 
HETATM 1449 O  O   . HOH H 4 .   ? -7.653  -6.590  -19.483 1.00 24.98  ? 455 HOH A O   1 
HETATM 1450 O  O   . HOH H 4 .   ? -1.865  3.760   -10.025 0.50 19.67  ? 456 HOH A O   1 
HETATM 1451 O  O   . HOH H 4 .   ? -1.731  -18.441 5.994   1.00 59.49  ? 457 HOH A O   1 
HETATM 1452 O  O   . HOH H 4 .   ? 1.057   -0.532  -12.925 1.00 11.68  ? 458 HOH A O   1 
HETATM 1453 O  O   . HOH H 4 .   ? -2.193  -1.852  17.499  1.00 48.84  ? 459 HOH A O   1 
HETATM 1454 O  O   . HOH H 4 .   ? 10.341  -1.492  -9.076  1.00 51.47  ? 460 HOH A O   1 
HETATM 1455 O  O   . HOH H 4 .   ? 5.764   -15.672 6.911   1.00 69.32  ? 461 HOH A O   1 
HETATM 1456 O  O   . HOH H 4 .   ? -6.071  -9.197  -21.752 1.00 19.19  ? 462 HOH A O   1 
HETATM 1457 O  O   . HOH H 4 .   ? 16.212  -19.277 -2.313  1.00 38.38  ? 463 HOH A O   1 
HETATM 1458 O  O   . HOH H 4 .   ? 15.195  -15.934 9.597   1.00 30.45  ? 464 HOH A O   1 
HETATM 1459 O  O   . HOH H 4 .   ? 15.468  -15.497 2.284   1.00 53.11  ? 465 HOH A O   1 
HETATM 1460 O  O   . HOH H 4 .   ? -4.029  3.032   14.537  1.00 47.72  ? 466 HOH A O   1 
HETATM 1461 O  O   . HOH H 4 .   ? -0.088  20.822  -1.523  1.00 38.17  ? 467 HOH A O   1 
HETATM 1462 O  O   . HOH H 4 .   ? 5.735   -22.440 5.318   1.00 50.31  ? 468 HOH A O   1 
HETATM 1463 O  O   . HOH H 4 .   ? -17.042 1.717   0.436   1.00 58.38  ? 469 HOH A O   1 
HETATM 1464 O  O   . HOH H 4 .   ? -15.873 2.885   3.734   1.00 46.27  ? 470 HOH A O   1 
# 
